data_7JHG
#
_entry.id   7JHG
#
_cell.length_a   1.00
_cell.length_b   1.00
_cell.length_c   1.00
_cell.angle_alpha   90.00
_cell.angle_beta   90.00
_cell.angle_gamma   90.00
#
_symmetry.space_group_name_H-M   'P 1'
#
loop_
_entity.id
_entity.type
_entity.pdbx_description
1 polymer "5'-AMP-activated protein kinase catalytic subunit alpha-1"
2 polymer "5'-AMP-activated protein kinase subunit beta-2"
3 polymer "5'-AMP-activated protein kinase subunit gamma-1"
4 polymer 'Maltodextrin-binding protein'
5 polymer 'Fab light chain'
6 polymer 'Fab heavy chain'
7 polymer Nanobody
8 branched alpha-D-glucopyranose-(1-4)-alpha-D-glucopyranose
9 non-polymer 6-[4-(2-piperidin-1-ylethoxy)phenyl]-3-pyridin-4-ylpyrazolo[1,5-a]pyrimidine
10 non-polymer "ADENOSINE-5'-TRIPHOSPHATE"
11 non-polymer "ADENOSINE-5'-DIPHOSPHATE"
12 non-polymer 'ADENOSINE MONOPHOSPHATE'
#
loop_
_entity_poly.entity_id
_entity_poly.type
_entity_poly.pdbx_seq_one_letter_code
_entity_poly.pdbx_strand_id
1 'polypeptide(L)'
;VKIGHYILGDTLGVGTFGKVKVGKHELTGHKVAVKILNRQKIRSLDVVGKIRREIQNLKLFRHPHIIKLYQVISTPSDIF
MVMEYVSGGELFDYICKNGRLDEKESRRLFQQILSGVDYCHRHMVVHRDLKPENVLLDAHMNAKIADFGLSNMMSDGEFL
RTSCGSPNYAAPEVISGRLYAGPEVDIWSSGVILYALLCGTLPFDDDHVPTLFKKICDGIFYTPQYLNPSVISLLKHMLQ
VDPMKRATIKDIREHEWFKQDLPKYLFPEDPSYSSTMIDDEALKEVCEKFECSEEEVLSCLYNRNHQDPLAVAYHLIIDN
RRIMNEAKDFYLATSPPDSFLDDHHLTRPHPERVPFLVAETPRARHTLDELNPQKSKHQGVRKAKWHLGIRSQSRPNDIM
AEVCRAIKQLDYEWKVVNPYYLRVRRKNPVTSTYSKMSLQLYQVDSRTYLLDFRSIDDELTPRPGSHTIEFFEMCANLIK
ILAQ
;
A
2 'polypeptide(L)'
;MARPTVIRWSEGGKEVFISGSFNNWSTKIPLIKSHNDFVAILDLPEGEHQYKFFVDGQWVHDPSEPVVTSQLGTINNLIH
VKKSDFEVFDALKLDSMESSETSCRDLSSSPPGPYGQEMYAFRSAARFKSPPILPPHLLQVILNKDTNISCDPALLPEPN
HVMLNHLYALSIKDSVMVLSATHRYKKKYVTTLLYKPI
;
B
3 'polypeptide(L)'
;MGSNNSVYTSFMKSHRCYDLIPTSSKLVVFDTSLQVKKAFFALVTNGVRAAPLWDSKKQSFVGMLTITDFINILHRYYKS
ALVQIYELEEHKIETWREVYLQDSFKPLVCISPNASLFDAVSSLIRNKIHRLPVIDPESGNTLYILTHKRILKFLKLFIT
EFPKPEFMSKSLEELQIGTYANIAMVRTTTPVYVALGIFVQHRVSALPVVDEKGRVVDIYSKFDVINLAAEKTYNNLDVS
VTKALQHRSHYFEGVLKCYLHETLETIINRLVEAEVHRLVVVDENDVVKGIVSLSDILQALVLTGG
;
G
4 'polypeptide(L)'
;MAKIEEGKLVIWINGDKGYNGLAEVGKKFEKDTGIKVTVEHPDKLEEKFPQVAATGDGPDIIFWAHDRFGGYAQSGLLAE
ITPAAAFQDKLYPFTWDAVRYNGKLIAYPIAVEALSLIYNKDLLPNPPKTWEEIPALDKELKAKGKSALMFNLQEPYFTW
PLIAADGGYAFKYENGKYDIKDVGVDNAGAKAGLTFLVDLIKNKHMNADTDYSIAEAAFNKGETAMTINGPWAWSNIDTS
AVNYGVTVLPTFKGQPSKPFVGVLSAGINAASPNKELAKEFLENYLLTDEGLEAVNKDKPLGAVALKSYEEELAKDPRIA
ATMENAQKGEIMPNIPQMSAFWYAVRTAVINAASGRQTVDEALKDAQTNAAEF
;
M
5 'polypeptide(L)'
;SDIQMTQSPSSLSASVGDRVTITCRASQSVSSAVAWYQQKPGKAPKLLIYSASSLYSGVPSRFSGSRSGTDFTLTISSLQ
PEDFATYYCQQSSSGPITFGQGTKVEIKRTVAAPSVFIFPPSDSQLKSGTASVVCLLNNFYPREAKVQWKVDNALQSGNS
QESVTEQDSKDSTYSLSSTLTLSKADYEKHKVYACEVTHQGLSSPVTKSFNRGEC
;
L
6 'polypeptide(L)'
;EISEVQLVESGGGLVQPGGSLRLSCAASGFNIYYYSIHWVRQAPGKGLEWVASIYPYSGSTSYADSVKGRFTISADTSKN
TAYLQMNSLRAEDTAVYYCARYYPYFISYYSKMEAMDYWGQGTLVTVSSASTKGPSVFPLAPSSKSTSGGTAALGCLVKD
YFPEPVTVSWNSGALTSGVHTFPAVLQSSGLYSLSSVVTVPSSSLGTQTYICNVNHKPSNTKVDKKVEPKSCDKTHT
;
H
7 'polypeptide(L)'
;MKYLLPTAAAGLLLLAAQPAMAMHHHHHHGENLYFQGSQVQLQESGGGLVQPGGSLRLSCAASGRTISRYAMSWFRQAPG
KEREFVAVARRSGDGAFYADSVQGRFTVSRDDAKNTVYLQMNSLKPEDTAVYYCAIDSDTFYSGSYDYWGQGTQVTVSS
;
N
#
loop_
_chem_comp.id
_chem_comp.type
_chem_comp.name
_chem_comp.formula
ADP non-polymer ADENOSINE-5'-DIPHOSPHATE 'C10 H15 N5 O10 P2'
AMP non-polymer 'ADENOSINE MONOPHOSPHATE' 'C10 H14 N5 O7 P'
ATP non-polymer ADENOSINE-5'-TRIPHOSPHATE 'C10 H16 N5 O13 P3'
GLC D-saccharide, alpha linking alpha-D-glucopyranose 'C6 H12 O6'
TAK non-polymer 6-[4-(2-piperidin-1-ylethoxy)phenyl]-3-pyridin-4-ylpyrazolo[1,5-a]pyrimidine 'C24 H25 N5 O'
#
# COMPACT_ATOMS: atom_id res chain seq x y z
N VAL A 1 5.07 -1.95 25.95
CA VAL A 1 5.83 -0.71 25.98
C VAL A 1 7.22 -0.81 25.37
N LYS A 2 7.42 -1.75 24.45
CA LYS A 2 8.71 -1.93 23.77
C LYS A 2 8.44 -2.23 22.31
N ILE A 3 8.79 -1.29 21.43
CA ILE A 3 8.62 -1.47 19.99
C ILE A 3 9.93 -1.11 19.29
N GLY A 4 10.39 -2.00 18.42
CA GLY A 4 11.70 -1.86 17.79
C GLY A 4 12.82 -1.92 18.81
N HIS A 5 13.44 -0.77 19.07
CA HIS A 5 14.40 -0.61 20.15
C HIS A 5 14.02 0.59 21.00
N TYR A 6 12.72 0.86 21.12
CA TYR A 6 12.20 2.02 21.83
C TYR A 6 11.36 1.53 23.00
N ILE A 7 11.70 1.97 24.21
CA ILE A 7 10.81 1.79 25.35
C ILE A 7 9.81 2.94 25.38
N LEU A 8 8.74 2.77 26.14
CA LEU A 8 7.75 3.82 26.26
C LEU A 8 7.81 4.44 27.67
N GLY A 9 7.15 5.58 27.81
CA GLY A 9 7.15 6.30 29.06
C GLY A 9 5.79 6.84 29.43
N ASP A 10 5.70 8.14 29.69
CA ASP A 10 4.47 8.76 30.12
C ASP A 10 3.57 9.04 28.91
N THR A 11 2.50 9.80 29.12
CA THR A 11 1.52 10.12 28.09
C THR A 11 1.64 11.59 27.73
N LEU A 12 1.93 11.86 26.46
CA LEU A 12 2.08 13.25 26.01
C LEU A 12 0.74 13.96 25.96
N GLY A 13 -0.26 13.33 25.38
CA GLY A 13 -1.58 13.93 25.31
C GLY A 13 -2.62 12.92 24.88
N VAL A 14 -3.83 13.41 24.67
CA VAL A 14 -4.94 12.58 24.21
C VAL A 14 -5.45 13.14 22.88
N GLY A 15 -6.09 12.25 22.12
CA GLY A 15 -6.66 12.62 20.83
C GLY A 15 -8.10 12.16 20.73
N THR A 16 -8.67 12.38 19.55
CA THR A 16 -10.05 11.96 19.32
C THR A 16 -10.17 10.44 19.21
N PHE A 17 -9.24 9.78 18.52
CA PHE A 17 -9.20 8.32 18.46
C PHE A 17 -7.76 7.83 18.51
N GLY A 18 -6.94 8.48 19.32
CA GLY A 18 -5.53 8.13 19.41
C GLY A 18 -4.88 8.57 20.70
N LYS A 19 -4.09 7.70 21.31
CA LYS A 19 -3.39 8.00 22.54
C LYS A 19 -1.92 8.24 22.22
N VAL A 20 -1.44 9.45 22.47
CA VAL A 20 -0.07 9.83 22.14
C VAL A 20 0.81 9.61 23.35
N LYS A 21 1.81 8.73 23.21
CA LYS A 21 2.77 8.47 24.27
C LYS A 21 4.17 8.82 23.80
N VAL A 22 5.06 9.02 24.76
CA VAL A 22 6.47 9.30 24.47
C VAL A 22 7.25 7.98 24.46
N GLY A 23 8.04 7.77 23.41
CA GLY A 23 8.98 6.68 23.34
C GLY A 23 10.40 7.20 23.42
N LYS A 24 11.30 6.37 23.93
CA LYS A 24 12.69 6.73 24.13
C LYS A 24 13.56 5.57 23.65
N HIS A 25 14.54 5.89 22.82
CA HIS A 25 15.48 4.88 22.36
C HIS A 25 16.43 4.53 23.50
N GLU A 26 16.58 3.24 23.76
CA GLU A 26 17.32 2.78 24.94
C GLU A 26 18.82 2.98 24.83
N LEU A 27 19.34 3.25 23.63
CA LEU A 27 20.77 3.49 23.43
C LEU A 27 21.10 4.97 23.24
N THR A 28 20.34 5.67 22.39
CA THR A 28 20.66 7.04 22.04
C THR A 28 19.89 8.07 22.85
N GLY A 29 18.75 7.70 23.42
CA GLY A 29 17.93 8.64 24.15
C GLY A 29 17.11 9.57 23.29
N HIS A 30 16.98 9.29 21.99
CA HIS A 30 16.17 10.12 21.11
C HIS A 30 14.69 9.92 21.41
N LYS A 31 13.95 11.03 21.43
CA LYS A 31 12.54 11.02 21.77
C LYS A 31 11.69 10.86 20.52
N VAL A 32 10.80 9.87 20.54
CA VAL A 32 9.86 9.57 19.48
C VAL A 32 8.47 9.74 20.09
N ALA A 33 7.46 9.98 19.26
CA ALA A 33 6.09 10.10 19.74
C ALA A 33 5.26 8.99 19.10
N VAL A 34 4.88 8.00 19.89
CA VAL A 34 4.05 6.93 19.38
C VAL A 34 2.58 7.34 19.47
N LYS A 35 1.79 6.83 18.54
CA LYS A 35 0.36 7.11 18.48
C LYS A 35 -0.36 5.78 18.44
N ILE A 36 -1.11 5.50 19.51
CA ILE A 36 -1.88 4.27 19.66
C ILE A 36 -3.27 4.49 19.08
N LEU A 37 -3.71 3.58 18.23
CA LEU A 37 -5.08 3.55 17.70
C LEU A 37 -5.66 2.19 18.03
N ASN A 38 -6.55 2.17 19.03
CA ASN A 38 -7.21 0.93 19.45
C ASN A 38 -8.12 0.42 18.33
N ARG A 39 -7.92 -0.85 17.95
CA ARG A 39 -8.79 -1.47 16.97
C ARG A 39 -10.19 -1.71 17.52
N GLN A 40 -10.32 -1.85 18.85
CA GLN A 40 -11.64 -1.99 19.46
C GLN A 40 -12.45 -0.71 19.34
N LYS A 41 -11.79 0.44 19.33
CA LYS A 41 -12.49 1.72 19.34
C LYS A 41 -13.07 2.03 17.97
N ILE A 42 -12.21 2.07 16.94
CA ILE A 42 -12.64 2.30 15.56
C ILE A 42 -11.85 1.40 14.62
N ARG A 43 -12.55 0.59 13.84
CA ARG A 43 -11.93 -0.27 12.83
C ARG A 43 -12.99 -0.65 11.80
N SER A 44 -12.85 -0.10 10.59
CA SER A 44 -13.79 -0.44 9.51
C SER A 44 -13.62 -1.88 9.07
N LEU A 45 -12.46 -2.21 8.50
CA LEU A 45 -12.15 -3.56 8.05
C LEU A 45 -10.79 -3.97 8.61
N ASP A 46 -10.73 -5.17 9.18
CA ASP A 46 -9.55 -5.65 9.89
C ASP A 46 -8.63 -6.48 8.99
N VAL A 47 -8.81 -6.40 7.67
CA VAL A 47 -7.97 -7.15 6.74
C VAL A 47 -6.56 -6.57 6.74
N VAL A 48 -5.56 -7.46 6.71
CA VAL A 48 -4.15 -7.06 6.74
C VAL A 48 -3.73 -6.33 5.45
N GLY A 49 -4.48 -6.51 4.35
CA GLY A 49 -4.20 -5.76 3.13
C GLY A 49 -4.39 -4.27 3.30
N LYS A 50 -5.35 -3.87 4.15
CA LYS A 50 -5.52 -2.46 4.49
C LYS A 50 -4.32 -1.93 5.28
N ILE A 51 -3.73 -2.77 6.14
CA ILE A 51 -2.50 -2.40 6.84
C ILE A 51 -1.35 -2.22 5.85
N ARG A 52 -1.27 -3.11 4.86
CA ARG A 52 -0.30 -2.96 3.77
C ARG A 52 -0.51 -1.65 3.00
N ARG A 53 -1.77 -1.28 2.76
CA ARG A 53 -2.08 0.00 2.12
C ARG A 53 -1.66 1.17 2.99
N GLU A 54 -1.80 1.04 4.31
CA GLU A 54 -1.31 2.07 5.22
C GLU A 54 0.19 2.22 5.15
N ILE A 55 0.92 1.10 5.14
CA ILE A 55 2.39 1.11 5.08
C ILE A 55 2.85 1.72 3.76
N GLN A 56 2.13 1.44 2.67
CA GLN A 56 2.52 2.01 1.38
C GLN A 56 2.17 3.49 1.29
N ASN A 57 1.01 3.90 1.80
CA ASN A 57 0.52 5.24 1.58
C ASN A 57 1.12 6.25 2.56
N LEU A 58 1.06 5.97 3.87
CA LEU A 58 1.23 7.01 4.87
C LEU A 58 2.69 7.45 5.01
N LYS A 59 3.64 6.57 4.71
CA LYS A 59 5.05 6.88 4.93
C LYS A 59 5.59 7.91 3.94
N LEU A 60 5.06 7.92 2.71
CA LEU A 60 5.67 8.66 1.60
C LEU A 60 5.33 10.15 1.59
N PHE A 61 4.66 10.68 2.63
CA PHE A 61 4.31 12.10 2.68
C PHE A 61 5.38 12.84 3.48
N ARG A 62 6.50 13.12 2.82
CA ARG A 62 7.64 13.80 3.43
C ARG A 62 7.57 15.28 3.12
N HIS A 63 7.49 16.11 4.17
CA HIS A 63 7.41 17.56 4.04
C HIS A 63 8.08 18.18 5.25
N PRO A 64 8.81 19.29 5.09
CA PRO A 64 9.52 19.88 6.23
C PRO A 64 8.63 20.56 7.27
N HIS A 65 7.31 20.60 7.09
CA HIS A 65 6.41 21.11 8.10
C HIS A 65 5.26 20.15 8.39
N ILE A 66 5.28 18.96 7.80
CA ILE A 66 4.41 17.86 8.18
C ILE A 66 5.23 16.89 9.01
N ILE A 67 4.65 16.42 10.13
CA ILE A 67 5.30 15.40 10.93
C ILE A 67 5.43 14.12 10.12
N LYS A 68 6.66 13.70 9.89
CA LYS A 68 6.90 12.50 9.10
C LYS A 68 6.58 11.25 9.91
N LEU A 69 6.03 10.26 9.23
CA LEU A 69 5.72 8.98 9.85
C LEU A 69 6.81 7.98 9.49
N TYR A 70 7.23 7.20 10.48
CA TYR A 70 8.39 6.33 10.33
C TYR A 70 7.97 4.89 10.03
N GLN A 71 7.18 4.29 10.91
CA GLN A 71 6.56 3.01 10.60
C GLN A 71 5.27 2.83 11.39
N VAL A 72 4.43 1.95 10.86
CA VAL A 72 3.13 1.58 11.41
C VAL A 72 3.26 0.13 11.87
N ILE A 73 3.42 -0.07 13.16
CA ILE A 73 3.57 -1.40 13.74
C ILE A 73 2.19 -1.95 14.05
N SER A 74 1.91 -3.15 13.52
CA SER A 74 0.65 -3.82 13.76
C SER A 74 0.69 -4.60 15.07
N THR A 75 -0.49 -4.84 15.63
CA THR A 75 -0.67 -5.42 16.96
C THR A 75 -2.07 -6.01 16.97
N PRO A 76 -2.28 -7.19 17.57
CA PRO A 76 -3.66 -7.71 17.69
C PRO A 76 -4.58 -6.82 18.50
N SER A 77 -4.05 -6.06 19.46
CA SER A 77 -4.90 -5.18 20.26
C SER A 77 -4.97 -3.76 19.71
N ASP A 78 -3.85 -3.22 19.22
CA ASP A 78 -3.79 -1.82 18.84
C ASP A 78 -3.12 -1.62 17.47
N ILE A 79 -2.87 -0.37 17.10
CA ILE A 79 -2.00 0.00 16.00
C ILE A 79 -1.08 1.11 16.48
N PHE A 80 0.23 0.90 16.35
CA PHE A 80 1.21 1.87 16.81
C PHE A 80 1.79 2.59 15.60
N MET A 81 1.96 3.90 15.71
CA MET A 81 2.60 4.67 14.65
C MET A 81 3.66 5.58 15.26
N VAL A 82 4.90 5.46 14.78
CA VAL A 82 6.01 6.20 15.40
C VAL A 82 6.23 7.50 14.63
N MET A 83 5.56 8.56 15.08
CA MET A 83 5.82 9.89 14.55
C MET A 83 6.98 10.54 15.30
N GLU A 84 7.52 11.61 14.70
CA GLU A 84 8.62 12.30 15.34
C GLU A 84 8.09 13.19 16.48
N TYR A 85 9.00 13.53 17.40
CA TYR A 85 8.67 14.27 18.59
C TYR A 85 9.18 15.70 18.49
N VAL A 86 8.42 16.64 19.03
CA VAL A 86 8.78 18.05 19.09
C VAL A 86 8.57 18.54 20.51
N SER A 87 9.52 19.31 21.02
CA SER A 87 9.55 19.70 22.43
C SER A 87 8.89 21.04 22.70
N GLY A 88 8.13 21.59 21.76
CA GLY A 88 7.55 22.91 21.95
C GLY A 88 6.09 22.90 22.33
N GLY A 89 5.45 21.73 22.28
CA GLY A 89 4.07 21.60 22.68
C GLY A 89 3.09 22.08 21.62
N GLU A 90 1.81 22.01 22.00
CA GLU A 90 0.72 22.39 21.11
C GLU A 90 0.70 23.91 20.89
N LEU A 91 0.08 24.30 19.79
CA LEU A 91 -0.09 25.73 19.49
C LEU A 91 -1.06 26.38 20.46
N PHE A 92 -2.10 25.64 20.86
CA PHE A 92 -3.10 26.16 21.79
C PHE A 92 -2.49 26.43 23.17
N ASP A 93 -1.59 25.56 23.62
CA ASP A 93 -0.87 25.81 24.87
C ASP A 93 0.05 27.01 24.76
N TYR A 94 0.64 27.23 23.58
CA TYR A 94 1.50 28.39 23.38
C TYR A 94 0.67 29.68 23.37
N ILE A 95 -0.53 29.64 22.81
CA ILE A 95 -1.43 30.78 22.82
C ILE A 95 -1.91 31.07 24.24
N CYS A 96 -2.27 30.04 25.00
CA CYS A 96 -2.67 30.22 26.39
C CYS A 96 -1.52 30.67 27.28
N LYS A 97 -0.27 30.36 26.89
CA LYS A 97 0.88 30.81 27.64
C LYS A 97 1.20 32.28 27.35
N ASN A 98 1.30 32.66 26.08
CA ASN A 98 1.80 33.97 25.72
C ASN A 98 0.73 34.96 25.26
N GLY A 99 -0.54 34.55 25.21
CA GLY A 99 -1.60 35.48 24.83
C GLY A 99 -1.55 35.86 23.37
N ARG A 100 -1.74 37.15 23.11
CA ARG A 100 -1.66 37.68 21.76
C ARG A 100 -0.23 37.67 21.26
N LEU A 101 -0.04 37.24 20.02
CA LEU A 101 1.27 37.19 19.40
C LEU A 101 1.50 38.37 18.47
N ASP A 102 2.76 38.58 18.12
CA ASP A 102 3.12 39.59 17.13
C ASP A 102 2.67 39.14 15.75
N GLU A 103 2.43 40.12 14.87
CA GLU A 103 1.95 39.82 13.52
C GLU A 103 3.01 39.13 12.68
N LYS A 104 4.28 39.49 12.86
CA LYS A 104 5.36 38.89 12.07
C LYS A 104 5.63 37.44 12.44
N GLU A 105 5.28 37.03 13.66
CA GLU A 105 5.38 35.63 14.04
C GLU A 105 4.12 34.85 13.71
N SER A 106 2.95 35.50 13.77
CA SER A 106 1.71 34.85 13.41
C SER A 106 1.65 34.56 11.91
N ARG A 107 2.19 35.47 11.09
CA ARG A 107 2.27 35.19 9.66
C ARG A 107 3.30 34.10 9.36
N ARG A 108 4.35 34.01 10.18
CA ARG A 108 5.37 32.98 9.96
C ARG A 108 4.83 31.60 10.31
N LEU A 109 3.98 31.53 11.33
CA LEU A 109 3.32 30.26 11.63
C LEU A 109 2.21 29.95 10.61
N PHE A 110 1.51 30.98 10.14
CA PHE A 110 0.37 30.77 9.25
C PHE A 110 0.83 30.32 7.86
N GLN A 111 1.95 30.85 7.38
CA GLN A 111 2.49 30.41 6.09
C GLN A 111 2.94 28.96 6.14
N GLN A 112 3.51 28.53 7.27
CA GLN A 112 3.95 27.15 7.39
C GLN A 112 2.76 26.20 7.53
N ILE A 113 1.72 26.62 8.24
CA ILE A 113 0.51 25.79 8.35
C ILE A 113 -0.19 25.69 7.01
N LEU A 114 -0.24 26.80 6.24
CA LEU A 114 -0.87 26.75 4.93
C LEU A 114 -0.03 25.95 3.93
N SER A 115 1.29 25.98 4.06
CA SER A 115 2.13 25.15 3.21
C SER A 115 2.18 23.69 3.65
N GLY A 116 1.69 23.39 4.85
CA GLY A 116 1.51 22.00 5.24
C GLY A 116 0.15 21.47 4.81
N VAL A 117 -0.84 22.36 4.72
CA VAL A 117 -2.15 21.95 4.24
C VAL A 117 -2.15 21.86 2.71
N ASP A 118 -1.38 22.71 2.03
CA ASP A 118 -1.31 22.68 0.58
C ASP A 118 -0.56 21.45 0.07
N TYR A 119 0.44 20.97 0.83
CA TYR A 119 1.13 19.74 0.46
C TYR A 119 0.19 18.54 0.56
N CYS A 120 -0.67 18.52 1.57
CA CYS A 120 -1.67 17.46 1.71
C CYS A 120 -2.71 17.55 0.60
N HIS A 121 -3.11 18.77 0.22
CA HIS A 121 -4.08 18.92 -0.87
C HIS A 121 -3.48 18.56 -2.23
N ARG A 122 -2.18 18.80 -2.41
CA ARG A 122 -1.52 18.33 -3.63
C ARG A 122 -1.40 16.82 -3.63
N HIS A 123 -1.21 16.19 -2.47
CA HIS A 123 -1.21 14.74 -2.37
C HIS A 123 -2.56 14.17 -1.98
N MET A 124 -3.64 14.92 -2.26
CA MET A 124 -5.03 14.42 -2.30
C MET A 124 -5.54 13.93 -0.95
N VAL A 125 -5.10 14.55 0.15
CA VAL A 125 -5.57 14.16 1.47
C VAL A 125 -5.91 15.42 2.26
N VAL A 126 -6.94 15.33 3.08
CA VAL A 126 -7.41 16.47 3.87
C VAL A 126 -7.31 16.14 5.35
N HIS A 127 -7.24 17.19 6.16
CA HIS A 127 -7.20 17.09 7.62
C HIS A 127 -8.43 17.82 8.15
N ARG A 128 -9.54 17.09 8.24
CA ARG A 128 -10.82 17.69 8.59
C ARG A 128 -10.86 18.16 10.04
N ASP A 129 -10.21 17.44 10.94
CA ASP A 129 -10.15 17.83 12.34
C ASP A 129 -8.85 18.58 12.62
N LEU A 130 -8.78 19.79 12.10
CA LEU A 130 -7.63 20.67 12.27
C LEU A 130 -7.95 21.75 13.28
N LYS A 131 -7.03 21.96 14.21
CA LYS A 131 -7.24 22.89 15.33
C LYS A 131 -5.87 23.26 15.89
N PRO A 132 -5.79 24.32 16.71
CA PRO A 132 -4.52 24.60 17.40
C PRO A 132 -4.06 23.55 18.40
N GLU A 133 -4.92 22.60 18.78
CA GLU A 133 -4.49 21.46 19.58
C GLU A 133 -3.96 20.32 18.73
N ASN A 134 -4.03 20.44 17.39
CA ASN A 134 -3.49 19.42 16.49
C ASN A 134 -2.36 19.97 15.62
N VAL A 135 -1.81 21.13 15.97
CA VAL A 135 -0.59 21.64 15.35
C VAL A 135 0.40 22.00 16.46
N LEU A 136 1.64 21.57 16.27
CA LEU A 136 2.68 21.58 17.28
C LEU A 136 3.79 22.54 16.90
N LEU A 137 4.63 22.87 17.89
CA LEU A 137 5.83 23.66 17.68
C LEU A 137 7.05 22.82 17.99
N ASP A 138 8.13 23.05 17.24
CA ASP A 138 9.39 22.37 17.50
C ASP A 138 10.26 23.24 18.41
N ALA A 139 11.54 22.87 18.53
CA ALA A 139 12.49 23.71 19.24
C ALA A 139 12.81 24.98 18.44
N HIS A 140 12.77 24.90 17.11
CA HIS A 140 13.11 26.01 16.25
C HIS A 140 11.90 26.86 15.87
N MET A 141 10.82 26.77 16.66
CA MET A 141 9.63 27.65 16.58
C MET A 141 8.92 27.54 15.22
N ASN A 142 8.90 26.34 14.66
CA ASN A 142 8.19 26.10 13.41
C ASN A 142 6.78 25.61 13.72
N ALA A 143 6.06 25.15 12.69
CA ALA A 143 4.71 24.63 12.84
C ALA A 143 4.65 23.24 12.21
N LYS A 144 4.05 22.29 12.91
CA LYS A 144 4.00 20.90 12.48
C LYS A 144 2.56 20.40 12.58
N ILE A 145 2.01 19.91 11.49
CA ILE A 145 0.67 19.32 11.52
C ILE A 145 0.78 17.87 12.00
N ALA A 146 -0.03 17.53 13.02
CA ALA A 146 0.16 16.27 13.73
C ALA A 146 -0.31 15.06 12.92
N ASP A 147 -1.58 15.05 12.54
CA ASP A 147 -2.17 13.91 11.84
C ASP A 147 -2.85 14.38 10.57
N PHE A 148 -2.33 13.94 9.41
CA PHE A 148 -2.90 14.39 8.14
C PHE A 148 -4.22 13.68 7.83
N GLY A 149 -4.22 12.36 7.76
CA GLY A 149 -5.44 11.66 7.40
C GLY A 149 -6.07 10.81 8.48
N LEU A 150 -5.43 10.77 9.66
CA LEU A 150 -5.88 9.92 10.76
C LEU A 150 -7.22 10.39 11.33
N SER A 151 -7.54 11.67 11.16
CA SER A 151 -8.85 12.18 11.56
C SER A 151 -9.97 11.62 10.70
N ASN A 152 -9.65 11.23 9.45
CA ASN A 152 -10.65 10.78 8.47
C ASN A 152 -11.50 9.61 8.96
N MET A 153 -10.94 8.73 9.79
CA MET A 153 -11.69 7.61 10.36
C MET A 153 -12.87 8.10 11.20
N MET A 154 -12.68 9.24 11.89
CA MET A 154 -13.79 9.90 12.58
C MET A 154 -14.84 10.39 11.58
N SER A 155 -14.39 10.94 10.46
CA SER A 155 -15.32 11.51 9.48
C SER A 155 -16.03 10.42 8.67
N ASP A 156 -15.31 9.33 8.36
CA ASP A 156 -15.81 8.29 7.47
C ASP A 156 -17.05 7.60 8.04
N GLY A 157 -17.01 7.22 9.32
CA GLY A 157 -18.11 6.45 9.90
C GLY A 157 -19.40 7.24 10.00
N GLU A 158 -19.35 8.42 10.62
CA GLU A 158 -20.53 9.26 10.75
C GLU A 158 -20.11 10.71 10.98
N PHE A 159 -20.82 11.63 10.32
CA PHE A 159 -20.55 13.05 10.50
C PHE A 159 -20.99 13.54 11.87
N LEU A 160 -21.97 12.87 12.49
CA LEU A 160 -22.48 13.28 13.80
C LEU A 160 -21.40 13.18 14.88
N ARG A 161 -20.52 12.19 14.78
CA ARG A 161 -19.42 12.05 15.73
C ARG A 161 -18.45 13.23 15.62
N THR A 162 -18.23 13.74 14.40
CA THR A 162 -17.37 14.90 14.20
C THR A 162 -17.96 16.14 14.87
N SER A 163 -19.27 16.34 14.75
CA SER A 163 -19.92 17.47 15.41
C SER A 163 -19.95 17.29 16.93
N CYS A 164 -20.30 16.09 17.40
CA CYS A 164 -20.37 15.85 18.84
C CYS A 164 -18.98 15.81 19.48
N GLY A 165 -18.03 15.16 18.82
CA GLY A 165 -16.69 15.05 19.38
C GLY A 165 -15.94 16.37 19.44
N SER A 166 -16.07 17.18 18.39
CA SER A 166 -15.39 18.48 18.29
C SER A 166 -16.43 19.54 17.95
N PRO A 167 -17.17 20.03 18.95
CA PRO A 167 -18.18 21.07 18.67
C PRO A 167 -17.58 22.41 18.26
N ASN A 168 -16.45 22.80 18.86
CA ASN A 168 -15.82 24.07 18.54
C ASN A 168 -15.27 24.07 17.12
N TYR A 169 -14.51 23.04 16.76
CA TYR A 169 -13.87 22.96 15.46
C TYR A 169 -14.73 22.07 14.57
N ALA A 170 -15.68 22.70 13.88
CA ALA A 170 -16.60 22.00 13.00
C ALA A 170 -17.15 23.02 12.01
N ALA A 171 -17.13 22.67 10.73
CA ALA A 171 -17.54 23.58 9.67
C ALA A 171 -19.04 23.84 9.73
N PRO A 172 -19.50 25.01 9.25
CA PRO A 172 -20.94 25.23 9.11
C PRO A 172 -21.62 24.23 8.19
N GLU A 173 -20.92 23.74 7.17
CA GLU A 173 -21.47 22.71 6.29
C GLU A 173 -21.70 21.41 7.04
N VAL A 174 -20.74 21.01 7.88
CA VAL A 174 -20.81 19.74 8.58
C VAL A 174 -21.92 19.75 9.62
N ILE A 175 -22.03 20.83 10.39
CA ILE A 175 -23.11 20.93 11.38
C ILE A 175 -24.45 21.19 10.70
N SER A 176 -24.44 21.78 9.49
CA SER A 176 -25.67 21.93 8.72
C SER A 176 -26.14 20.62 8.13
N GLY A 177 -25.25 19.65 7.98
CA GLY A 177 -25.62 18.32 7.54
C GLY A 177 -25.08 17.89 6.19
N ARG A 178 -24.01 18.50 5.70
CA ARG A 178 -23.36 18.04 4.48
C ARG A 178 -22.68 16.70 4.71
N LEU A 179 -22.68 15.87 3.66
CA LEU A 179 -22.18 14.50 3.79
C LEU A 179 -20.66 14.47 3.90
N TYR A 180 -19.98 14.93 2.86
CA TYR A 180 -18.53 14.85 2.78
C TYR A 180 -17.91 16.21 3.04
N ALA A 181 -16.96 16.26 3.97
CA ALA A 181 -16.30 17.49 4.39
C ALA A 181 -14.99 17.63 3.60
N GLY A 182 -14.98 18.55 2.64
CA GLY A 182 -13.84 18.75 1.79
C GLY A 182 -12.79 19.71 2.31
N PRO A 183 -11.98 20.27 1.39
CA PRO A 183 -10.95 21.23 1.79
C PRO A 183 -11.48 22.56 2.32
N GLU A 184 -12.79 22.82 2.22
CA GLU A 184 -13.34 24.04 2.79
C GLU A 184 -13.31 23.99 4.32
N VAL A 185 -13.31 22.78 4.89
CA VAL A 185 -13.10 22.62 6.31
C VAL A 185 -11.65 22.92 6.66
N ASP A 186 -10.72 22.63 5.74
CA ASP A 186 -9.32 22.94 5.97
C ASP A 186 -9.09 24.44 5.95
N ILE A 187 -9.76 25.14 5.02
CA ILE A 187 -9.62 26.59 4.94
C ILE A 187 -10.29 27.26 6.13
N TRP A 188 -11.43 26.73 6.58
CA TRP A 188 -12.12 27.29 7.74
C TRP A 188 -11.32 27.05 9.02
N SER A 189 -10.72 25.87 9.16
CA SER A 189 -9.89 25.58 10.32
C SER A 189 -8.61 26.40 10.32
N SER A 190 -8.03 26.65 9.14
CA SER A 190 -6.87 27.52 9.07
C SER A 190 -7.24 28.97 9.32
N GLY A 191 -8.48 29.36 9.05
CA GLY A 191 -8.94 30.69 9.42
C GLY A 191 -9.14 30.83 10.92
N VAL A 192 -9.63 29.77 11.57
CA VAL A 192 -9.75 29.78 13.03
C VAL A 192 -8.36 29.79 13.68
N ILE A 193 -7.39 29.09 13.07
CA ILE A 193 -6.01 29.12 13.56
C ILE A 193 -5.40 30.51 13.37
N LEU A 194 -5.69 31.17 12.25
CA LEU A 194 -5.18 32.52 12.02
C LEU A 194 -5.80 33.53 12.99
N TYR A 195 -7.09 33.35 13.30
CA TYR A 195 -7.72 34.22 14.30
C TYR A 195 -7.18 33.95 15.70
N ALA A 196 -6.80 32.71 15.98
CA ALA A 196 -6.16 32.41 17.26
C ALA A 196 -4.75 32.98 17.33
N LEU A 197 -4.04 33.03 16.20
CA LEU A 197 -2.71 33.61 16.18
C LEU A 197 -2.73 35.14 16.15
N LEU A 198 -3.86 35.75 15.78
CA LEU A 198 -3.95 37.20 15.73
C LEU A 198 -4.67 37.80 16.94
N CYS A 199 -5.55 37.06 17.60
CA CYS A 199 -6.31 37.61 18.72
C CYS A 199 -6.24 36.78 20.00
N GLY A 200 -5.79 35.53 19.94
CA GLY A 200 -5.67 34.68 21.11
C GLY A 200 -6.90 33.90 21.51
N THR A 201 -8.08 34.51 21.39
CA THR A 201 -9.31 33.84 21.76
C THR A 201 -9.85 33.03 20.58
N LEU A 202 -10.98 32.38 20.78
CA LEU A 202 -11.65 31.60 19.76
C LEU A 202 -12.79 32.40 19.14
N PRO A 203 -12.96 32.34 17.82
CA PRO A 203 -13.98 33.19 17.18
C PRO A 203 -15.40 32.72 17.43
N PHE A 204 -15.60 31.43 17.66
CA PHE A 204 -16.94 30.83 17.81
C PHE A 204 -16.93 30.08 19.14
N ASP A 205 -17.23 30.78 20.23
CA ASP A 205 -17.22 30.21 21.57
C ASP A 205 -18.51 30.55 22.30
N ASP A 206 -19.20 29.52 22.77
CA ASP A 206 -20.44 29.65 23.54
C ASP A 206 -20.47 28.56 24.60
N ASP A 207 -21.25 28.83 25.65
CA ASP A 207 -21.45 27.82 26.69
C ASP A 207 -22.54 26.83 26.29
N HIS A 208 -23.65 27.33 25.75
CA HIS A 208 -24.75 26.48 25.31
C HIS A 208 -24.47 26.02 23.88
N VAL A 209 -24.50 24.71 23.68
CA VAL A 209 -23.97 24.07 22.46
C VAL A 209 -24.82 24.34 21.20
N PRO A 210 -26.17 24.31 21.21
CA PRO A 210 -26.88 24.75 20.01
C PRO A 210 -26.71 26.22 19.68
N THR A 211 -26.53 27.09 20.68
CA THR A 211 -26.16 28.47 20.39
C THR A 211 -24.76 28.56 19.80
N LEU A 212 -23.88 27.62 20.14
CA LEU A 212 -22.57 27.55 19.51
C LEU A 212 -22.68 27.11 18.06
N PHE A 213 -23.61 26.18 17.76
CA PHE A 213 -23.87 25.81 16.37
C PHE A 213 -24.43 26.99 15.58
N LYS A 214 -25.32 27.76 16.21
CA LYS A 214 -25.86 28.96 15.57
C LYS A 214 -24.79 30.02 15.36
N LYS A 215 -23.83 30.13 16.28
CA LYS A 215 -22.74 31.08 16.12
C LYS A 215 -21.78 30.65 15.03
N ILE A 216 -21.58 29.34 14.84
CA ILE A 216 -20.78 28.87 13.72
C ILE A 216 -21.51 29.11 12.39
N CYS A 217 -22.83 28.88 12.38
CA CYS A 217 -23.62 29.14 11.17
C CYS A 217 -23.71 30.63 10.84
N ASP A 218 -23.58 31.50 11.84
CA ASP A 218 -23.53 32.94 11.59
C ASP A 218 -22.13 33.34 11.16
N GLY A 219 -22.06 34.22 10.17
CA GLY A 219 -20.78 34.63 9.62
C GLY A 219 -20.21 35.89 10.24
N ILE A 220 -20.47 36.10 11.53
CA ILE A 220 -19.97 37.27 12.24
C ILE A 220 -19.04 36.81 13.36
N PHE A 221 -18.06 37.64 13.67
CA PHE A 221 -17.11 37.36 14.74
C PHE A 221 -16.58 38.69 15.27
N TYR A 222 -15.91 38.62 16.41
CA TYR A 222 -15.39 39.82 17.07
C TYR A 222 -14.10 40.28 16.42
N THR A 223 -13.91 41.59 16.36
CA THR A 223 -12.71 42.17 15.76
C THR A 223 -12.22 43.35 16.60
N PRO A 224 -11.08 43.22 17.27
CA PRO A 224 -10.52 44.34 18.02
C PRO A 224 -9.77 45.30 17.10
N GLN A 225 -9.22 46.35 17.70
CA GLN A 225 -8.43 47.34 16.97
C GLN A 225 -6.94 47.06 17.06
N TYR A 226 -6.54 45.93 17.63
CA TYR A 226 -5.13 45.60 17.76
C TYR A 226 -4.51 45.12 16.45
N LEU A 227 -5.34 44.70 15.49
CA LEU A 227 -4.85 44.15 14.23
C LEU A 227 -5.23 45.07 13.09
N ASN A 228 -4.35 45.13 12.09
CA ASN A 228 -4.52 46.06 10.98
C ASN A 228 -5.68 45.63 10.08
N PRO A 229 -6.33 46.58 9.40
CA PRO A 229 -7.46 46.23 8.52
C PRO A 229 -7.06 45.59 7.20
N SER A 230 -5.77 45.41 6.93
CA SER A 230 -5.36 44.70 5.73
C SER A 230 -5.57 43.19 5.84
N VAL A 231 -5.63 42.66 7.06
CA VAL A 231 -5.81 41.23 7.26
C VAL A 231 -7.27 40.88 7.59
N ILE A 232 -8.10 41.85 7.97
CA ILE A 232 -9.50 41.55 8.26
C ILE A 232 -10.27 41.29 6.96
N SER A 233 -9.81 41.83 5.83
CA SER A 233 -10.42 41.47 4.55
C SER A 233 -10.10 40.02 4.20
N LEU A 234 -8.89 39.56 4.51
CA LEU A 234 -8.53 38.17 4.30
C LEU A 234 -9.31 37.26 5.25
N LEU A 235 -9.55 37.72 6.48
CA LEU A 235 -10.33 36.94 7.43
C LEU A 235 -11.80 36.84 7.00
N LYS A 236 -12.35 37.93 6.45
CA LYS A 236 -13.73 37.89 5.97
C LYS A 236 -13.84 37.08 4.68
N HIS A 237 -12.80 37.04 3.87
CA HIS A 237 -12.81 36.23 2.66
C HIS A 237 -12.47 34.77 2.95
N MET A 238 -11.94 34.48 4.13
CA MET A 238 -11.56 33.12 4.50
C MET A 238 -12.56 32.44 5.41
N LEU A 239 -13.30 33.19 6.24
CA LEU A 239 -14.23 32.62 7.21
C LEU A 239 -15.68 32.76 6.77
N GLN A 240 -15.95 32.67 5.47
CA GLN A 240 -17.32 32.67 4.99
C GLN A 240 -18.01 31.35 5.32
N VAL A 241 -19.27 31.45 5.77
CA VAL A 241 -20.04 30.25 6.07
C VAL A 241 -20.54 29.53 4.82
N ASP A 242 -20.49 30.19 3.67
CA ASP A 242 -20.85 29.58 2.41
C ASP A 242 -19.59 29.28 1.61
N PRO A 243 -19.40 28.04 1.14
CA PRO A 243 -18.12 27.65 0.54
C PRO A 243 -17.86 28.20 -0.86
N MET A 244 -18.84 28.88 -1.47
CA MET A 244 -18.61 29.47 -2.78
C MET A 244 -17.69 30.68 -2.70
N LYS A 245 -17.77 31.45 -1.61
CA LYS A 245 -16.98 32.64 -1.44
C LYS A 245 -15.78 32.45 -0.50
N ARG A 246 -15.60 31.24 0.03
CA ARG A 246 -14.47 30.97 0.90
C ARG A 246 -13.18 30.89 0.08
N ALA A 247 -12.09 31.36 0.68
CA ALA A 247 -10.81 31.51 -0.02
C ALA A 247 -10.19 30.17 -0.38
N THR A 248 -9.39 30.19 -1.44
CA THR A 248 -8.58 29.05 -1.84
C THR A 248 -7.11 29.32 -1.47
N ILE A 249 -6.27 28.32 -1.73
CA ILE A 249 -4.82 28.50 -1.58
C ILE A 249 -4.32 29.55 -2.56
N LYS A 250 -4.87 29.56 -3.78
CA LYS A 250 -4.53 30.60 -4.75
C LYS A 250 -5.07 31.96 -4.30
N ASP A 251 -6.24 31.98 -3.68
CA ASP A 251 -6.81 33.23 -3.19
C ASP A 251 -6.13 33.77 -1.94
N ILE A 252 -5.31 32.95 -1.27
CA ILE A 252 -4.44 33.47 -0.24
C ILE A 252 -3.09 33.85 -0.85
N ARG A 253 -2.63 33.09 -1.85
CA ARG A 253 -1.33 33.32 -2.48
C ARG A 253 -1.32 34.59 -3.32
N GLU A 254 -2.49 35.09 -3.72
CA GLU A 254 -2.58 36.38 -4.41
C GLU A 254 -2.95 37.52 -3.47
N HIS A 255 -3.08 37.27 -2.17
CA HIS A 255 -3.38 38.32 -1.23
C HIS A 255 -2.10 39.08 -0.86
N GLU A 256 -2.28 40.34 -0.45
CA GLU A 256 -1.14 41.22 -0.24
C GLU A 256 -0.42 40.92 1.08
N TRP A 257 -1.17 40.57 2.13
CA TRP A 257 -0.57 40.31 3.43
C TRP A 257 0.24 39.02 3.44
N PHE A 258 -0.17 38.05 2.63
CA PHE A 258 0.50 36.75 2.59
C PHE A 258 1.83 36.79 1.85
N LYS A 259 2.01 37.76 0.95
CA LYS A 259 3.20 37.83 0.09
C LYS A 259 4.28 38.75 0.66
N GLN A 260 4.11 39.28 1.87
CA GLN A 260 5.05 40.27 2.38
C GLN A 260 6.38 39.63 2.77
N ASP A 261 6.34 38.59 3.60
CA ASP A 261 7.54 37.89 4.06
C ASP A 261 7.31 36.40 3.79
N LEU A 262 7.67 35.94 2.61
CA LEU A 262 7.39 34.57 2.18
C LEU A 262 8.67 33.86 1.81
N PRO A 263 9.07 32.82 2.54
CA PRO A 263 10.22 32.01 2.13
C PRO A 263 9.90 31.16 0.91
N LYS A 264 10.90 30.96 0.07
CA LYS A 264 10.70 30.31 -1.23
C LYS A 264 10.51 28.81 -1.12
N TYR A 265 10.98 28.18 -0.03
CA TYR A 265 10.91 26.73 0.08
C TYR A 265 9.57 26.22 0.58
N LEU A 266 8.60 27.11 0.87
CA LEU A 266 7.29 26.67 1.34
C LEU A 266 6.51 25.96 0.23
N PHE A 267 6.53 26.51 -0.98
CA PHE A 267 5.79 25.94 -2.09
C PHE A 267 6.74 25.24 -3.05
N PRO A 268 6.53 23.95 -3.34
CA PRO A 268 7.47 23.24 -4.24
C PRO A 268 7.41 23.73 -5.68
N GLU A 269 6.22 24.02 -6.20
CA GLU A 269 6.04 24.40 -7.59
C GLU A 269 5.60 25.86 -7.67
N ASP A 270 6.33 26.65 -8.48
CA ASP A 270 5.96 28.05 -8.65
C ASP A 270 4.64 28.25 -9.41
N PRO A 271 4.35 27.59 -10.55
CA PRO A 271 3.01 27.76 -11.12
C PRO A 271 1.97 26.97 -10.33
N SER A 272 0.72 27.44 -10.41
CA SER A 272 -0.40 26.80 -9.73
C SER A 272 -0.74 25.45 -10.35
N LYS A 377 42.30 -5.24 1.31
CA LYS A 377 42.18 -6.61 0.85
C LYS A 377 40.81 -7.18 1.21
N HIS A 378 40.46 -7.09 2.49
CA HIS A 378 39.15 -7.56 2.95
C HIS A 378 38.03 -6.69 2.38
N GLN A 379 38.25 -5.38 2.30
CA GLN A 379 37.23 -4.47 1.80
C GLN A 379 37.10 -4.57 0.28
N GLY A 380 35.91 -4.24 -0.21
CA GLY A 380 35.68 -4.20 -1.64
C GLY A 380 36.29 -2.97 -2.28
N VAL A 381 36.73 -3.12 -3.53
CA VAL A 381 37.34 -2.04 -4.30
C VAL A 381 36.71 -2.04 -5.68
N ARG A 382 36.04 -0.95 -6.03
CA ARG A 382 35.45 -0.79 -7.36
C ARG A 382 36.45 -0.09 -8.28
N LYS A 383 36.70 -0.70 -9.43
CA LYS A 383 37.63 -0.12 -10.40
C LYS A 383 37.04 1.14 -11.02
N ALA A 384 37.91 2.11 -11.28
CA ALA A 384 37.53 3.39 -11.86
C ALA A 384 38.24 3.59 -13.19
N LYS A 385 37.56 4.25 -14.13
CA LYS A 385 38.09 4.50 -15.46
C LYS A 385 38.60 5.94 -15.51
N TRP A 386 39.91 6.12 -15.30
CA TRP A 386 40.51 7.44 -15.34
C TRP A 386 40.88 7.83 -16.76
N HIS A 387 40.91 9.13 -17.01
CA HIS A 387 41.30 9.71 -18.28
C HIS A 387 42.62 10.47 -18.11
N LEU A 388 43.09 11.08 -19.20
CA LEU A 388 44.36 11.78 -19.19
C LEU A 388 44.21 13.30 -19.08
N GLY A 389 43.50 13.91 -20.03
CA GLY A 389 43.40 15.36 -20.03
C GLY A 389 41.99 15.87 -20.24
N ILE A 390 41.82 16.78 -21.20
CA ILE A 390 40.52 17.35 -21.51
C ILE A 390 40.24 17.06 -22.98
N ARG A 391 39.14 16.37 -23.26
CA ARG A 391 38.82 15.90 -24.61
C ARG A 391 37.79 16.83 -25.22
N SER A 392 38.27 17.78 -26.04
CA SER A 392 37.44 18.78 -26.69
C SER A 392 37.41 18.52 -28.19
N GLN A 393 36.22 18.32 -28.74
CA GLN A 393 36.05 18.05 -30.17
C GLN A 393 35.77 19.33 -30.96
N SER A 394 36.72 20.26 -30.86
CA SER A 394 36.59 21.54 -31.57
C SER A 394 37.85 21.84 -32.37
N ARG A 395 37.93 23.07 -32.90
CA ARG A 395 39.08 23.47 -33.70
C ARG A 395 40.27 23.79 -32.79
N PRO A 396 41.50 23.41 -33.20
CA PRO A 396 42.65 23.59 -32.31
C PRO A 396 43.05 25.04 -32.11
N ASN A 397 42.73 25.93 -33.07
CA ASN A 397 43.02 27.34 -32.88
C ASN A 397 42.06 28.02 -31.91
N ASP A 398 40.92 27.39 -31.63
CA ASP A 398 39.94 27.95 -30.69
C ASP A 398 40.12 27.42 -29.28
N ILE A 399 40.69 26.22 -29.12
CA ILE A 399 40.87 25.65 -27.79
C ILE A 399 41.93 26.43 -27.01
N MET A 400 42.96 26.92 -27.69
CA MET A 400 43.98 27.72 -27.03
C MET A 400 43.41 29.07 -26.59
N ALA A 401 42.51 29.65 -27.40
CA ALA A 401 41.85 30.88 -27.00
C ALA A 401 40.87 30.65 -25.85
N GLU A 402 40.23 29.48 -25.80
CA GLU A 402 39.35 29.15 -24.69
C GLU A 402 40.14 28.95 -23.40
N VAL A 403 41.30 28.31 -23.49
CA VAL A 403 42.19 28.15 -22.34
C VAL A 403 42.70 29.51 -21.86
N CYS A 404 43.05 30.39 -22.81
CA CYS A 404 43.51 31.74 -22.46
C CYS A 404 42.41 32.56 -21.79
N ARG A 405 41.18 32.45 -22.30
CA ARG A 405 40.04 33.13 -21.68
C ARG A 405 39.73 32.56 -20.30
N ALA A 406 39.99 31.27 -20.09
CA ALA A 406 39.80 30.68 -18.77
C ALA A 406 40.84 31.18 -17.78
N ILE A 407 42.12 31.15 -18.16
CA ILE A 407 43.19 31.52 -17.23
C ILE A 407 43.40 33.02 -17.12
N LYS A 408 42.77 33.82 -17.98
CA LYS A 408 42.84 35.27 -17.82
C LYS A 408 41.99 35.74 -16.65
N GLN A 409 40.87 35.04 -16.38
CA GLN A 409 40.00 35.43 -15.28
C GLN A 409 40.59 35.11 -13.92
N LEU A 410 41.51 34.15 -13.84
CA LEU A 410 42.09 33.71 -12.58
C LEU A 410 43.38 34.43 -12.21
N ASP A 411 43.76 35.45 -13.00
CA ASP A 411 44.93 36.31 -12.77
C ASP A 411 46.22 35.49 -12.71
N TYR A 412 46.55 34.86 -13.85
CA TYR A 412 47.75 34.05 -13.98
C TYR A 412 48.79 34.78 -14.83
N GLU A 413 50.03 34.31 -14.75
CA GLU A 413 51.13 34.87 -15.52
C GLU A 413 51.74 33.75 -16.36
N TRP A 414 51.57 33.82 -17.68
CA TRP A 414 51.99 32.73 -18.54
C TRP A 414 52.76 33.23 -19.75
N LYS A 415 53.61 32.35 -20.26
CA LYS A 415 54.29 32.55 -21.54
C LYS A 415 54.22 31.25 -22.33
N VAL A 416 54.56 31.35 -23.61
CA VAL A 416 54.46 30.23 -24.53
C VAL A 416 55.86 29.92 -25.07
N VAL A 417 56.01 28.72 -25.60
CA VAL A 417 57.22 28.39 -26.35
C VAL A 417 56.80 27.99 -27.75
N ASN A 418 56.01 26.92 -27.85
CA ASN A 418 55.33 26.55 -29.08
C ASN A 418 53.97 27.24 -29.12
N PRO A 419 53.27 27.21 -30.25
CA PRO A 419 51.87 27.69 -30.26
C PRO A 419 50.91 26.83 -29.42
N TYR A 420 51.32 25.67 -28.94
CA TYR A 420 50.48 24.85 -28.07
C TYR A 420 51.22 24.38 -26.82
N TYR A 421 52.27 25.10 -26.42
CA TYR A 421 53.04 24.75 -25.22
C TYR A 421 53.11 25.99 -24.33
N LEU A 422 52.39 25.93 -23.20
CA LEU A 422 52.13 27.10 -22.38
C LEU A 422 52.63 26.83 -20.96
N ARG A 423 53.68 27.54 -20.54
CA ARG A 423 54.24 27.34 -19.21
C ARG A 423 53.70 28.42 -18.29
N VAL A 424 52.63 28.09 -17.58
CA VAL A 424 51.91 29.06 -16.76
C VAL A 424 52.51 29.10 -15.36
N ARG A 425 52.23 30.17 -14.64
CA ARG A 425 52.83 30.45 -13.35
C ARG A 425 51.92 31.37 -12.55
N ARG A 426 51.62 30.99 -11.32
CA ARG A 426 50.80 31.82 -10.45
C ARG A 426 51.49 32.04 -9.11
N LYS A 427 51.26 33.22 -8.53
CA LYS A 427 51.74 33.56 -7.21
C LYS A 427 50.62 33.32 -6.20
N ASN A 428 50.94 32.54 -5.17
CA ASN A 428 49.95 32.26 -4.12
C ASN A 428 49.71 33.51 -3.28
N PRO A 429 48.46 33.74 -2.84
CA PRO A 429 48.19 34.91 -1.98
C PRO A 429 48.83 34.84 -0.60
N VAL A 430 48.59 33.76 0.14
CA VAL A 430 49.12 33.65 1.49
C VAL A 430 50.56 33.13 1.48
N THR A 431 50.91 32.27 0.53
CA THR A 431 52.24 31.68 0.46
C THR A 431 53.12 32.51 -0.47
N SER A 432 54.32 32.84 0.01
CA SER A 432 55.19 33.77 -0.72
C SER A 432 55.75 33.18 -2.01
N THR A 433 55.84 31.86 -2.13
CA THR A 433 56.41 31.26 -3.32
C THR A 433 55.37 31.18 -4.44
N TYR A 434 55.85 30.86 -5.63
CA TYR A 434 55.02 30.77 -6.83
C TYR A 434 55.07 29.35 -7.40
N SER A 435 53.97 28.94 -8.02
CA SER A 435 53.84 27.60 -8.59
C SER A 435 53.78 27.67 -10.11
N LYS A 436 54.41 26.70 -10.76
CA LYS A 436 54.54 26.66 -12.21
C LYS A 436 54.03 25.32 -12.73
N MET A 437 53.41 25.35 -13.93
CA MET A 437 53.10 24.11 -14.63
C MET A 437 53.09 24.39 -16.13
N SER A 438 52.71 23.38 -16.92
CA SER A 438 52.82 23.49 -18.38
C SER A 438 51.69 22.72 -19.04
N LEU A 439 50.89 23.44 -19.82
CA LEU A 439 49.82 22.86 -20.62
C LEU A 439 50.31 22.54 -22.03
N GLN A 440 49.79 21.44 -22.59
CA GLN A 440 50.15 20.98 -23.92
C GLN A 440 48.96 20.31 -24.58
N LEU A 441 48.72 20.66 -25.85
CA LEU A 441 47.62 20.07 -26.61
C LEU A 441 48.13 18.88 -27.43
N TYR A 442 47.30 17.84 -27.51
CA TYR A 442 47.60 16.60 -28.20
C TYR A 442 46.49 16.28 -29.20
N GLN A 443 46.88 15.64 -30.29
CA GLN A 443 45.95 15.19 -31.33
C GLN A 443 45.86 13.68 -31.25
N VAL A 444 44.82 13.17 -30.58
CA VAL A 444 44.59 11.74 -30.59
C VAL A 444 43.87 11.32 -31.88
N ASP A 445 43.06 12.20 -32.45
CA ASP A 445 42.42 11.99 -33.75
C ASP A 445 42.08 13.35 -34.34
N SER A 446 41.54 13.33 -35.56
CA SER A 446 41.18 14.59 -36.22
C SER A 446 39.93 15.22 -35.63
N ARG A 447 39.12 14.45 -34.90
CA ARG A 447 37.91 15.00 -34.30
C ARG A 447 38.20 15.67 -32.96
N THR A 448 38.82 14.94 -32.04
CA THR A 448 39.00 15.39 -30.67
C THR A 448 40.45 15.76 -30.39
N TYR A 449 40.63 16.71 -29.49
CA TYR A 449 41.95 17.14 -29.04
C TYR A 449 42.01 17.06 -27.53
N LEU A 450 43.16 16.64 -27.00
CA LEU A 450 43.33 16.39 -25.57
C LEU A 450 44.24 17.46 -24.97
N LEU A 451 43.82 18.03 -23.85
CA LEU A 451 44.61 19.02 -23.12
C LEU A 451 45.27 18.30 -21.95
N ASP A 452 46.61 18.25 -21.98
CA ASP A 452 47.40 17.49 -21.02
C ASP A 452 48.21 18.45 -20.16
N PHE A 453 48.24 18.17 -18.86
CA PHE A 453 48.95 18.97 -17.86
C PHE A 453 50.26 18.29 -17.49
N ARG A 454 51.29 19.10 -17.21
CA ARG A 454 52.53 18.54 -16.69
C ARG A 454 53.14 19.50 -15.69
N SER A 455 53.61 18.95 -14.56
CA SER A 455 54.24 19.74 -13.51
C SER A 455 55.75 19.77 -13.69
N ILE A 456 56.38 20.74 -13.02
CA ILE A 456 57.83 20.85 -12.96
C ILE A 456 58.23 21.10 -11.51
N ASP A 457 59.35 20.52 -11.09
CA ASP A 457 59.76 20.56 -9.70
C ASP A 457 60.50 21.85 -9.35
N ASP A 458 60.29 22.32 -8.11
CA ASP A 458 61.05 23.45 -7.59
C ASP A 458 62.49 23.00 -7.34
N GLU A 459 63.44 23.73 -7.92
CA GLU A 459 64.82 23.25 -7.92
C GLU A 459 65.53 23.56 -6.61
N LEU A 460 65.52 24.83 -6.17
CA LEU A 460 66.39 25.26 -5.08
C LEU A 460 65.66 25.77 -3.86
N THR A 461 64.41 26.21 -3.97
CA THR A 461 63.80 26.91 -2.85
C THR A 461 63.06 25.93 -1.96
N PRO A 462 63.33 25.91 -0.65
CA PRO A 462 62.51 25.11 0.28
C PRO A 462 61.15 25.75 0.51
N ARG A 463 60.24 25.56 -0.44
CA ARG A 463 58.97 26.25 -0.38
C ARG A 463 58.05 25.63 0.67
N PRO A 464 57.26 26.43 1.38
CA PRO A 464 56.33 25.89 2.37
C PRO A 464 55.05 25.42 1.69
N GLY A 465 54.10 24.96 2.51
CA GLY A 465 52.87 24.43 1.99
C GLY A 465 53.06 23.06 1.37
N SER A 466 52.69 22.93 0.11
CA SER A 466 52.90 21.69 -0.63
C SER A 466 53.13 22.01 -2.10
N HIS A 467 53.81 21.09 -2.78
CA HIS A 467 54.09 21.28 -4.21
C HIS A 467 52.96 20.71 -5.07
N THR A 468 52.67 19.42 -4.89
CA THR A 468 51.67 18.77 -5.74
C THR A 468 50.26 19.18 -5.39
N ILE A 469 50.00 19.58 -4.14
CA ILE A 469 48.63 19.97 -3.80
C ILE A 469 48.34 21.36 -4.38
N GLU A 470 49.33 22.25 -4.40
CA GLU A 470 49.18 23.49 -5.14
C GLU A 470 49.16 23.26 -6.64
N PHE A 471 49.79 22.18 -7.12
CA PHE A 471 49.64 21.80 -8.52
C PHE A 471 48.21 21.38 -8.84
N PHE A 472 47.56 20.65 -7.94
CA PHE A 472 46.15 20.33 -8.15
C PHE A 472 45.25 21.55 -7.95
N GLU A 473 45.69 22.51 -7.14
CA GLU A 473 44.95 23.77 -7.02
C GLU A 473 45.11 24.65 -8.25
N MET A 474 46.18 24.46 -9.03
CA MET A 474 46.30 25.12 -10.33
C MET A 474 45.46 24.44 -11.41
N CYS A 475 44.72 23.39 -11.10
CA CYS A 475 43.98 22.64 -12.10
C CYS A 475 42.51 22.55 -11.73
N ALA A 476 42.21 22.51 -10.44
CA ALA A 476 40.82 22.43 -9.99
C ALA A 476 40.08 23.74 -10.19
N ASN A 477 40.79 24.85 -10.33
CA ASN A 477 40.18 26.11 -10.73
C ASN A 477 40.04 26.24 -12.24
N LEU A 478 40.81 25.47 -13.00
CA LEU A 478 40.78 25.52 -14.46
C LEU A 478 39.74 24.59 -15.06
N ILE A 479 39.56 23.40 -14.47
CA ILE A 479 38.57 22.44 -14.96
C ILE A 479 37.15 23.00 -14.82
N LYS A 480 36.90 23.74 -13.72
CA LYS A 480 35.58 24.34 -13.51
C LYS A 480 35.27 25.43 -14.53
N ILE A 481 36.24 26.25 -14.87
CA ILE A 481 36.00 27.32 -15.84
C ILE A 481 35.91 26.75 -17.25
N LEU A 482 36.76 25.79 -17.59
CA LEU A 482 36.68 25.16 -18.91
C LEU A 482 35.42 24.32 -19.07
N ALA A 483 35.07 23.56 -18.02
CA ALA A 483 33.88 22.69 -17.97
C ALA A 483 33.84 21.69 -19.13
N GLN A 484 34.98 21.08 -19.41
CA GLN A 484 35.08 20.12 -20.50
C GLN A 484 36.01 18.96 -20.14
N ASP B 106 59.23 32.33 -15.77
CA ASP B 106 60.03 31.15 -15.46
C ASP B 106 61.50 31.40 -15.80
N LEU B 107 62.35 31.37 -14.78
CA LEU B 107 63.77 31.59 -14.99
C LEU B 107 64.44 30.39 -15.65
N SER B 108 63.99 29.18 -15.33
CA SER B 108 64.57 27.97 -15.91
C SER B 108 64.21 27.82 -17.38
N SER B 109 63.07 28.34 -17.79
CA SER B 109 62.62 28.23 -19.18
C SER B 109 63.49 29.09 -20.10
N SER B 110 63.60 28.64 -21.36
CA SER B 110 64.26 29.40 -22.42
C SER B 110 63.26 29.57 -23.57
N PRO B 111 62.33 30.52 -23.45
CA PRO B 111 61.30 30.67 -24.48
C PRO B 111 61.79 31.54 -25.62
N PRO B 112 61.09 31.53 -26.76
CA PRO B 112 61.37 32.57 -27.78
C PRO B 112 60.94 33.95 -27.31
N GLY B 113 59.83 34.06 -26.59
CA GLY B 113 59.40 35.32 -26.03
C GLY B 113 59.50 35.33 -24.52
N PRO B 114 60.32 36.22 -23.97
CA PRO B 114 60.53 36.25 -22.52
C PRO B 114 59.53 37.12 -21.77
N TYR B 115 58.39 37.42 -22.39
CA TYR B 115 57.43 38.37 -21.83
C TYR B 115 56.80 37.86 -20.55
N GLY B 116 56.08 36.74 -20.64
CA GLY B 116 55.32 36.23 -19.52
C GLY B 116 54.18 37.14 -19.12
N GLN B 117 53.29 37.44 -20.06
CA GLN B 117 52.22 38.40 -19.84
C GLN B 117 50.88 37.77 -20.20
N GLU B 118 49.84 38.18 -19.47
CA GLU B 118 48.50 37.64 -19.69
C GLU B 118 47.90 38.10 -21.01
N MET B 119 48.33 39.24 -21.53
CA MET B 119 47.73 39.77 -22.76
C MET B 119 48.26 39.05 -24.00
N TYR B 120 49.56 38.75 -24.04
CA TYR B 120 50.20 38.23 -25.26
C TYR B 120 49.95 36.73 -25.38
N ALA B 121 48.71 36.39 -25.71
CA ALA B 121 48.35 35.01 -26.07
C ALA B 121 47.21 35.09 -27.08
N PHE B 122 47.57 35.07 -28.36
CA PHE B 122 46.63 35.29 -29.45
C PHE B 122 46.64 34.11 -30.41
N ARG B 123 45.47 33.79 -30.96
CA ARG B 123 45.32 32.72 -31.94
C ARG B 123 45.50 33.21 -33.37
N SER B 124 46.00 34.43 -33.56
CA SER B 124 46.16 35.03 -34.88
C SER B 124 47.49 34.68 -35.54
N ALA B 125 48.15 33.61 -35.09
CA ALA B 125 49.40 33.18 -35.70
C ALA B 125 49.17 32.66 -37.12
N ALA B 126 50.18 32.88 -37.98
CA ALA B 126 50.07 32.48 -39.37
C ALA B 126 50.12 30.97 -39.54
N ARG B 127 50.74 30.26 -38.60
CA ARG B 127 50.81 28.80 -38.67
C ARG B 127 49.46 28.18 -38.40
N PHE B 128 49.08 27.22 -39.25
CA PHE B 128 47.87 26.43 -39.06
C PHE B 128 48.22 24.97 -38.74
N LYS B 129 49.31 24.77 -38.02
CA LYS B 129 49.82 23.43 -37.76
C LYS B 129 49.01 22.74 -36.68
N SER B 130 48.74 21.46 -36.89
CA SER B 130 48.04 20.66 -35.90
C SER B 130 48.97 20.36 -34.72
N PRO B 131 48.42 20.15 -33.52
CA PRO B 131 49.27 19.71 -32.41
C PRO B 131 49.75 18.28 -32.63
N PRO B 132 50.90 17.91 -32.06
CA PRO B 132 51.43 16.56 -32.30
C PRO B 132 50.63 15.49 -31.58
N ILE B 133 50.90 14.25 -31.96
CA ILE B 133 50.16 13.10 -31.46
C ILE B 133 50.78 12.63 -30.14
N LEU B 134 49.93 12.09 -29.27
CA LEU B 134 50.38 11.55 -28.00
C LEU B 134 51.07 10.20 -28.23
N PRO B 135 52.07 9.86 -27.41
CA PRO B 135 52.76 8.57 -27.56
C PRO B 135 51.85 7.41 -27.19
N PRO B 136 52.13 6.20 -27.71
CA PRO B 136 51.23 5.06 -27.47
C PRO B 136 51.18 4.59 -26.01
N HIS B 137 52.17 4.95 -25.19
CA HIS B 137 52.14 4.60 -23.77
C HIS B 137 50.97 5.28 -23.06
N LEU B 138 50.56 6.45 -23.54
CA LEU B 138 49.37 7.09 -23.00
C LEU B 138 48.07 6.44 -23.48
N LEU B 139 48.12 5.66 -24.58
CA LEU B 139 46.95 4.99 -25.10
C LEU B 139 46.39 3.94 -24.13
N GLN B 140 47.21 3.43 -23.22
CA GLN B 140 46.68 2.62 -22.14
C GLN B 140 45.98 3.48 -21.10
N VAL B 141 46.60 4.60 -20.70
CA VAL B 141 46.12 5.30 -19.50
C VAL B 141 44.88 6.14 -19.79
N ILE B 142 44.55 6.38 -21.06
CA ILE B 142 43.27 6.99 -21.37
C ILE B 142 42.15 5.99 -21.16
N LEU B 143 42.44 4.70 -21.27
CA LEU B 143 41.42 3.65 -21.21
C LEU B 143 41.50 2.78 -19.96
N ASN B 144 42.71 2.45 -19.51
CA ASN B 144 42.86 1.47 -18.44
C ASN B 144 43.91 1.94 -17.44
N LYS B 145 43.60 1.77 -16.17
CA LYS B 145 44.53 1.94 -15.06
C LYS B 145 44.55 0.65 -14.24
N ASP B 146 45.73 0.22 -13.84
CA ASP B 146 45.90 -1.08 -13.20
C ASP B 146 46.02 -0.92 -11.70
N THR B 147 45.25 -1.73 -10.96
CA THR B 147 45.29 -1.76 -9.51
C THR B 147 45.49 -3.21 -9.08
N ASN B 148 46.48 -3.44 -8.22
CA ASN B 148 46.85 -4.80 -7.83
C ASN B 148 45.88 -5.29 -6.75
N ILE B 149 45.07 -6.28 -7.08
CA ILE B 149 44.10 -6.81 -6.12
C ILE B 149 44.78 -7.78 -5.15
N SER B 150 45.88 -8.43 -5.57
CA SER B 150 46.55 -9.40 -4.70
C SER B 150 47.31 -8.72 -3.58
N CYS B 151 47.95 -7.58 -3.86
CA CYS B 151 48.65 -6.82 -2.85
C CYS B 151 47.67 -5.93 -2.09
N ASP B 152 48.20 -5.04 -1.26
CA ASP B 152 47.36 -4.09 -0.53
C ASP B 152 46.74 -3.09 -1.49
N PRO B 153 45.53 -2.59 -1.18
CA PRO B 153 44.93 -1.55 -2.03
C PRO B 153 45.70 -0.24 -2.01
N ALA B 154 46.44 0.05 -0.94
CA ALA B 154 47.33 1.22 -0.93
C ALA B 154 48.47 1.04 -1.91
N LEU B 155 48.93 -0.19 -2.12
CA LEU B 155 49.99 -0.46 -3.08
C LEU B 155 49.42 -0.53 -4.49
N LEU B 156 50.22 -0.10 -5.45
CA LEU B 156 49.87 -0.07 -6.86
C LEU B 156 50.99 -0.71 -7.67
N PRO B 157 50.70 -1.21 -8.87
CA PRO B 157 51.78 -1.63 -9.77
C PRO B 157 52.57 -0.44 -10.29
N GLU B 158 53.76 -0.74 -10.79
CA GLU B 158 54.72 0.29 -11.17
C GLU B 158 54.29 1.01 -12.45
N PRO B 159 54.09 2.32 -12.42
CA PRO B 159 53.69 3.05 -13.64
C PRO B 159 54.89 3.30 -14.54
N ASN B 160 54.59 3.75 -15.76
CA ASN B 160 55.61 4.08 -16.72
C ASN B 160 56.26 5.43 -16.37
N HIS B 161 57.38 5.71 -17.03
CA HIS B 161 58.15 6.91 -16.74
C HIS B 161 57.61 8.15 -17.43
N VAL B 162 56.66 8.00 -18.36
CA VAL B 162 56.11 9.15 -19.09
C VAL B 162 54.75 9.57 -18.53
N MET B 163 54.07 8.70 -17.79
CA MET B 163 52.73 8.96 -17.27
C MET B 163 52.74 9.55 -15.87
N LEU B 164 53.79 10.27 -15.50
CA LEU B 164 53.99 10.63 -14.10
C LEU B 164 53.16 11.85 -13.67
N ASN B 165 53.46 13.01 -14.23
CA ASN B 165 52.95 14.28 -13.71
C ASN B 165 51.62 14.69 -14.32
N HIS B 166 50.98 13.82 -15.11
CA HIS B 166 49.76 14.15 -15.81
C HIS B 166 48.53 13.87 -14.93
N LEU B 167 47.47 14.63 -15.18
CA LEU B 167 46.25 14.54 -14.37
C LEU B 167 45.49 13.26 -14.73
N TYR B 168 44.62 12.83 -13.80
CA TYR B 168 43.76 11.67 -14.00
C TYR B 168 42.38 11.97 -13.43
N ALA B 169 41.46 12.39 -14.29
CA ALA B 169 40.11 12.76 -13.87
C ALA B 169 39.16 11.57 -13.95
N LEU B 170 37.97 11.77 -13.42
CA LEU B 170 36.91 10.76 -13.44
C LEU B 170 35.58 11.48 -13.65
N SER B 171 34.60 10.74 -14.16
CA SER B 171 33.27 11.28 -14.38
C SER B 171 32.60 11.64 -13.06
N ILE B 172 31.93 12.79 -13.04
CA ILE B 172 31.35 13.35 -11.82
C ILE B 172 29.98 12.74 -11.51
N LYS B 173 29.98 11.70 -10.69
CA LYS B 173 28.73 11.09 -10.26
C LYS B 173 27.99 11.93 -9.24
N ASP B 174 28.71 12.76 -8.49
CA ASP B 174 28.11 13.68 -7.54
C ASP B 174 28.96 14.95 -7.58
N SER B 175 28.84 15.81 -6.58
CA SER B 175 29.50 17.12 -6.56
C SER B 175 30.99 17.07 -6.23
N VAL B 176 31.63 15.90 -6.22
CA VAL B 176 33.07 15.80 -6.02
C VAL B 176 33.79 16.07 -7.33
N MET B 177 35.10 16.28 -7.27
CA MET B 177 35.94 16.45 -8.45
C MET B 177 37.16 15.56 -8.28
N VAL B 178 37.14 14.38 -8.92
CA VAL B 178 38.22 13.43 -8.82
C VAL B 178 39.36 13.86 -9.76
N LEU B 179 40.55 14.00 -9.21
CA LEU B 179 41.73 14.31 -10.01
C LEU B 179 42.97 13.81 -9.26
N SER B 180 43.90 13.21 -9.99
CA SER B 180 45.08 12.62 -9.39
C SER B 180 46.25 12.66 -10.37
N ALA B 181 47.45 12.42 -9.83
CA ALA B 181 48.66 12.36 -10.63
C ALA B 181 49.68 11.50 -9.90
N THR B 182 50.43 10.70 -10.66
CA THR B 182 51.33 9.71 -10.09
C THR B 182 52.74 10.31 -10.05
N HIS B 183 52.96 11.14 -9.02
CA HIS B 183 54.21 11.89 -8.92
C HIS B 183 55.38 10.99 -8.55
N ARG B 184 56.58 11.53 -8.76
CA ARG B 184 57.83 10.78 -8.60
C ARG B 184 58.72 11.47 -7.59
N TYR B 185 59.21 10.71 -6.62
CA TYR B 185 60.20 11.19 -5.65
C TYR B 185 61.59 10.86 -6.21
N LYS B 186 62.63 10.90 -5.38
CA LYS B 186 63.97 10.54 -5.82
C LYS B 186 64.04 9.08 -6.29
N LYS B 187 63.42 8.16 -5.54
CA LYS B 187 63.39 6.77 -5.95
C LYS B 187 61.97 6.20 -5.84
N LYS B 188 61.16 6.77 -4.96
CA LYS B 188 59.85 6.22 -4.67
C LYS B 188 58.79 6.87 -5.55
N TYR B 189 57.68 6.16 -5.74
CA TYR B 189 56.55 6.63 -6.53
C TYR B 189 55.36 6.84 -5.60
N VAL B 190 54.69 7.99 -5.74
CA VAL B 190 53.48 8.27 -5.00
C VAL B 190 52.35 8.47 -6.01
N THR B 191 51.12 8.38 -5.51
CA THR B 191 49.92 8.56 -6.34
C THR B 191 48.92 9.36 -5.51
N THR B 192 48.86 10.66 -5.76
CA THR B 192 48.11 11.58 -4.90
C THR B 192 46.71 11.76 -5.47
N LEU B 193 45.76 10.99 -4.96
CA LEU B 193 44.35 11.25 -5.22
C LEU B 193 43.91 12.47 -4.41
N LEU B 194 43.25 13.42 -5.07
CA LEU B 194 42.73 14.61 -4.41
C LEU B 194 41.26 14.76 -4.76
N TYR B 195 40.43 14.91 -3.73
CA TYR B 195 38.99 15.00 -3.89
C TYR B 195 38.52 16.36 -3.38
N LYS B 196 37.81 17.10 -4.23
CA LYS B 196 37.44 18.47 -3.97
C LYS B 196 35.99 18.68 -4.41
N PRO B 197 35.19 19.40 -3.63
CA PRO B 197 33.82 19.69 -4.08
C PRO B 197 33.81 20.70 -5.22
N ILE B 198 32.85 20.53 -6.11
CA ILE B 198 32.71 21.42 -7.27
C ILE B 198 32.18 22.78 -6.85
N ASN C 4 69.82 -4.99 26.48
CA ASN C 4 68.36 -4.97 26.51
C ASN C 4 67.79 -4.53 25.14
N ASN C 5 67.38 -3.27 25.06
CA ASN C 5 66.82 -2.70 23.85
C ASN C 5 67.85 -1.95 23.02
N SER C 6 69.14 -2.16 23.28
CA SER C 6 70.20 -1.44 22.58
C SER C 6 70.42 -1.94 21.16
N VAL C 7 69.90 -3.11 20.81
CA VAL C 7 70.05 -3.62 19.45
C VAL C 7 68.94 -3.12 18.52
N TYR C 8 67.77 -2.76 19.07
CA TYR C 8 66.70 -2.22 18.26
C TYR C 8 66.69 -0.70 18.22
N THR C 9 67.15 -0.05 19.30
CA THR C 9 67.18 1.41 19.34
C THR C 9 68.22 1.96 18.37
N SER C 10 69.42 1.36 18.34
CA SER C 10 70.43 1.76 17.37
C SER C 10 70.03 1.37 15.96
N PHE C 11 69.24 0.30 15.81
CA PHE C 11 68.70 -0.09 14.51
C PHE C 11 67.76 0.97 13.97
N MET C 12 66.83 1.44 14.80
CA MET C 12 65.88 2.45 14.38
C MET C 12 66.52 3.83 14.25
N LYS C 13 67.61 4.11 14.97
CA LYS C 13 68.31 5.37 14.79
C LYS C 13 69.21 5.35 13.56
N SER C 14 69.71 4.19 13.16
CA SER C 14 70.56 4.13 11.97
C SER C 14 69.72 4.07 10.70
N HIS C 15 68.66 3.27 10.69
CA HIS C 15 67.82 3.14 9.51
C HIS C 15 66.77 4.24 9.49
N ARG C 16 66.72 4.98 8.38
CA ARG C 16 65.82 6.11 8.21
C ARG C 16 64.41 5.64 7.86
N CYS C 17 63.47 6.58 7.96
CA CYS C 17 62.10 6.35 7.51
C CYS C 17 61.98 6.35 5.99
N TYR C 18 63.02 6.82 5.28
CA TYR C 18 63.06 6.79 3.82
C TYR C 18 62.98 5.37 3.27
N ASP C 19 63.53 4.39 4.00
CA ASP C 19 63.41 3.00 3.60
C ASP C 19 62.05 2.41 3.91
N LEU C 20 61.24 3.09 4.74
CA LEU C 20 59.93 2.59 5.12
C LEU C 20 58.89 2.76 4.01
N ILE C 21 59.12 3.66 3.08
CA ILE C 21 58.12 3.94 2.03
C ILE C 21 58.22 2.85 0.97
N PRO C 22 57.09 2.26 0.55
CA PRO C 22 57.13 1.26 -0.54
C PRO C 22 57.46 1.87 -1.91
N THR C 23 57.55 1.02 -2.93
CA THR C 23 57.89 1.49 -4.26
C THR C 23 56.78 2.35 -4.86
N SER C 24 55.55 1.85 -4.86
CA SER C 24 54.39 2.62 -5.26
C SER C 24 53.37 2.63 -4.12
N SER C 25 52.63 3.73 -4.02
CA SER C 25 51.70 3.90 -2.90
C SER C 25 50.58 4.85 -3.32
N LYS C 26 49.35 4.33 -3.33
CA LYS C 26 48.19 5.18 -3.55
C LYS C 26 47.92 6.02 -2.31
N LEU C 27 47.67 7.31 -2.51
CA LEU C 27 47.54 8.26 -1.41
C LEU C 27 46.39 9.20 -1.68
N VAL C 28 45.48 9.33 -0.73
CA VAL C 28 44.32 10.21 -0.87
C VAL C 28 44.52 11.42 0.02
N VAL C 29 44.06 12.58 -0.47
CA VAL C 29 43.91 13.78 0.35
C VAL C 29 42.50 14.33 0.09
N PHE C 30 41.93 14.96 1.10
CA PHE C 30 40.57 15.47 1.03
C PHE C 30 40.59 16.98 1.21
N ASP C 31 39.82 17.68 0.39
CA ASP C 31 39.59 19.11 0.61
C ASP C 31 38.71 19.30 1.83
N THR C 32 39.00 20.36 2.60
CA THR C 32 38.31 20.57 3.86
C THR C 32 36.88 21.08 3.67
N SER C 33 36.57 21.66 2.51
CA SER C 33 35.22 22.11 2.22
C SER C 33 34.36 21.01 1.60
N LEU C 34 34.79 19.76 1.67
CA LEU C 34 34.04 18.64 1.13
C LEU C 34 33.09 18.08 2.19
N GLN C 35 31.94 17.57 1.74
CA GLN C 35 30.98 16.96 2.64
C GLN C 35 31.53 15.66 3.21
N VAL C 36 31.19 15.39 4.47
CA VAL C 36 31.72 14.20 5.16
C VAL C 36 31.03 12.91 4.75
N LYS C 37 29.90 12.98 4.04
CA LYS C 37 29.23 11.76 3.60
C LYS C 37 30.02 11.06 2.50
N LYS C 38 30.48 11.82 1.50
CA LYS C 38 31.18 11.25 0.37
C LYS C 38 32.64 10.95 0.65
N ALA C 39 33.20 11.49 1.74
CA ALA C 39 34.60 11.24 2.07
C ALA C 39 34.81 9.80 2.51
N PHE C 40 33.94 9.29 3.37
CA PHE C 40 34.09 7.90 3.80
C PHE C 40 33.64 6.91 2.73
N PHE C 41 32.75 7.33 1.82
CA PHE C 41 32.46 6.49 0.66
C PHE C 41 33.64 6.44 -0.29
N ALA C 42 34.40 7.52 -0.38
CA ALA C 42 35.65 7.52 -1.14
C ALA C 42 36.72 6.68 -0.46
N LEU C 43 36.73 6.65 0.88
CA LEU C 43 37.63 5.76 1.60
C LEU C 43 37.23 4.30 1.43
N VAL C 44 35.93 4.04 1.25
CA VAL C 44 35.47 2.70 0.87
C VAL C 44 35.97 2.34 -0.53
N THR C 45 35.81 3.26 -1.48
CA THR C 45 36.15 2.99 -2.88
C THR C 45 37.65 2.79 -3.07
N ASN C 46 38.46 3.66 -2.45
CA ASN C 46 39.90 3.53 -2.57
C ASN C 46 40.48 2.47 -1.63
N GLY C 47 39.79 2.17 -0.53
CA GLY C 47 40.20 1.12 0.37
C GLY C 47 41.13 1.54 1.50
N VAL C 48 41.80 2.68 1.37
CA VAL C 48 42.70 3.15 2.41
C VAL C 48 41.91 3.74 3.57
N ARG C 49 42.51 3.68 4.77
CA ARG C 49 41.82 4.04 6.00
C ARG C 49 42.16 5.44 6.50
N ALA C 50 43.03 6.18 5.81
CA ALA C 50 43.44 7.49 6.28
C ALA C 50 43.53 8.46 5.12
N ALA C 51 43.40 9.76 5.44
CA ALA C 51 43.46 10.81 4.45
C ALA C 51 43.96 12.11 5.07
N PRO C 52 45.16 12.56 4.73
CA PRO C 52 45.64 13.86 5.22
C PRO C 52 44.84 15.01 4.62
N LEU C 53 44.21 15.79 5.49
CA LEU C 53 43.33 16.87 5.06
C LEU C 53 44.13 18.07 4.60
N TRP C 54 43.60 18.78 3.61
CA TRP C 54 44.21 19.99 3.08
C TRP C 54 43.20 21.14 3.14
N ASP C 55 43.63 22.27 3.68
CA ASP C 55 42.78 23.45 3.81
C ASP C 55 43.23 24.47 2.76
N SER C 56 42.40 24.65 1.73
CA SER C 56 42.73 25.59 0.66
C SER C 56 42.67 27.04 1.11
N LYS C 57 41.92 27.35 2.17
CA LYS C 57 41.88 28.71 2.69
C LYS C 57 43.10 29.04 3.55
N LYS C 58 43.87 28.03 3.98
CA LYS C 58 45.09 28.25 4.74
C LYS C 58 46.35 27.76 4.04
N GLN C 59 46.21 26.93 2.99
CA GLN C 59 47.33 26.35 2.23
C GLN C 59 48.29 25.57 3.12
N SER C 60 47.73 24.65 3.90
CA SER C 60 48.52 23.82 4.80
C SER C 60 47.74 22.55 5.11
N PHE C 61 48.46 21.51 5.50
CA PHE C 61 47.86 20.25 5.92
C PHE C 61 47.20 20.46 7.28
N VAL C 62 45.87 20.55 7.28
CA VAL C 62 45.16 21.00 8.48
C VAL C 62 44.86 19.87 9.46
N GLY C 63 44.75 18.63 8.99
CA GLY C 63 44.39 17.55 9.90
C GLY C 63 44.30 16.21 9.21
N MET C 64 43.64 15.28 9.90
CA MET C 64 43.55 13.89 9.47
C MET C 64 42.12 13.40 9.69
N LEU C 65 41.55 12.78 8.65
CA LEU C 65 40.21 12.21 8.71
C LEU C 65 40.31 10.69 8.55
N THR C 66 39.83 9.96 9.55
CA THR C 66 40.03 8.51 9.59
C THR C 66 38.76 7.81 10.09
N ILE C 67 38.93 6.51 10.34
CA ILE C 67 37.87 5.64 10.84
C ILE C 67 37.46 6.07 12.23
N THR C 68 38.40 6.58 13.03
CA THR C 68 38.05 7.10 14.36
C THR C 68 37.13 8.31 14.26
N ASP C 69 37.37 9.18 13.27
CA ASP C 69 36.46 10.28 13.01
C ASP C 69 35.10 9.78 12.50
N PHE C 70 35.09 8.67 11.76
CA PHE C 70 33.82 8.05 11.37
C PHE C 70 33.05 7.56 12.60
N ILE C 71 33.77 6.97 13.57
CA ILE C 71 33.16 6.51 14.82
C ILE C 71 32.60 7.70 15.61
N ASN C 72 33.37 8.80 15.68
CA ASN C 72 32.93 9.96 16.44
C ASN C 72 31.71 10.62 15.79
N ILE C 73 31.66 10.68 14.47
CA ILE C 73 30.50 11.33 13.86
C ILE C 73 29.26 10.42 13.91
N LEU C 74 29.42 9.10 13.78
CA LEU C 74 28.27 8.21 13.91
C LEU C 74 27.93 7.89 15.35
N HIS C 75 28.71 8.37 16.32
CA HIS C 75 28.27 8.34 17.71
C HIS C 75 27.59 9.64 18.10
N ARG C 76 28.09 10.78 17.64
CA ARG C 76 27.51 12.05 18.02
C ARG C 76 26.25 12.36 17.20
N TYR C 77 26.39 12.49 15.89
CA TYR C 77 25.26 12.93 15.06
C TYR C 77 24.47 11.75 14.51
N TYR C 78 24.05 10.85 15.40
CA TYR C 78 23.19 9.72 15.05
C TYR C 78 22.10 9.63 16.10
N LYS C 79 20.86 9.89 15.69
CA LYS C 79 19.74 9.97 16.61
C LYS C 79 18.92 8.68 16.65
N SER C 80 18.45 8.20 15.51
CA SER C 80 17.62 7.01 15.46
C SER C 80 17.83 6.28 14.15
N ALA C 81 17.51 4.98 14.15
CA ALA C 81 17.58 4.20 12.93
C ALA C 81 16.47 4.58 11.96
N LEU C 82 15.28 4.90 12.48
CA LEU C 82 14.18 5.30 11.63
C LEU C 82 14.39 6.70 11.06
N VAL C 83 14.94 7.60 11.87
CA VAL C 83 15.24 8.95 11.41
C VAL C 83 16.41 8.90 10.45
N GLN C 84 16.27 9.55 9.29
CA GLN C 84 17.37 9.67 8.36
C GLN C 84 18.45 10.56 8.95
N ILE C 85 19.71 10.19 8.68
CA ILE C 85 20.85 10.91 9.26
C ILE C 85 21.14 12.10 8.36
N TYR C 86 20.47 13.23 8.66
CA TYR C 86 20.63 14.43 7.86
C TYR C 86 21.96 15.11 8.12
N GLU C 87 22.52 14.93 9.32
CA GLU C 87 23.73 15.65 9.71
C GLU C 87 24.95 15.17 8.94
N LEU C 88 25.00 13.87 8.62
CA LEU C 88 26.11 13.34 7.83
C LEU C 88 26.04 13.85 6.40
N GLU C 89 24.84 14.13 5.90
CA GLU C 89 24.70 14.73 4.57
C GLU C 89 25.09 16.20 4.60
N GLU C 90 24.57 16.97 5.56
CA GLU C 90 24.70 18.42 5.49
C GLU C 90 26.05 18.93 6.02
N HIS C 91 26.67 18.22 6.97
CA HIS C 91 27.95 18.70 7.50
C HIS C 91 29.08 18.47 6.51
N LYS C 92 30.06 19.37 6.57
CA LYS C 92 31.30 19.27 5.82
C LYS C 92 32.45 19.06 6.79
N ILE C 93 33.66 18.85 6.24
CA ILE C 93 34.83 18.59 7.07
C ILE C 93 35.21 19.83 7.86
N GLU C 94 35.19 21.00 7.21
CA GLU C 94 35.45 22.26 7.89
C GLU C 94 34.38 22.57 8.94
N THR C 95 33.14 22.20 8.66
CA THR C 95 32.07 22.42 9.64
C THR C 95 32.18 21.47 10.82
N TRP C 96 32.52 20.19 10.55
CA TRP C 96 32.54 19.20 11.61
C TRP C 96 33.78 19.30 12.49
N ARG C 97 34.92 19.69 11.92
CA ARG C 97 36.14 19.75 12.74
C ARG C 97 36.15 20.94 13.69
N GLU C 98 35.44 22.01 13.36
CA GLU C 98 35.32 23.12 14.29
C GLU C 98 34.42 22.78 15.47
N VAL C 99 33.51 21.82 15.30
CA VAL C 99 32.71 21.35 16.41
C VAL C 99 33.46 20.30 17.22
N TYR C 100 34.14 19.37 16.54
CA TYR C 100 34.78 18.26 17.23
C TYR C 100 36.08 18.66 17.91
N LEU C 101 36.83 19.60 17.33
CA LEU C 101 38.09 20.08 17.90
C LEU C 101 37.90 21.37 18.68
N GLN C 102 36.76 21.53 19.35
CA GLN C 102 36.50 22.74 20.13
C GLN C 102 37.33 22.74 21.40
N ASP C 103 37.37 21.62 22.11
CA ASP C 103 38.11 21.54 23.37
C ASP C 103 39.57 21.13 23.20
N SER C 104 39.86 20.27 22.22
CA SER C 104 41.22 19.77 21.98
C SER C 104 41.73 20.36 20.68
N PHE C 105 42.75 21.21 20.78
CA PHE C 105 43.41 21.79 19.62
C PHE C 105 44.68 20.99 19.36
N LYS C 106 44.61 20.09 18.38
CA LYS C 106 45.73 19.19 18.06
C LYS C 106 46.13 19.37 16.60
N PRO C 107 47.24 20.03 16.31
CA PRO C 107 47.66 20.21 14.92
C PRO C 107 48.23 18.91 14.35
N LEU C 108 48.45 18.93 13.03
CA LEU C 108 48.94 17.76 12.32
C LEU C 108 50.41 17.52 12.66
N VAL C 109 50.70 16.34 13.21
CA VAL C 109 52.07 15.93 13.48
C VAL C 109 52.55 15.07 12.32
N CYS C 110 53.83 15.18 11.99
CA CYS C 110 54.43 14.45 10.88
C CYS C 110 55.90 14.29 11.16
N ILE C 111 56.64 13.80 10.16
CA ILE C 111 58.08 13.61 10.27
C ILE C 111 58.68 13.69 8.87
N SER C 112 59.88 14.26 8.78
CA SER C 112 60.63 14.25 7.53
C SER C 112 61.03 12.82 7.18
N PRO C 113 61.03 12.45 5.90
CA PRO C 113 61.47 11.11 5.52
C PRO C 113 62.97 10.89 5.67
N ASN C 114 63.76 11.97 5.76
CA ASN C 114 65.18 11.87 6.04
C ASN C 114 65.48 11.66 7.52
N ALA C 115 64.47 11.76 8.38
CA ALA C 115 64.67 11.54 9.81
C ALA C 115 64.70 10.04 10.12
N SER C 116 64.97 9.72 11.38
CA SER C 116 65.11 8.33 11.80
C SER C 116 63.76 7.72 12.14
N LEU C 117 63.71 6.39 12.09
CA LEU C 117 62.52 5.64 12.48
C LEU C 117 62.26 5.71 13.98
N PHE C 118 63.32 5.95 14.78
CA PHE C 118 63.17 6.09 16.23
C PHE C 118 62.28 7.27 16.58
N ASP C 119 62.46 8.41 15.90
CA ASP C 119 61.62 9.58 16.14
C ASP C 119 60.20 9.34 15.63
N ALA C 120 60.04 8.52 14.58
CA ALA C 120 58.71 8.17 14.08
C ALA C 120 57.95 7.32 15.09
N VAL C 121 58.62 6.34 15.69
CA VAL C 121 57.99 5.50 16.71
C VAL C 121 57.70 6.32 17.97
N SER C 122 58.62 7.21 18.34
CA SER C 122 58.42 8.06 19.52
C SER C 122 57.38 9.15 19.28
N SER C 123 57.03 9.44 18.03
CA SER C 123 55.92 10.33 17.74
C SER C 123 54.60 9.60 17.55
N LEU C 124 54.65 8.32 17.17
CA LEU C 124 53.44 7.50 17.14
C LEU C 124 52.95 7.19 18.55
N ILE C 125 53.86 6.79 19.44
CA ILE C 125 53.43 6.31 20.75
C ILE C 125 53.04 7.48 21.67
N ARG C 126 53.78 8.58 21.62
CA ARG C 126 53.53 9.69 22.53
C ARG C 126 52.24 10.43 22.20
N ASN C 127 51.96 10.62 20.92
CA ASN C 127 50.77 11.34 20.51
C ASN C 127 49.51 10.48 20.48
N LYS C 128 49.64 9.18 20.77
CA LYS C 128 48.55 8.19 20.71
C LYS C 128 47.88 8.18 19.34
N ILE C 129 48.71 8.13 18.30
CA ILE C 129 48.28 8.18 16.91
C ILE C 129 48.76 6.90 16.23
N HIS C 130 47.87 6.23 15.52
CA HIS C 130 48.26 5.04 14.76
C HIS C 130 48.94 5.42 13.44
N ARG C 131 48.41 6.43 12.75
CA ARG C 131 48.83 6.76 11.39
C ARG C 131 49.24 8.22 11.32
N LEU C 132 50.53 8.48 11.17
CA LEU C 132 50.99 9.81 10.81
C LEU C 132 51.72 9.79 9.47
N PRO C 133 51.49 10.76 8.62
CA PRO C 133 52.13 10.78 7.30
C PRO C 133 53.55 11.34 7.40
N VAL C 134 54.23 11.35 6.26
CA VAL C 134 55.55 11.97 6.13
C VAL C 134 55.43 13.14 5.16
N ILE C 135 56.17 14.22 5.45
CA ILE C 135 56.17 15.43 4.62
C ILE C 135 57.62 15.82 4.38
N ASP C 136 58.02 15.87 3.11
CA ASP C 136 59.37 16.29 2.75
C ASP C 136 59.49 17.80 2.92
N PRO C 137 60.41 18.30 3.77
CA PRO C 137 60.48 19.74 4.02
C PRO C 137 61.08 20.54 2.88
N GLU C 138 61.75 19.90 1.92
CA GLU C 138 62.29 20.62 0.78
C GLU C 138 61.19 20.99 -0.22
N SER C 139 60.29 20.04 -0.51
CA SER C 139 59.19 20.28 -1.43
C SER C 139 57.93 20.75 -0.69
N GLY C 140 57.45 19.94 0.25
CA GLY C 140 56.24 20.24 0.98
C GLY C 140 55.14 19.21 0.82
N ASN C 141 55.33 18.19 -0.02
CA ASN C 141 54.28 17.24 -0.32
C ASN C 141 54.29 16.07 0.65
N THR C 142 53.16 15.36 0.70
CA THR C 142 53.02 14.15 1.50
C THR C 142 53.27 12.92 0.63
N LEU C 143 53.96 11.94 1.20
CA LEU C 143 54.43 10.79 0.45
C LEU C 143 53.72 9.49 0.81
N TYR C 144 53.63 9.17 2.11
CA TYR C 144 53.11 7.88 2.53
C TYR C 144 52.61 8.01 3.96
N ILE C 145 51.63 7.17 4.30
CA ILE C 145 51.02 7.15 5.62
C ILE C 145 51.60 5.95 6.37
N LEU C 146 52.44 6.23 7.37
CA LEU C 146 53.09 5.16 8.12
C LEU C 146 52.11 4.47 9.06
N THR C 147 52.37 3.19 9.31
CA THR C 147 51.54 2.36 10.15
C THR C 147 52.47 1.50 11.00
N HIS C 148 52.01 1.12 12.19
CA HIS C 148 52.77 0.21 13.05
C HIS C 148 53.00 -1.14 12.37
N LYS C 149 52.00 -1.60 11.59
CA LYS C 149 52.12 -2.86 10.88
C LYS C 149 53.22 -2.81 9.83
N ARG C 150 53.35 -1.69 9.13
CA ARG C 150 54.42 -1.53 8.14
C ARG C 150 55.79 -1.47 8.82
N ILE C 151 55.84 -0.92 10.03
CA ILE C 151 57.11 -0.87 10.77
C ILE C 151 57.52 -2.28 11.22
N LEU C 152 56.57 -3.09 11.69
CA LEU C 152 56.95 -4.45 12.06
C LEU C 152 57.24 -5.33 10.85
N LYS C 153 56.60 -5.07 9.69
CA LYS C 153 56.99 -5.78 8.48
C LYS C 153 58.38 -5.36 8.01
N PHE C 154 58.77 -4.11 8.25
CA PHE C 154 60.13 -3.69 7.94
C PHE C 154 61.13 -4.27 8.93
N LEU C 155 60.72 -4.48 10.17
CA LEU C 155 61.63 -5.02 11.20
C LEU C 155 61.85 -6.52 11.02
N LYS C 156 60.77 -7.30 10.84
CA LYS C 156 60.85 -8.75 10.84
C LYS C 156 61.64 -9.29 9.65
N LEU C 157 61.65 -8.56 8.53
CA LEU C 157 62.51 -8.93 7.42
C LEU C 157 63.99 -8.73 7.72
N PHE C 158 64.31 -7.88 8.70
CA PHE C 158 65.70 -7.60 9.05
C PHE C 158 66.11 -8.17 10.40
N ILE C 159 65.25 -8.93 11.07
CA ILE C 159 65.65 -9.67 12.27
C ILE C 159 66.09 -11.05 11.79
N THR C 160 67.38 -11.16 11.47
CA THR C 160 67.97 -12.43 11.08
C THR C 160 69.36 -12.63 11.66
N GLU C 161 69.86 -11.70 12.48
CA GLU C 161 71.20 -11.77 13.03
C GLU C 161 71.27 -12.79 14.17
N PHE C 162 72.48 -12.96 14.71
CA PHE C 162 72.66 -13.91 15.81
C PHE C 162 72.02 -13.45 17.13
N PRO C 163 72.24 -12.20 17.64
CA PRO C 163 71.60 -11.94 18.96
C PRO C 163 70.12 -11.56 18.86
N LYS C 164 69.30 -12.55 18.54
CA LYS C 164 67.85 -12.37 18.61
C LYS C 164 67.28 -12.50 20.03
N PRO C 165 67.59 -13.58 20.84
CA PRO C 165 66.83 -13.63 22.12
C PRO C 165 67.47 -12.87 23.27
N GLU C 166 67.38 -11.54 23.25
CA GLU C 166 67.68 -10.77 24.45
C GLU C 166 66.59 -10.97 25.49
N PHE C 167 65.36 -10.59 25.15
CA PHE C 167 64.19 -10.84 25.99
C PHE C 167 63.09 -11.57 25.22
N MET C 168 63.38 -12.02 24.01
CA MET C 168 62.37 -12.72 23.21
C MET C 168 62.08 -14.11 23.76
N SER C 169 63.06 -14.73 24.42
CA SER C 169 62.87 -16.06 24.98
C SER C 169 62.03 -16.03 26.27
N LYS C 170 61.86 -14.88 26.88
CA LYS C 170 61.05 -14.78 28.10
C LYS C 170 59.56 -14.88 27.75
N SER C 171 58.78 -15.24 28.77
CA SER C 171 57.35 -15.41 28.58
C SER C 171 56.65 -14.06 28.51
N LEU C 172 55.41 -14.08 28.03
CA LEU C 172 54.64 -12.85 27.86
C LEU C 172 54.17 -12.28 29.19
N GLU C 173 53.87 -13.16 30.16
CA GLU C 173 53.35 -12.70 31.45
C GLU C 173 54.43 -12.00 32.27
N GLU C 174 55.68 -12.50 32.20
CA GLU C 174 56.74 -11.93 33.01
C GLU C 174 57.23 -10.58 32.45
N LEU C 175 57.05 -10.35 31.16
CA LEU C 175 57.49 -9.10 30.55
C LEU C 175 56.49 -7.97 30.70
N GLN C 176 55.24 -8.29 31.08
CA GLN C 176 54.15 -7.33 31.29
C GLN C 176 53.87 -6.54 30.01
N ILE C 177 53.83 -7.25 28.89
CA ILE C 177 53.54 -6.65 27.59
C ILE C 177 52.04 -6.75 27.33
N GLY C 178 51.40 -5.62 27.12
CA GLY C 178 49.98 -5.62 26.85
C GLY C 178 49.17 -5.15 28.05
N THR C 179 48.00 -4.57 27.77
CA THR C 179 47.10 -4.14 28.83
C THR C 179 46.30 -5.34 29.33
N TYR C 180 46.31 -5.53 30.67
CA TYR C 180 45.59 -6.63 31.28
C TYR C 180 44.54 -6.21 32.29
N ALA C 181 44.62 -5.01 32.84
CA ALA C 181 43.74 -4.62 33.93
C ALA C 181 42.36 -4.22 33.43
N ASN C 182 42.28 -3.17 32.62
CA ASN C 182 41.01 -2.63 32.15
C ASN C 182 40.80 -3.10 30.72
N ILE C 183 39.97 -4.12 30.56
CA ILE C 183 39.66 -4.70 29.25
C ILE C 183 38.24 -4.31 28.86
N ALA C 184 38.08 -3.82 27.64
CA ALA C 184 36.76 -3.48 27.09
C ALA C 184 36.22 -4.65 26.29
N MET C 185 35.02 -5.10 26.65
CA MET C 185 34.39 -6.24 25.99
C MET C 185 32.93 -5.92 25.68
N VAL C 186 32.40 -6.63 24.69
CA VAL C 186 30.98 -6.58 24.33
C VAL C 186 30.48 -8.00 24.11
N ARG C 187 29.20 -8.21 24.41
CA ARG C 187 28.57 -9.48 24.11
C ARG C 187 28.22 -9.55 22.61
N THR C 188 27.92 -10.75 22.15
CA THR C 188 27.54 -10.94 20.76
C THR C 188 26.12 -10.46 20.45
N THR C 189 25.31 -10.20 21.48
CA THR C 189 23.97 -9.65 21.30
C THR C 189 23.93 -8.14 21.45
N THR C 190 25.07 -7.50 21.73
CA THR C 190 25.09 -6.06 21.89
C THR C 190 24.98 -5.37 20.54
N PRO C 191 24.26 -4.25 20.46
CA PRO C 191 24.14 -3.52 19.19
C PRO C 191 25.44 -2.81 18.82
N VAL C 192 25.42 -2.23 17.61
CA VAL C 192 26.59 -1.52 17.10
C VAL C 192 26.83 -0.23 17.89
N TYR C 193 25.77 0.44 18.34
CA TYR C 193 25.90 1.77 18.93
C TYR C 193 26.59 1.74 20.29
N VAL C 194 26.40 0.67 21.07
CA VAL C 194 27.12 0.60 22.34
C VAL C 194 28.61 0.31 22.10
N ALA C 195 28.94 -0.38 21.01
CA ALA C 195 30.34 -0.54 20.62
C ALA C 195 30.93 0.78 20.16
N LEU C 196 30.13 1.62 19.49
CA LEU C 196 30.57 2.95 19.13
C LEU C 196 30.78 3.81 20.37
N GLY C 197 29.91 3.66 21.36
CA GLY C 197 30.07 4.39 22.61
C GLY C 197 31.29 3.97 23.39
N ILE C 198 31.64 2.68 23.34
CA ILE C 198 32.87 2.23 23.99
C ILE C 198 34.10 2.71 23.21
N PHE C 199 34.00 2.74 21.87
CA PHE C 199 35.08 3.28 21.04
C PHE C 199 35.29 4.78 21.26
N VAL C 200 34.25 5.51 21.67
CA VAL C 200 34.39 6.94 21.92
C VAL C 200 34.80 7.22 23.36
N GLN C 201 34.28 6.44 24.31
CA GLN C 201 34.63 6.63 25.72
C GLN C 201 36.07 6.20 25.99
N HIS C 202 36.43 4.98 25.59
CA HIS C 202 37.81 4.53 25.68
C HIS C 202 38.56 4.98 24.43
N ARG C 203 39.86 4.69 24.40
CA ARG C 203 40.70 4.93 23.24
C ARG C 203 41.14 3.62 22.58
N VAL C 204 40.31 2.59 22.72
CA VAL C 204 40.62 1.24 22.25
C VAL C 204 40.41 1.17 20.74
N SER C 205 40.90 0.11 20.11
CA SER C 205 40.80 -0.03 18.67
C SER C 205 40.06 -1.29 18.23
N ALA C 206 39.69 -2.17 19.15
CA ALA C 206 38.99 -3.41 18.79
C ALA C 206 38.21 -3.92 19.99
N LEU C 207 37.14 -4.66 19.71
CA LEU C 207 36.32 -5.29 20.74
C LEU C 207 36.15 -6.77 20.40
N PRO C 208 36.86 -7.67 21.10
CA PRO C 208 36.61 -9.11 20.93
C PRO C 208 35.30 -9.51 21.60
N VAL C 209 34.37 -10.01 20.80
CA VAL C 209 33.06 -10.36 21.33
C VAL C 209 33.14 -11.68 22.08
N VAL C 210 32.29 -11.81 23.11
CA VAL C 210 32.23 -13.02 23.93
C VAL C 210 30.77 -13.44 24.05
N ASP C 211 30.58 -14.68 24.51
CA ASP C 211 29.25 -15.21 24.77
C ASP C 211 28.88 -14.93 26.24
N GLU C 212 27.84 -15.59 26.73
CA GLU C 212 27.45 -15.44 28.13
C GLU C 212 28.49 -16.04 29.07
N LYS C 213 29.22 -17.07 28.62
CA LYS C 213 30.28 -17.64 29.43
C LYS C 213 31.53 -16.77 29.40
N GLY C 214 31.90 -16.29 28.21
CA GLY C 214 33.10 -15.48 28.07
C GLY C 214 34.02 -15.99 26.97
N ARG C 215 33.56 -16.98 26.22
CA ARG C 215 34.36 -17.56 25.15
C ARG C 215 34.32 -16.67 23.91
N VAL C 216 35.48 -16.44 23.32
CA VAL C 216 35.58 -15.61 22.12
C VAL C 216 35.17 -16.45 20.91
N VAL C 217 34.21 -15.93 20.14
CA VAL C 217 33.76 -16.63 18.94
C VAL C 217 34.09 -15.83 17.69
N ASP C 218 34.14 -14.50 17.82
CA ASP C 218 34.49 -13.60 16.72
C ASP C 218 35.26 -12.42 17.30
N ILE C 219 35.59 -11.47 16.43
CA ILE C 219 36.24 -10.24 16.86
C ILE C 219 35.63 -9.08 16.06
N TYR C 220 35.43 -7.95 16.74
CA TYR C 220 34.84 -6.76 16.14
C TYR C 220 35.85 -5.63 16.23
N SER C 221 36.36 -5.20 15.09
CA SER C 221 37.36 -4.14 15.02
C SER C 221 36.79 -2.92 14.31
N LYS C 222 37.55 -1.82 14.37
CA LYS C 222 37.13 -0.58 13.74
C LYS C 222 37.15 -0.68 12.22
N PHE C 223 38.01 -1.55 11.68
CA PHE C 223 38.01 -1.79 10.23
C PHE C 223 36.71 -2.40 9.74
N ASP C 224 36.05 -3.19 10.58
CA ASP C 224 34.77 -3.80 10.21
C ASP C 224 33.65 -2.79 10.13
N VAL C 225 33.80 -1.60 10.73
CA VAL C 225 32.74 -0.61 10.76
C VAL C 225 32.54 0.03 9.39
N ILE C 226 33.61 0.16 8.60
CA ILE C 226 33.53 0.86 7.32
C ILE C 226 32.75 0.06 6.28
N ASN C 227 32.59 -1.26 6.48
CA ASN C 227 31.76 -2.03 5.57
C ASN C 227 30.28 -1.73 5.76
N LEU C 228 29.88 -1.24 6.94
CA LEU C 228 28.51 -0.78 7.13
C LEU C 228 28.22 0.44 6.27
N ALA C 229 29.20 1.34 6.13
CA ALA C 229 29.07 2.45 5.19
C ALA C 229 29.18 1.97 3.76
N ALA C 230 29.92 0.88 3.52
CA ALA C 230 30.06 0.34 2.17
C ALA C 230 28.74 -0.23 1.65
N GLU C 231 28.03 -1.00 2.47
CA GLU C 231 26.76 -1.58 2.06
C GLU C 231 25.57 -0.71 2.44
N LYS C 232 25.82 0.57 2.75
CA LYS C 232 24.79 1.59 3.02
C LYS C 232 23.90 1.25 4.21
N THR C 233 24.44 0.49 5.18
CA THR C 233 23.73 0.20 6.42
C THR C 233 24.23 1.06 7.57
N TYR C 234 24.77 2.24 7.26
CA TYR C 234 25.22 3.18 8.29
C TYR C 234 24.07 3.84 9.02
N ASN C 235 22.86 3.81 8.46
CA ASN C 235 21.69 4.36 9.13
C ASN C 235 21.06 3.37 10.10
N ASN C 236 21.30 2.08 9.93
CA ASN C 236 20.78 1.04 10.82
C ASN C 236 21.94 0.58 11.70
N LEU C 237 22.11 1.23 12.85
CA LEU C 237 23.15 0.90 13.80
C LEU C 237 22.59 0.19 15.03
N ASP C 238 21.36 -0.32 14.95
CA ASP C 238 20.72 -1.00 16.06
C ASP C 238 20.77 -2.51 15.94
N VAL C 239 21.30 -3.04 14.83
CA VAL C 239 21.46 -4.48 14.71
C VAL C 239 22.62 -4.95 15.58
N SER C 240 22.63 -6.25 15.87
CA SER C 240 23.67 -6.82 16.71
C SER C 240 25.00 -6.88 15.97
N VAL C 241 26.07 -7.12 16.73
CA VAL C 241 27.40 -7.20 16.13
C VAL C 241 27.60 -8.48 15.34
N THR C 242 26.79 -9.52 15.60
CA THR C 242 26.90 -10.75 14.82
C THR C 242 26.43 -10.53 13.39
N LYS C 243 25.33 -9.80 13.20
CA LYS C 243 24.89 -9.45 11.86
C LYS C 243 25.82 -8.44 11.21
N ALA C 244 26.56 -7.66 11.99
CA ALA C 244 27.58 -6.77 11.44
C ALA C 244 28.88 -7.49 11.12
N LEU C 245 29.08 -8.71 11.64
CA LEU C 245 30.24 -9.52 11.32
C LEU C 245 29.93 -10.66 10.37
N GLN C 246 28.66 -10.84 9.97
CA GLN C 246 28.31 -11.77 8.91
C GLN C 246 28.72 -11.29 7.51
N HIS C 247 29.31 -10.10 7.39
CA HIS C 247 29.77 -9.61 6.09
C HIS C 247 30.95 -10.41 5.55
N ARG C 248 31.78 -10.95 6.45
CA ARG C 248 33.02 -11.64 6.07
C ARG C 248 33.02 -13.10 6.51
N SER C 249 31.84 -13.64 6.85
CA SER C 249 31.75 -14.99 7.43
C SER C 249 32.15 -16.10 6.46
N HIS C 250 32.14 -15.83 5.16
CA HIS C 250 32.60 -16.78 4.16
C HIS C 250 34.10 -16.70 3.90
N TYR C 251 34.84 -15.90 4.68
CA TYR C 251 36.21 -15.64 4.29
C TYR C 251 37.24 -15.94 5.39
N PHE C 252 36.92 -15.64 6.65
CA PHE C 252 37.94 -15.73 7.68
C PHE C 252 38.00 -17.15 8.26
N GLU C 253 39.01 -17.38 9.10
CA GLU C 253 39.21 -18.67 9.75
C GLU C 253 38.71 -18.65 11.19
N GLY C 254 39.24 -17.73 12.00
CA GLY C 254 38.83 -17.64 13.39
C GLY C 254 39.38 -16.42 14.10
N VAL C 255 39.73 -16.57 15.37
CA VAL C 255 40.29 -15.50 16.18
C VAL C 255 41.72 -15.87 16.56
N LEU C 256 42.65 -14.98 16.25
CA LEU C 256 44.08 -15.22 16.49
C LEU C 256 44.37 -15.05 17.98
N LYS C 257 44.15 -16.12 18.73
CA LYS C 257 44.37 -16.11 20.16
C LYS C 257 45.76 -16.66 20.50
N CYS C 258 46.35 -16.11 21.55
CA CYS C 258 47.65 -16.55 22.05
C CYS C 258 47.54 -16.81 23.56
N TYR C 259 48.63 -17.27 24.15
CA TYR C 259 48.67 -17.63 25.56
C TYR C 259 49.72 -16.82 26.29
N LEU C 260 49.60 -16.79 27.63
CA LEU C 260 50.52 -16.02 28.45
C LEU C 260 51.87 -16.67 28.60
N HIS C 261 51.97 -17.99 28.42
CA HIS C 261 53.22 -18.71 28.55
C HIS C 261 53.97 -18.86 27.23
N GLU C 262 53.73 -17.97 26.28
CA GLU C 262 54.30 -18.04 24.95
C GLU C 262 55.38 -16.98 24.80
N THR C 263 56.46 -17.34 24.10
CA THR C 263 57.54 -16.41 23.84
C THR C 263 57.09 -15.29 22.91
N LEU C 264 57.78 -14.14 23.01
CA LEU C 264 57.36 -12.96 22.27
C LEU C 264 57.64 -13.09 20.77
N GLU C 265 58.73 -13.76 20.40
CA GLU C 265 59.10 -13.84 18.99
C GLU C 265 58.13 -14.71 18.18
N THR C 266 57.52 -15.72 18.81
CA THR C 266 56.51 -16.51 18.12
C THR C 266 55.22 -15.71 17.94
N ILE C 267 54.91 -14.84 18.91
CA ILE C 267 53.76 -13.95 18.79
C ILE C 267 53.98 -12.94 17.68
N ILE C 268 55.20 -12.42 17.56
CA ILE C 268 55.52 -11.48 16.48
C ILE C 268 55.49 -12.18 15.11
N ASN C 269 55.96 -13.43 15.07
CA ASN C 269 55.98 -14.18 13.80
C ASN C 269 54.57 -14.59 13.37
N ARG C 270 53.66 -14.83 14.32
CA ARG C 270 52.27 -15.06 13.97
C ARG C 270 51.51 -13.76 13.69
N LEU C 271 52.00 -12.64 14.23
CA LEU C 271 51.37 -11.34 14.04
C LEU C 271 51.66 -10.76 12.66
N VAL C 272 52.92 -10.72 12.27
CA VAL C 272 53.27 -10.08 11.01
C VAL C 272 52.94 -10.95 9.80
N GLU C 273 52.72 -12.24 10.00
CA GLU C 273 52.38 -13.12 8.89
C GLU C 273 50.89 -13.07 8.56
N ALA C 274 50.05 -12.82 9.56
CA ALA C 274 48.60 -12.84 9.38
C ALA C 274 48.02 -11.44 9.21
N GLU C 275 48.88 -10.43 9.06
CA GLU C 275 48.55 -9.01 8.74
C GLU C 275 47.43 -8.43 9.62
N VAL C 276 47.55 -8.65 10.92
CA VAL C 276 46.60 -8.08 11.88
C VAL C 276 47.33 -7.10 12.78
N HIS C 277 46.59 -6.48 13.71
CA HIS C 277 47.12 -5.41 14.56
C HIS C 277 47.25 -5.82 16.03
N ARG C 278 46.40 -6.72 16.51
CA ARG C 278 46.44 -7.08 17.92
C ARG C 278 46.01 -8.54 18.09
N LEU C 279 46.43 -9.11 19.22
CA LEU C 279 46.03 -10.45 19.63
C LEU C 279 45.44 -10.40 21.03
N VAL C 280 44.51 -11.31 21.28
CA VAL C 280 43.95 -11.51 22.62
C VAL C 280 44.70 -12.64 23.30
N VAL C 281 44.83 -12.54 24.62
CA VAL C 281 45.39 -13.61 25.43
C VAL C 281 44.25 -14.38 26.07
N VAL C 282 44.38 -15.72 26.07
CA VAL C 282 43.34 -16.61 26.55
C VAL C 282 43.99 -17.68 27.43
N ASP C 283 43.15 -18.56 27.95
CA ASP C 283 43.55 -19.75 28.70
C ASP C 283 42.97 -20.99 28.01
N GLU C 284 43.05 -22.13 28.69
CA GLU C 284 42.40 -23.34 28.20
C GLU C 284 40.88 -23.23 28.22
N ASN C 285 40.31 -22.34 29.04
CA ASN C 285 38.88 -22.10 29.07
C ASN C 285 38.45 -20.96 28.16
N ASP C 286 39.41 -20.34 27.45
CA ASP C 286 39.16 -19.40 26.35
C ASP C 286 38.45 -18.12 26.85
N VAL C 287 38.86 -17.63 28.01
CA VAL C 287 38.34 -16.38 28.55
C VAL C 287 39.32 -15.27 28.24
N VAL C 288 38.82 -14.04 28.26
CA VAL C 288 39.63 -12.87 27.93
C VAL C 288 40.44 -12.45 29.14
N LYS C 289 41.76 -12.34 28.98
CA LYS C 289 42.64 -11.83 30.00
C LYS C 289 43.32 -10.52 29.64
N GLY C 290 43.16 -10.04 28.43
CA GLY C 290 43.81 -8.81 28.00
C GLY C 290 44.06 -8.84 26.50
N ILE C 291 44.57 -7.72 26.00
CA ILE C 291 44.91 -7.55 24.60
C ILE C 291 46.30 -6.94 24.49
N VAL C 292 47.18 -7.60 23.75
CA VAL C 292 48.47 -7.04 23.39
C VAL C 292 48.34 -6.38 22.02
N SER C 293 48.87 -5.16 21.90
CA SER C 293 48.76 -4.37 20.69
C SER C 293 50.14 -3.91 20.24
N LEU C 294 50.19 -3.31 19.05
CA LEU C 294 51.46 -2.84 18.51
C LEU C 294 51.96 -1.60 19.23
N SER C 295 51.07 -0.80 19.79
CA SER C 295 51.47 0.40 20.53
C SER C 295 52.11 0.08 21.87
N ASP C 296 52.00 -1.15 22.34
CA ASP C 296 52.70 -1.59 23.54
C ASP C 296 53.93 -2.43 23.24
N ILE C 297 53.91 -3.19 22.14
CA ILE C 297 55.09 -3.92 21.72
C ILE C 297 56.19 -2.95 21.28
N LEU C 298 55.82 -1.94 20.49
CA LEU C 298 56.80 -0.92 20.13
C LEU C 298 57.15 -0.01 21.31
N GLN C 299 56.26 0.09 22.31
CA GLN C 299 56.62 0.78 23.55
C GLN C 299 57.69 0.03 24.32
N ALA C 300 57.59 -1.31 24.35
CA ALA C 300 58.63 -2.12 24.98
C ALA C 300 59.93 -2.07 24.17
N LEU C 301 59.82 -2.03 22.84
CA LEU C 301 61.02 -2.00 22.01
C LEU C 301 61.72 -0.65 22.04
N VAL C 302 60.97 0.45 22.16
CA VAL C 302 61.55 1.78 22.05
C VAL C 302 62.36 2.15 23.29
N LEU C 303 62.09 1.52 24.43
CA LEU C 303 62.84 1.77 25.66
C LEU C 303 64.25 1.21 25.59
N GLY D 7 -33.52 -11.12 16.69
CA GLY D 7 -34.33 -11.95 17.58
C GLY D 7 -33.94 -13.41 17.55
N LYS D 8 -32.66 -13.67 17.29
CA LYS D 8 -32.15 -15.04 17.24
C LYS D 8 -30.87 -15.16 18.05
N LEU D 9 -30.21 -16.32 17.97
CA LEU D 9 -28.96 -16.56 18.67
C LEU D 9 -27.87 -16.88 17.65
N VAL D 10 -26.74 -16.18 17.76
CA VAL D 10 -25.59 -16.38 16.89
C VAL D 10 -24.42 -16.83 17.75
N ILE D 11 -23.86 -17.99 17.42
CA ILE D 11 -22.78 -18.60 18.19
C ILE D 11 -21.51 -18.55 17.37
N TRP D 12 -20.44 -18.04 17.98
CA TRP D 12 -19.10 -18.11 17.40
C TRP D 12 -18.23 -18.99 18.27
N ILE D 13 -17.64 -20.02 17.66
CA ILE D 13 -16.70 -20.91 18.33
C ILE D 13 -15.58 -21.19 17.32
N ASN D 14 -14.41 -21.57 17.83
CA ASN D 14 -13.24 -21.80 16.99
C ASN D 14 -13.47 -22.98 16.05
N GLY D 15 -12.78 -22.94 14.90
CA GLY D 15 -13.00 -23.91 13.84
C GLY D 15 -12.60 -25.33 14.18
N ASP D 16 -11.71 -25.50 15.15
CA ASP D 16 -11.30 -26.82 15.60
C ASP D 16 -12.18 -27.36 16.73
N LYS D 17 -13.34 -26.77 16.96
CA LYS D 17 -14.27 -27.20 17.99
C LYS D 17 -15.48 -27.89 17.35
N GLY D 18 -16.33 -28.45 18.21
CA GLY D 18 -17.51 -29.17 17.77
C GLY D 18 -18.70 -28.26 17.48
N TYR D 19 -18.67 -27.57 16.35
CA TYR D 19 -19.73 -26.64 16.00
C TYR D 19 -21.00 -27.35 15.53
N ASN D 20 -20.89 -28.58 15.00
CA ASN D 20 -22.08 -29.29 14.56
C ASN D 20 -22.91 -29.79 15.73
N GLY D 21 -22.27 -30.11 16.86
CA GLY D 21 -23.02 -30.40 18.08
C GLY D 21 -23.78 -29.19 18.59
N LEU D 22 -23.16 -28.00 18.45
CA LEU D 22 -23.87 -26.77 18.77
C LEU D 22 -25.02 -26.51 17.82
N ALA D 23 -24.87 -26.89 16.55
CA ALA D 23 -25.96 -26.78 15.59
C ALA D 23 -27.10 -27.74 15.94
N GLU D 24 -26.75 -28.93 16.46
CA GLU D 24 -27.78 -29.88 16.88
C GLU D 24 -28.52 -29.38 18.13
N VAL D 25 -27.80 -28.77 19.07
CA VAL D 25 -28.45 -28.20 20.24
C VAL D 25 -29.30 -26.98 19.85
N GLY D 26 -28.86 -26.21 18.86
CA GLY D 26 -29.69 -25.13 18.33
C GLY D 26 -30.92 -25.62 17.61
N LYS D 27 -30.83 -26.76 16.91
CA LYS D 27 -32.01 -27.37 16.32
C LYS D 27 -32.97 -27.88 17.39
N LYS D 28 -32.42 -28.43 18.49
CA LYS D 28 -33.25 -28.87 19.60
C LYS D 28 -33.88 -27.68 20.34
N PHE D 29 -33.27 -26.50 20.25
CA PHE D 29 -33.85 -25.27 20.80
C PHE D 29 -34.96 -24.74 19.90
N GLU D 30 -34.71 -24.71 18.58
CA GLU D 30 -35.70 -24.25 17.61
C GLU D 30 -36.91 -25.18 17.55
N LYS D 31 -36.70 -26.47 17.83
CA LYS D 31 -37.81 -27.41 17.90
C LYS D 31 -38.73 -27.13 19.09
N ASP D 32 -38.22 -26.49 20.14
CA ASP D 32 -38.98 -26.31 21.36
C ASP D 32 -39.48 -24.88 21.56
N THR D 33 -38.90 -23.89 20.88
CA THR D 33 -39.42 -22.53 20.97
C THR D 33 -39.57 -21.80 19.64
N GLY D 34 -38.96 -22.28 18.55
CA GLY D 34 -39.11 -21.65 17.26
C GLY D 34 -38.05 -20.62 16.90
N ILE D 35 -37.17 -20.25 17.83
CA ILE D 35 -36.12 -19.29 17.55
C ILE D 35 -34.91 -20.03 17.01
N LYS D 36 -34.47 -19.65 15.82
CA LYS D 36 -33.38 -20.34 15.14
C LYS D 36 -32.03 -19.92 15.69
N VAL D 37 -31.07 -20.84 15.61
CA VAL D 37 -29.70 -20.61 16.06
C VAL D 37 -28.77 -20.78 14.86
N THR D 38 -27.92 -19.78 14.63
CA THR D 38 -26.95 -19.79 13.54
C THR D 38 -25.55 -19.94 14.12
N VAL D 39 -24.85 -20.99 13.72
CA VAL D 39 -23.52 -21.30 14.23
C VAL D 39 -22.50 -20.92 13.17
N GLU D 40 -21.58 -20.03 13.53
CA GLU D 40 -20.53 -19.55 12.64
C GLU D 40 -19.18 -19.79 13.31
N HIS D 41 -18.14 -20.02 12.51
CA HIS D 41 -16.78 -20.21 13.01
C HIS D 41 -15.82 -19.25 12.29
N PRO D 42 -15.78 -17.99 12.72
CA PRO D 42 -14.87 -17.03 12.08
C PRO D 42 -13.43 -17.23 12.53
N ASP D 43 -12.51 -16.93 11.62
CA ASP D 43 -11.10 -17.02 11.91
C ASP D 43 -10.65 -15.83 12.75
N LYS D 44 -9.80 -16.11 13.74
CA LYS D 44 -9.25 -15.14 14.69
C LYS D 44 -10.37 -14.38 15.42
N LEU D 45 -11.33 -15.14 15.95
CA LEU D 45 -12.52 -14.56 16.56
C LEU D 45 -12.23 -13.85 17.87
N GLU D 46 -11.11 -14.17 18.54
CA GLU D 46 -10.72 -13.43 19.73
C GLU D 46 -10.27 -12.01 19.41
N GLU D 47 -9.90 -11.74 18.15
CA GLU D 47 -9.59 -10.40 17.68
C GLU D 47 -10.79 -9.74 17.02
N LYS D 48 -11.61 -10.53 16.31
CA LYS D 48 -12.77 -9.97 15.61
C LYS D 48 -13.90 -9.64 16.58
N PHE D 49 -13.95 -10.31 17.74
CA PHE D 49 -15.08 -10.12 18.66
C PHE D 49 -15.17 -8.74 19.31
N PRO D 50 -14.12 -8.17 19.94
CA PRO D 50 -14.35 -6.91 20.67
C PRO D 50 -14.55 -5.71 19.76
N GLN D 51 -13.96 -5.71 18.56
CA GLN D 51 -14.10 -4.56 17.66
C GLN D 51 -15.52 -4.44 17.11
N VAL D 52 -16.23 -5.56 16.93
CA VAL D 52 -17.64 -5.48 16.57
C VAL D 52 -18.54 -5.41 17.81
N ALA D 53 -18.07 -5.89 18.95
CA ALA D 53 -18.88 -5.83 20.17
C ALA D 53 -18.94 -4.41 20.72
N ALA D 54 -17.92 -3.60 20.46
CA ALA D 54 -17.97 -2.20 20.86
C ALA D 54 -18.95 -1.41 20.01
N THR D 55 -19.19 -1.83 18.77
CA THR D 55 -20.11 -1.15 17.87
C THR D 55 -21.57 -1.52 18.09
N GLY D 56 -21.87 -2.38 19.06
CA GLY D 56 -23.22 -2.73 19.39
C GLY D 56 -23.84 -3.83 18.54
N ASP D 57 -23.07 -4.45 17.64
CA ASP D 57 -23.59 -5.54 16.83
C ASP D 57 -22.69 -6.77 16.92
N GLY D 58 -22.93 -7.76 16.06
CA GLY D 58 -22.15 -8.97 16.07
C GLY D 58 -22.87 -10.12 16.75
N PRO D 59 -22.10 -11.05 17.32
CA PRO D 59 -22.71 -12.21 17.96
C PRO D 59 -23.30 -11.86 19.32
N ASP D 60 -24.34 -12.61 19.68
CA ASP D 60 -24.95 -12.45 20.99
C ASP D 60 -24.21 -13.22 22.07
N ILE D 61 -23.59 -14.33 21.71
CA ILE D 61 -22.89 -15.20 22.65
C ILE D 61 -21.56 -15.63 22.03
N ILE D 62 -20.52 -15.67 22.86
CA ILE D 62 -19.18 -16.03 22.42
C ILE D 62 -18.72 -17.25 23.24
N PHE D 63 -18.03 -18.18 22.57
CA PHE D 63 -17.43 -19.34 23.21
C PHE D 63 -15.93 -19.23 23.10
N TRP D 64 -15.26 -19.00 24.23
CA TRP D 64 -13.81 -18.89 24.28
C TRP D 64 -13.37 -19.12 25.72
N ALA D 65 -12.08 -19.36 25.90
CA ALA D 65 -11.49 -19.47 27.23
C ALA D 65 -11.56 -18.14 27.98
N HIS D 66 -11.39 -18.23 29.30
CA HIS D 66 -11.63 -17.10 30.20
C HIS D 66 -10.54 -16.04 30.18
N ASP D 67 -9.41 -16.28 29.47
CA ASP D 67 -8.28 -15.35 29.53
C ASP D 67 -8.57 -14.04 28.82
N ARG D 68 -9.40 -14.06 27.77
CA ARG D 68 -9.78 -12.84 27.07
C ARG D 68 -10.98 -12.15 27.71
N PHE D 69 -11.70 -12.86 28.58
CA PHE D 69 -12.96 -12.33 29.11
C PHE D 69 -12.77 -11.21 30.11
N GLY D 70 -11.61 -11.12 30.77
CA GLY D 70 -11.36 -9.99 31.64
C GLY D 70 -11.16 -8.70 30.87
N GLY D 71 -10.36 -8.75 29.80
CA GLY D 71 -10.22 -7.61 28.92
C GLY D 71 -11.48 -7.28 28.16
N TYR D 72 -12.33 -8.29 27.92
CA TYR D 72 -13.66 -8.00 27.37
C TYR D 72 -14.55 -7.32 28.41
N ALA D 73 -14.40 -7.69 29.68
CA ALA D 73 -15.25 -7.14 30.73
C ALA D 73 -14.87 -5.72 31.09
N GLN D 74 -13.59 -5.36 30.98
CA GLN D 74 -13.18 -4.00 31.31
C GLN D 74 -13.69 -2.98 30.29
N SER D 75 -13.98 -3.41 29.07
CA SER D 75 -14.56 -2.55 28.05
C SER D 75 -16.09 -2.53 28.11
N GLY D 76 -16.69 -3.26 29.03
CA GLY D 76 -18.14 -3.34 29.12
C GLY D 76 -18.77 -4.13 28.00
N LEU D 77 -18.13 -5.21 27.57
CA LEU D 77 -18.61 -6.00 26.45
C LEU D 77 -19.29 -7.30 26.86
N LEU D 78 -19.24 -7.65 28.15
CA LEU D 78 -19.85 -8.87 28.65
C LEU D 78 -20.91 -8.51 29.70
N ALA D 79 -22.00 -9.27 29.69
CA ALA D 79 -23.11 -9.00 30.59
C ALA D 79 -22.91 -9.72 31.91
N GLU D 80 -23.44 -9.13 32.98
CA GLU D 80 -23.41 -9.76 34.29
C GLU D 80 -24.40 -10.91 34.34
N ILE D 81 -23.94 -12.06 34.81
CA ILE D 81 -24.75 -13.27 34.85
C ILE D 81 -25.34 -13.44 36.24
N THR D 82 -26.50 -14.08 36.31
CA THR D 82 -27.20 -14.34 37.57
C THR D 82 -27.52 -15.82 37.66
N PRO D 83 -26.60 -16.64 38.16
CA PRO D 83 -26.89 -18.07 38.34
C PRO D 83 -27.56 -18.37 39.67
N ALA D 84 -28.30 -19.47 39.69
CA ALA D 84 -28.93 -19.94 40.91
C ALA D 84 -27.93 -20.71 41.77
N ALA D 85 -28.32 -20.95 43.03
CA ALA D 85 -27.44 -21.68 43.95
C ALA D 85 -27.33 -23.14 43.56
N ALA D 86 -28.41 -23.73 43.04
CA ALA D 86 -28.34 -25.11 42.56
C ALA D 86 -27.51 -25.20 41.29
N PHE D 87 -27.59 -24.18 40.43
CA PHE D 87 -26.78 -24.16 39.22
C PHE D 87 -25.31 -23.97 39.53
N GLN D 88 -24.98 -23.23 40.60
CA GLN D 88 -23.61 -23.17 41.07
C GLN D 88 -23.19 -24.49 41.72
N ASP D 89 -24.13 -25.19 42.34
CA ASP D 89 -23.82 -26.49 42.94
C ASP D 89 -23.57 -27.56 41.89
N LYS D 90 -24.17 -27.41 40.70
CA LYS D 90 -23.99 -28.41 39.64
C LYS D 90 -22.60 -28.38 39.03
N LEU D 91 -21.85 -27.27 39.17
CA LEU D 91 -20.55 -27.13 38.55
C LEU D 91 -19.46 -27.12 39.61
N TYR D 92 -18.22 -27.34 39.16
CA TYR D 92 -17.07 -27.32 40.04
C TYR D 92 -16.78 -25.90 40.53
N PRO D 93 -16.31 -25.74 41.78
CA PRO D 93 -16.07 -24.38 42.30
C PRO D 93 -14.88 -23.68 41.68
N PHE D 94 -13.82 -24.41 41.30
CA PHE D 94 -12.69 -23.75 40.67
C PHE D 94 -13.02 -23.30 39.25
N THR D 95 -13.99 -23.94 38.60
CA THR D 95 -14.48 -23.45 37.32
C THR D 95 -15.23 -22.12 37.49
N TRP D 96 -15.93 -21.94 38.61
CA TRP D 96 -16.50 -20.63 38.91
C TRP D 96 -15.42 -19.62 39.29
N ASP D 97 -14.34 -20.09 39.94
CA ASP D 97 -13.26 -19.19 40.33
C ASP D 97 -12.47 -18.70 39.13
N ALA D 98 -12.40 -19.51 38.07
CA ALA D 98 -11.67 -19.13 36.86
C ALA D 98 -12.36 -18.02 36.07
N VAL D 99 -13.65 -17.77 36.30
CA VAL D 99 -14.39 -16.76 35.55
C VAL D 99 -14.78 -15.59 36.44
N ARG D 100 -13.98 -15.33 37.47
CA ARG D 100 -14.21 -14.21 38.38
C ARG D 100 -13.39 -13.01 37.93
N TYR D 101 -14.04 -11.87 37.76
CA TYR D 101 -13.37 -10.62 37.39
C TYR D 101 -13.82 -9.55 38.38
N ASN D 102 -12.90 -9.14 39.26
CA ASN D 102 -13.16 -8.20 40.37
C ASN D 102 -14.30 -8.67 41.26
N GLY D 103 -14.33 -9.98 41.53
CA GLY D 103 -15.36 -10.57 42.36
C GLY D 103 -16.66 -10.92 41.65
N LYS D 104 -16.88 -10.41 40.45
CA LYS D 104 -18.11 -10.67 39.71
C LYS D 104 -17.95 -11.86 38.77
N LEU D 105 -19.02 -12.61 38.61
CA LEU D 105 -19.06 -13.71 37.66
C LEU D 105 -19.48 -13.19 36.29
N ILE D 106 -18.76 -13.59 35.25
CA ILE D 106 -18.96 -13.05 33.92
C ILE D 106 -19.22 -14.12 32.86
N ALA D 107 -19.14 -15.40 33.19
CA ALA D 107 -19.29 -16.43 32.16
C ALA D 107 -19.73 -17.74 32.82
N TYR D 108 -20.35 -18.58 32.00
CA TYR D 108 -20.74 -19.92 32.41
C TYR D 108 -19.65 -20.91 32.00
N PRO D 109 -19.08 -21.69 32.92
CA PRO D 109 -18.04 -22.64 32.53
C PRO D 109 -18.62 -23.82 31.75
N ILE D 110 -17.88 -24.26 30.73
CA ILE D 110 -18.29 -25.37 29.88
C ILE D 110 -17.44 -26.61 30.12
N ALA D 111 -16.13 -26.51 29.91
CA ALA D 111 -15.24 -27.66 30.05
C ALA D 111 -13.83 -27.17 30.32
N VAL D 112 -13.01 -28.07 30.86
CA VAL D 112 -11.62 -27.79 31.21
C VAL D 112 -10.73 -28.47 30.18
N GLU D 113 -9.95 -27.67 29.46
CA GLU D 113 -9.04 -28.16 28.43
C GLU D 113 -7.61 -28.08 28.94
N ALA D 114 -6.87 -29.18 28.79
CA ALA D 114 -5.47 -29.23 29.19
C ALA D 114 -4.69 -30.04 28.17
N LEU D 115 -3.44 -29.63 27.93
CA LEU D 115 -2.59 -30.32 26.97
C LEU D 115 -2.10 -31.65 27.55
N SER D 116 -1.97 -32.64 26.67
CA SER D 116 -1.46 -33.94 27.03
C SER D 116 -0.56 -34.47 25.92
N LEU D 117 0.26 -35.45 26.26
CA LEU D 117 1.16 -36.06 25.29
C LEU D 117 0.39 -37.14 24.54
N ILE D 118 0.28 -36.99 23.22
CA ILE D 118 -0.42 -37.94 22.36
C ILE D 118 0.62 -38.62 21.48
N TYR D 119 0.67 -39.95 21.53
CA TYR D 119 1.71 -40.71 20.86
C TYR D 119 1.09 -41.84 20.06
N ASN D 120 1.85 -42.31 19.07
CA ASN D 120 1.44 -43.43 18.23
C ASN D 120 1.95 -44.73 18.86
N LYS D 121 1.01 -45.62 19.20
CA LYS D 121 1.38 -46.89 19.83
C LYS D 121 2.08 -47.84 18.86
N ASP D 122 1.84 -47.70 17.55
CA ASP D 122 2.47 -48.60 16.59
C ASP D 122 3.93 -48.22 16.35
N LEU D 123 4.23 -46.92 16.29
CA LEU D 123 5.59 -46.46 16.11
C LEU D 123 6.35 -46.29 17.42
N LEU D 124 5.65 -46.14 18.54
CA LEU D 124 6.28 -45.90 19.83
C LEU D 124 5.44 -46.55 20.91
N PRO D 125 5.77 -47.79 21.29
CA PRO D 125 4.98 -48.48 22.32
C PRO D 125 5.17 -47.92 23.72
N ASN D 126 6.36 -47.42 24.04
CA ASN D 126 6.64 -46.86 25.36
C ASN D 126 6.83 -45.35 25.24
N PRO D 127 5.96 -44.54 25.86
CA PRO D 127 6.13 -43.09 25.76
C PRO D 127 7.28 -42.62 26.65
N PRO D 128 8.00 -41.60 26.22
CA PRO D 128 9.13 -41.10 27.02
C PRO D 128 8.66 -40.34 28.25
N LYS D 129 9.45 -40.46 29.32
CA LYS D 129 9.22 -39.72 30.55
C LYS D 129 10.17 -38.54 30.71
N THR D 130 10.97 -38.24 29.69
CA THR D 130 12.00 -37.22 29.76
C THR D 130 12.01 -36.42 28.45
N TRP D 131 12.08 -35.09 28.57
CA TRP D 131 12.18 -34.26 27.36
C TRP D 131 13.54 -34.38 26.70
N GLU D 132 14.60 -34.62 27.47
CA GLU D 132 15.96 -34.65 26.92
C GLU D 132 16.24 -35.90 26.08
N GLU D 133 15.51 -36.99 26.30
CA GLU D 133 15.72 -38.20 25.51
C GLU D 133 14.93 -38.21 24.22
N ILE D 134 14.21 -37.14 23.91
CA ILE D 134 13.47 -37.01 22.66
C ILE D 134 14.42 -36.82 21.46
N PRO D 135 15.51 -36.02 21.52
CA PRO D 135 16.49 -36.11 20.43
C PRO D 135 17.19 -37.46 20.32
N ALA D 136 17.39 -38.15 21.44
CA ALA D 136 17.97 -39.51 21.39
C ALA D 136 17.02 -40.48 20.70
N LEU D 137 15.71 -40.32 20.89
CA LEU D 137 14.74 -41.13 20.17
C LEU D 137 14.66 -40.71 18.71
N ASP D 138 14.79 -39.41 18.44
CA ASP D 138 14.68 -38.91 17.07
C ASP D 138 15.87 -39.32 16.22
N LYS D 139 17.04 -39.50 16.85
CA LYS D 139 18.20 -40.04 16.13
C LYS D 139 17.93 -41.44 15.59
N GLU D 140 17.20 -42.25 16.35
CA GLU D 140 16.78 -43.55 15.83
C GLU D 140 15.65 -43.42 14.81
N LEU D 141 14.70 -42.50 15.05
CA LEU D 141 13.50 -42.45 14.21
C LEU D 141 13.74 -41.82 12.85
N LYS D 142 14.73 -40.92 12.71
CA LYS D 142 15.02 -40.36 11.40
C LYS D 142 15.64 -41.38 10.45
N ALA D 143 16.29 -42.42 10.97
CA ALA D 143 16.77 -43.49 10.13
C ALA D 143 15.64 -44.39 9.64
N LYS D 144 14.47 -44.31 10.26
CA LYS D 144 13.30 -45.09 9.88
C LYS D 144 12.35 -44.30 8.99
N GLY D 145 12.65 -43.02 8.73
CA GLY D 145 11.79 -42.17 7.94
C GLY D 145 10.68 -41.49 8.70
N LYS D 146 10.66 -41.60 10.03
CA LYS D 146 9.66 -40.96 10.86
C LYS D 146 10.29 -39.80 11.63
N SER D 147 9.50 -39.19 12.50
CA SER D 147 9.95 -38.10 13.35
C SER D 147 9.40 -38.29 14.75
N ALA D 148 10.11 -37.71 15.73
CA ALA D 148 9.76 -37.92 17.12
C ALA D 148 8.56 -37.07 17.54
N LEU D 149 8.67 -35.75 17.42
CA LEU D 149 7.66 -34.85 17.94
C LEU D 149 7.44 -33.71 16.97
N MET D 150 6.17 -33.47 16.61
CA MET D 150 5.79 -32.35 15.76
C MET D 150 4.51 -31.76 16.32
N PHE D 151 4.53 -30.46 16.59
CA PHE D 151 3.36 -29.75 17.10
C PHE D 151 3.42 -28.30 16.63
N ASN D 152 2.36 -27.55 16.96
CA ASN D 152 2.23 -26.17 16.53
C ASN D 152 3.26 -25.30 17.25
N LEU D 153 4.22 -24.78 16.50
CA LEU D 153 5.21 -23.85 17.03
C LEU D 153 4.85 -22.39 16.79
N GLN D 154 3.85 -22.12 15.96
CA GLN D 154 3.45 -20.74 15.69
C GLN D 154 2.63 -20.14 16.82
N GLU D 155 2.01 -20.96 17.66
CA GLU D 155 1.22 -20.47 18.77
C GLU D 155 1.92 -20.79 20.08
N PRO D 156 2.01 -19.84 21.01
CA PRO D 156 2.79 -20.06 22.24
C PRO D 156 2.13 -20.99 23.24
N TYR D 157 0.84 -21.33 23.04
CA TYR D 157 0.13 -22.21 23.97
C TYR D 157 0.72 -23.60 24.00
N PHE D 158 1.25 -24.08 22.88
CA PHE D 158 1.85 -25.40 22.82
C PHE D 158 3.31 -25.41 23.25
N THR D 159 4.02 -24.30 23.06
CA THR D 159 5.41 -24.19 23.45
C THR D 159 5.58 -23.76 24.90
N TRP D 160 4.52 -23.29 25.54
CA TRP D 160 4.59 -22.89 26.96
C TRP D 160 4.99 -23.98 27.97
N PRO D 161 4.55 -25.26 27.89
CA PRO D 161 4.97 -26.20 28.95
C PRO D 161 6.47 -26.48 29.00
N LEU D 162 7.13 -26.56 27.85
CA LEU D 162 8.57 -26.82 27.84
C LEU D 162 9.35 -25.61 28.34
N ILE D 163 8.79 -24.40 28.21
CA ILE D 163 9.41 -23.22 28.78
C ILE D 163 9.17 -23.16 30.28
N ALA D 164 7.93 -23.35 30.71
CA ALA D 164 7.51 -23.17 32.10
C ALA D 164 7.79 -24.38 32.98
N ALA D 165 8.35 -25.46 32.44
CA ALA D 165 8.68 -26.62 33.25
C ALA D 165 9.76 -26.32 34.28
N ASP D 166 10.77 -25.54 33.91
CA ASP D 166 11.93 -25.31 34.77
C ASP D 166 11.75 -24.09 35.66
N GLY D 167 10.56 -23.49 35.69
CA GLY D 167 10.30 -22.41 36.62
C GLY D 167 9.65 -21.17 36.02
N GLY D 168 9.31 -21.22 34.74
CA GLY D 168 8.67 -20.09 34.10
C GLY D 168 7.22 -19.93 34.54
N TYR D 169 6.79 -18.67 34.59
CA TYR D 169 5.41 -18.36 34.97
C TYR D 169 5.01 -17.04 34.33
N ALA D 170 3.70 -16.87 34.14
CA ALA D 170 3.18 -15.66 33.49
C ALA D 170 3.13 -14.50 34.47
N PHE D 171 2.32 -14.63 35.52
CA PHE D 171 2.18 -13.58 36.53
C PHE D 171 2.17 -14.20 37.91
N LYS D 172 2.77 -13.49 38.88
CA LYS D 172 2.84 -13.99 40.24
C LYS D 172 1.47 -13.90 40.91
N TYR D 173 1.00 -15.02 41.44
CA TYR D 173 -0.28 -15.11 42.11
C TYR D 173 -0.03 -15.41 43.59
N GLU D 174 -0.34 -14.43 44.45
CA GLU D 174 -0.11 -14.58 45.88
C GLU D 174 -1.41 -14.62 46.67
N ASN D 175 -2.23 -13.57 46.60
CA ASN D 175 -3.53 -13.55 47.28
C ASN D 175 -4.58 -12.88 46.39
N GLY D 176 -5.21 -13.68 45.54
CA GLY D 176 -6.32 -13.24 44.70
C GLY D 176 -6.00 -12.23 43.63
N LYS D 177 -4.75 -11.79 43.49
CA LYS D 177 -4.38 -10.76 42.52
C LYS D 177 -3.09 -11.16 41.84
N TYR D 178 -3.05 -10.99 40.52
CA TYR D 178 -1.85 -11.28 39.73
C TYR D 178 -0.98 -10.04 39.66
N ASP D 179 0.30 -10.20 40.00
CA ASP D 179 1.24 -9.09 40.02
C ASP D 179 1.72 -8.82 38.60
N ILE D 180 1.38 -7.63 38.07
CA ILE D 180 1.74 -7.28 36.71
C ILE D 180 3.21 -6.93 36.54
N LYS D 181 3.94 -6.71 37.63
CA LYS D 181 5.35 -6.37 37.56
C LYS D 181 6.26 -7.55 37.89
N ASP D 182 5.71 -8.65 38.38
CA ASP D 182 6.49 -9.85 38.70
C ASP D 182 6.16 -10.90 37.63
N VAL D 183 6.96 -10.89 36.56
CA VAL D 183 6.78 -11.79 35.43
C VAL D 183 8.03 -12.67 35.34
N GLY D 184 7.82 -13.97 35.20
CA GLY D 184 8.93 -14.91 35.20
C GLY D 184 9.26 -15.53 33.86
N VAL D 185 9.22 -14.72 32.79
CA VAL D 185 9.64 -15.18 31.47
C VAL D 185 11.10 -14.82 31.20
N ASP D 186 11.77 -14.11 32.11
CA ASP D 186 13.15 -13.71 31.93
C ASP D 186 14.06 -14.38 32.96
N ASN D 187 13.57 -15.42 33.63
CA ASN D 187 14.38 -16.15 34.59
C ASN D 187 15.23 -17.21 33.88
N ALA D 188 15.96 -18.00 34.67
CA ALA D 188 16.86 -18.99 34.10
C ALA D 188 16.10 -20.16 33.49
N GLY D 189 14.92 -20.50 34.06
CA GLY D 189 14.17 -21.63 33.55
C GLY D 189 13.57 -21.37 32.17
N ALA D 190 13.07 -20.16 31.95
CA ALA D 190 12.55 -19.80 30.64
C ALA D 190 13.67 -19.70 29.60
N LYS D 191 14.85 -19.23 30.02
CA LYS D 191 16.00 -19.19 29.12
C LYS D 191 16.45 -20.59 28.73
N ALA D 192 16.48 -21.52 29.69
CA ALA D 192 16.85 -22.90 29.38
C ALA D 192 15.80 -23.58 28.50
N GLY D 193 14.52 -23.29 28.74
CA GLY D 193 13.47 -23.86 27.92
C GLY D 193 13.48 -23.35 26.49
N LEU D 194 13.64 -22.04 26.31
CA LEU D 194 13.70 -21.50 24.96
C LEU D 194 15.01 -21.88 24.27
N THR D 195 16.09 -22.07 25.03
CA THR D 195 17.34 -22.55 24.46
C THR D 195 17.20 -23.98 23.94
N PHE D 196 16.52 -24.84 24.71
CA PHE D 196 16.26 -26.20 24.25
C PHE D 196 15.31 -26.22 23.06
N LEU D 197 14.34 -25.32 23.04
CA LEU D 197 13.39 -25.24 21.92
C LEU D 197 14.08 -24.76 20.64
N VAL D 198 15.03 -23.84 20.76
CA VAL D 198 15.81 -23.42 19.60
C VAL D 198 16.74 -24.54 19.16
N ASP D 199 17.39 -25.22 20.11
CA ASP D 199 18.34 -26.29 19.78
C ASP D 199 17.66 -27.52 19.18
N LEU D 200 16.37 -27.72 19.42
CA LEU D 200 15.63 -28.75 18.69
C LEU D 200 15.55 -28.41 17.20
N ILE D 201 15.43 -27.12 16.87
CA ILE D 201 15.32 -26.71 15.47
C ILE D 201 16.69 -26.65 14.81
N LYS D 202 17.70 -26.15 15.54
CA LYS D 202 19.04 -26.01 14.99
C LYS D 202 19.69 -27.37 14.68
N ASN D 203 19.45 -28.37 15.53
CA ASN D 203 19.98 -29.70 15.32
C ASN D 203 19.07 -30.57 14.45
N LYS D 204 18.16 -29.95 13.69
CA LYS D 204 17.32 -30.59 12.67
C LYS D 204 16.42 -31.69 13.23
N HIS D 205 15.96 -31.52 14.48
CA HIS D 205 14.98 -32.44 15.04
C HIS D 205 13.55 -31.99 14.80
N MET D 206 13.33 -30.70 14.56
CA MET D 206 12.00 -30.17 14.31
C MET D 206 12.07 -29.13 13.20
N ASN D 207 10.91 -28.79 12.65
CA ASN D 207 10.79 -27.79 11.59
C ASN D 207 10.14 -26.54 12.17
N ALA D 208 10.75 -25.38 11.90
CA ALA D 208 10.25 -24.13 12.47
C ALA D 208 8.96 -23.66 11.82
N ASP D 209 8.66 -24.08 10.60
CA ASP D 209 7.46 -23.67 9.89
C ASP D 209 6.26 -24.55 10.21
N THR D 210 6.41 -25.53 11.10
CA THR D 210 5.32 -26.43 11.46
C THR D 210 4.27 -25.68 12.27
N ASP D 211 3.03 -25.69 11.79
CA ASP D 211 1.89 -25.11 12.50
C ASP D 211 0.88 -26.22 12.81
N TYR D 212 -0.33 -25.80 13.22
CA TYR D 212 -1.37 -26.73 13.64
C TYR D 212 -1.80 -27.67 12.52
N SER D 213 -1.96 -27.13 11.30
CA SER D 213 -2.46 -27.93 10.19
C SER D 213 -1.44 -28.95 9.71
N ILE D 214 -0.17 -28.54 9.59
CA ILE D 214 0.88 -29.44 9.12
C ILE D 214 1.15 -30.54 10.14
N ALA D 215 1.16 -30.19 11.44
CA ALA D 215 1.37 -31.19 12.48
C ALA D 215 0.18 -32.14 12.58
N GLU D 216 -1.04 -31.62 12.38
CA GLU D 216 -2.22 -32.49 12.38
C GLU D 216 -2.21 -33.45 11.20
N ALA D 217 -1.86 -32.97 10.01
CA ALA D 217 -1.76 -33.84 8.84
C ALA D 217 -0.60 -34.83 8.97
N ALA D 218 0.46 -34.45 9.68
CA ALA D 218 1.57 -35.38 9.90
C ALA D 218 1.18 -36.47 10.87
N PHE D 219 0.41 -36.14 11.92
CA PHE D 219 0.01 -37.15 12.88
C PHE D 219 -1.09 -38.06 12.34
N ASN D 220 -2.01 -37.53 11.54
CA ASN D 220 -3.07 -38.38 10.98
C ASN D 220 -2.54 -39.31 9.89
N LYS D 221 -1.46 -38.92 9.20
CA LYS D 221 -0.85 -39.80 8.22
C LYS D 221 0.22 -40.70 8.81
N GLY D 222 0.51 -40.57 10.10
CA GLY D 222 1.51 -41.41 10.73
C GLY D 222 2.94 -41.00 10.50
N GLU D 223 3.18 -39.75 10.12
CA GLU D 223 4.53 -39.29 9.83
C GLU D 223 5.33 -38.98 11.08
N THR D 224 4.66 -38.71 12.20
CA THR D 224 5.34 -38.43 13.46
C THR D 224 4.96 -39.47 14.51
N ALA D 225 5.84 -39.65 15.49
CA ALA D 225 5.60 -40.61 16.56
C ALA D 225 4.82 -40.01 17.73
N MET D 226 4.96 -38.71 17.97
CA MET D 226 4.28 -38.04 19.06
C MET D 226 3.77 -36.69 18.57
N THR D 227 2.78 -36.16 19.29
CA THR D 227 2.29 -34.82 19.05
C THR D 227 1.77 -34.24 20.36
N ILE D 228 1.68 -32.92 20.40
CA ILE D 228 1.17 -32.19 21.56
C ILE D 228 -0.03 -31.37 21.09
N ASN D 229 -1.22 -31.76 21.53
CA ASN D 229 -2.44 -31.12 21.04
C ASN D 229 -3.52 -31.34 22.09
N GLY D 230 -4.66 -30.69 21.88
CA GLY D 230 -5.74 -30.74 22.84
C GLY D 230 -6.71 -31.89 22.58
N PRO D 231 -7.75 -32.00 23.42
CA PRO D 231 -8.72 -33.08 23.25
C PRO D 231 -9.62 -32.92 22.03
N TRP D 232 -9.69 -31.73 21.42
CA TRP D 232 -10.60 -31.52 20.30
C TRP D 232 -10.15 -32.24 19.04
N ALA D 233 -8.87 -32.58 18.92
CA ALA D 233 -8.36 -33.30 17.75
C ALA D 233 -8.62 -34.81 17.82
N TRP D 234 -9.24 -35.31 18.88
CA TRP D 234 -9.42 -36.74 19.06
C TRP D 234 -10.36 -37.35 18.03
N SER D 235 -11.30 -36.55 17.51
CA SER D 235 -12.16 -37.03 16.43
C SER D 235 -11.38 -37.22 15.14
N ASN D 236 -10.49 -36.29 14.83
CA ASN D 236 -9.63 -36.43 13.65
C ASN D 236 -8.61 -37.56 13.82
N ILE D 237 -8.21 -37.83 15.07
CA ILE D 237 -7.34 -38.97 15.32
C ILE D 237 -8.11 -40.28 15.14
N ASP D 238 -9.37 -40.32 15.60
CA ASP D 238 -10.22 -41.49 15.42
C ASP D 238 -10.57 -41.72 13.96
N THR D 239 -10.64 -40.66 13.16
CA THR D 239 -10.95 -40.80 11.73
C THR D 239 -9.81 -41.47 10.99
N SER D 240 -8.56 -41.15 11.34
CA SER D 240 -7.40 -41.70 10.65
C SER D 240 -7.03 -43.10 11.11
N ALA D 241 -7.71 -43.64 12.14
CA ALA D 241 -7.56 -45.01 12.63
C ALA D 241 -6.14 -45.34 13.10
N VAL D 242 -5.42 -44.32 13.55
CA VAL D 242 -4.09 -44.52 14.11
C VAL D 242 -4.21 -45.08 15.52
N ASN D 243 -3.40 -46.08 15.84
CA ASN D 243 -3.37 -46.67 17.18
C ASN D 243 -2.69 -45.67 18.11
N TYR D 244 -3.48 -44.88 18.83
CA TYR D 244 -3.01 -43.73 19.55
C TYR D 244 -3.08 -43.96 21.06
N GLY D 245 -2.18 -43.30 21.79
CA GLY D 245 -2.24 -43.28 23.23
C GLY D 245 -2.08 -41.85 23.74
N VAL D 246 -2.65 -41.62 24.93
CA VAL D 246 -2.59 -40.32 25.60
C VAL D 246 -2.01 -40.54 26.99
N THR D 247 -0.93 -39.83 27.31
CA THR D 247 -0.23 -40.01 28.58
C THR D 247 0.17 -38.66 29.12
N VAL D 248 0.86 -38.69 30.27
CA VAL D 248 1.34 -37.48 30.93
C VAL D 248 2.49 -36.89 30.12
N LEU D 249 2.55 -35.56 30.05
CA LEU D 249 3.69 -34.87 29.45
C LEU D 249 4.97 -35.20 30.21
N PRO D 250 6.10 -35.34 29.53
CA PRO D 250 7.34 -35.73 30.21
C PRO D 250 7.91 -34.62 31.07
N THR D 251 8.82 -35.00 31.96
CA THR D 251 9.47 -34.08 32.87
C THR D 251 10.73 -33.49 32.25
N PHE D 252 11.08 -32.29 32.72
CA PHE D 252 12.22 -31.55 32.19
C PHE D 252 13.13 -31.17 33.35
N LYS D 253 14.37 -31.69 33.33
CA LYS D 253 15.39 -31.46 34.36
C LYS D 253 14.91 -31.86 35.75
N GLY D 254 14.12 -32.93 35.82
CA GLY D 254 13.54 -33.38 37.07
C GLY D 254 12.25 -32.70 37.45
N GLN D 255 11.82 -31.67 36.71
CA GLN D 255 10.58 -30.98 37.00
C GLN D 255 9.54 -31.26 35.92
N PRO D 256 8.28 -31.45 36.29
CA PRO D 256 7.23 -31.68 35.29
C PRO D 256 6.92 -30.41 34.50
N SER D 257 6.25 -30.61 33.36
CA SER D 257 5.80 -29.50 32.54
C SER D 257 4.66 -28.75 33.21
N LYS D 258 4.58 -27.45 32.95
CA LYS D 258 3.54 -26.57 33.48
C LYS D 258 2.74 -26.00 32.32
N PRO D 259 1.71 -26.69 31.84
CA PRO D 259 0.85 -26.13 30.80
C PRO D 259 -0.16 -25.16 31.38
N PHE D 260 -0.67 -24.28 30.51
CA PHE D 260 -1.84 -23.50 30.86
C PHE D 260 -3.06 -24.41 30.95
N VAL D 261 -3.81 -24.27 32.04
CA VAL D 261 -5.09 -24.96 32.18
C VAL D 261 -6.17 -24.06 31.62
N GLY D 262 -6.86 -24.53 30.58
CA GLY D 262 -7.84 -23.74 29.87
C GLY D 262 -9.25 -24.18 30.23
N VAL D 263 -10.09 -23.21 30.57
CA VAL D 263 -11.49 -23.44 30.88
C VAL D 263 -12.31 -22.75 29.81
N LEU D 264 -12.91 -23.55 28.92
CA LEU D 264 -13.83 -23.01 27.93
C LEU D 264 -15.08 -22.49 28.62
N SER D 265 -15.48 -21.27 28.27
CA SER D 265 -16.57 -20.60 28.98
C SER D 265 -17.50 -19.94 27.97
N ALA D 266 -18.69 -19.59 28.45
CA ALA D 266 -19.75 -19.02 27.63
C ALA D 266 -19.98 -17.57 28.06
N GLY D 267 -19.62 -16.64 27.19
CA GLY D 267 -19.77 -15.22 27.47
C GLY D 267 -20.95 -14.64 26.69
N ILE D 268 -21.70 -13.76 27.35
CA ILE D 268 -22.91 -13.17 26.80
C ILE D 268 -22.64 -11.69 26.54
N ASN D 269 -22.94 -11.24 25.31
CA ASN D 269 -22.71 -9.85 24.94
C ASN D 269 -23.69 -8.93 25.68
N ALA D 270 -23.15 -7.85 26.25
CA ALA D 270 -23.98 -6.89 26.98
C ALA D 270 -24.87 -6.07 26.06
N ALA D 271 -24.49 -5.91 24.79
CA ALA D 271 -25.29 -5.14 23.84
C ALA D 271 -26.45 -5.94 23.25
N SER D 272 -26.62 -7.20 23.63
CA SER D 272 -27.64 -8.05 23.03
C SER D 272 -28.95 -7.92 23.80
N PRO D 273 -30.08 -7.74 23.11
CA PRO D 273 -31.38 -7.82 23.78
C PRO D 273 -31.84 -9.24 24.07
N ASN D 274 -31.13 -10.26 23.58
CA ASN D 274 -31.51 -11.66 23.72
C ASN D 274 -30.79 -12.33 24.88
N LYS D 275 -30.60 -11.60 25.99
CA LYS D 275 -29.89 -12.15 27.15
C LYS D 275 -30.69 -13.27 27.82
N GLU D 276 -32.00 -13.08 27.97
CA GLU D 276 -32.83 -14.05 28.69
C GLU D 276 -32.97 -15.35 27.92
N LEU D 277 -33.16 -15.26 26.60
CA LEU D 277 -33.25 -16.45 25.76
C LEU D 277 -31.93 -17.21 25.75
N ALA D 278 -30.80 -16.49 25.74
CA ALA D 278 -29.49 -17.13 25.79
C ALA D 278 -29.24 -17.81 27.12
N LYS D 279 -29.63 -17.16 28.23
CA LYS D 279 -29.45 -17.76 29.55
C LYS D 279 -30.32 -19.00 29.73
N GLU D 280 -31.57 -18.95 29.26
CA GLU D 280 -32.44 -20.12 29.33
C GLU D 280 -31.91 -21.24 28.45
N PHE D 281 -31.43 -20.90 27.25
CA PHE D 281 -30.81 -21.87 26.34
C PHE D 281 -29.64 -22.59 26.99
N LEU D 282 -28.68 -21.84 27.53
CA LEU D 282 -27.50 -22.42 28.16
C LEU D 282 -27.88 -23.26 29.37
N GLU D 283 -28.57 -22.65 30.35
CA GLU D 283 -28.85 -23.31 31.63
C GLU D 283 -29.84 -24.46 31.50
N ASN D 284 -30.65 -24.51 30.43
CA ASN D 284 -31.60 -25.60 30.30
C ASN D 284 -31.15 -26.68 29.32
N TYR D 285 -30.29 -26.36 28.35
CA TYR D 285 -29.93 -27.33 27.33
C TYR D 285 -28.45 -27.67 27.33
N LEU D 286 -27.56 -26.68 27.41
CA LEU D 286 -26.15 -26.95 27.09
C LEU D 286 -25.45 -27.65 28.24
N LEU D 287 -25.57 -27.12 29.46
CA LEU D 287 -24.92 -27.72 30.62
C LEU D 287 -25.79 -28.77 31.28
N THR D 288 -26.26 -29.73 30.48
CA THR D 288 -27.01 -30.90 30.92
C THR D 288 -26.31 -32.15 30.44
N ASP D 289 -26.88 -33.31 30.77
CA ASP D 289 -26.31 -34.57 30.32
C ASP D 289 -26.53 -34.80 28.84
N GLU D 290 -27.64 -34.30 28.30
CA GLU D 290 -27.95 -34.50 26.88
C GLU D 290 -27.26 -33.47 25.99
N GLY D 291 -27.03 -32.26 26.50
CA GLY D 291 -26.43 -31.22 25.68
C GLY D 291 -24.94 -31.36 25.50
N LEU D 292 -24.23 -31.81 26.53
CA LEU D 292 -22.78 -31.93 26.45
C LEU D 292 -22.36 -33.10 25.57
N GLU D 293 -23.15 -34.19 25.55
CA GLU D 293 -22.77 -35.35 24.76
C GLU D 293 -22.93 -35.10 23.26
N ALA D 294 -23.83 -34.19 22.88
CA ALA D 294 -23.97 -33.83 21.48
C ALA D 294 -22.73 -33.11 20.95
N VAL D 295 -22.11 -32.28 21.79
CA VAL D 295 -20.86 -31.65 21.42
C VAL D 295 -19.71 -32.65 21.52
N ASN D 296 -19.75 -33.53 22.52
CA ASN D 296 -18.70 -34.52 22.74
C ASN D 296 -18.62 -35.54 21.61
N LYS D 297 -19.77 -35.86 20.99
CA LYS D 297 -19.77 -36.81 19.88
C LYS D 297 -19.12 -36.21 18.64
N ASP D 298 -19.23 -34.89 18.46
CA ASP D 298 -18.56 -34.24 17.34
C ASP D 298 -17.06 -34.15 17.58
N LYS D 299 -16.65 -33.40 18.60
CA LYS D 299 -15.24 -33.26 18.98
C LYS D 299 -15.19 -33.21 20.51
N PRO D 300 -14.31 -33.99 21.14
CA PRO D 300 -14.28 -34.05 22.61
C PRO D 300 -13.74 -32.76 23.21
N LEU D 301 -14.44 -32.25 24.22
CA LEU D 301 -14.02 -31.03 24.89
C LEU D 301 -13.05 -31.28 26.04
N GLY D 302 -13.04 -32.48 26.61
CA GLY D 302 -12.19 -32.75 27.75
C GLY D 302 -12.97 -32.91 29.03
N ALA D 303 -12.40 -32.49 30.15
CA ALA D 303 -13.07 -32.59 31.44
C ALA D 303 -14.13 -31.49 31.54
N VAL D 304 -15.39 -31.91 31.62
CA VAL D 304 -16.48 -30.94 31.66
C VAL D 304 -16.67 -30.43 33.08
N ALA D 305 -17.30 -29.26 33.19
CA ALA D 305 -17.58 -28.68 34.50
C ALA D 305 -18.80 -29.30 35.17
N LEU D 306 -19.67 -29.95 34.41
CA LEU D 306 -20.84 -30.61 34.97
C LEU D 306 -20.43 -31.92 35.62
N LYS D 307 -20.65 -32.03 36.93
CA LYS D 307 -20.17 -33.21 37.68
C LYS D 307 -20.94 -34.47 37.32
N SER D 308 -22.20 -34.35 36.93
CA SER D 308 -23.01 -35.53 36.63
C SER D 308 -22.54 -36.21 35.34
N TYR D 309 -22.23 -35.43 34.31
CA TYR D 309 -21.68 -36.00 33.09
C TYR D 309 -20.23 -36.43 33.29
N GLU D 310 -19.49 -35.73 34.16
CA GLU D 310 -18.10 -36.07 34.43
C GLU D 310 -17.98 -37.39 35.19
N GLU D 311 -19.00 -37.74 35.98
CA GLU D 311 -19.00 -39.00 36.72
C GLU D 311 -19.00 -40.20 35.78
N GLU D 312 -19.68 -40.10 34.65
CA GLU D 312 -19.60 -41.12 33.62
C GLU D 312 -18.43 -40.91 32.67
N LEU D 313 -17.98 -39.66 32.52
CA LEU D 313 -16.94 -39.34 31.54
C LEU D 313 -15.55 -39.73 32.04
N ALA D 314 -15.35 -39.80 33.36
CA ALA D 314 -14.03 -40.04 33.95
C ALA D 314 -13.49 -41.45 33.75
N LYS D 315 -14.27 -42.37 33.14
CA LYS D 315 -13.77 -43.71 32.88
C LYS D 315 -12.69 -43.72 31.80
N ASP D 316 -12.70 -42.72 30.92
CA ASP D 316 -11.70 -42.61 29.86
C ASP D 316 -10.34 -42.27 30.46
N PRO D 317 -9.31 -43.11 30.25
CA PRO D 317 -7.98 -42.75 30.78
C PRO D 317 -7.31 -41.60 30.06
N ARG D 318 -7.76 -41.26 28.84
CA ARG D 318 -7.27 -40.08 28.15
C ARG D 318 -7.68 -38.81 28.90
N ILE D 319 -8.95 -38.73 29.28
CA ILE D 319 -9.44 -37.58 30.03
C ILE D 319 -8.88 -37.59 31.46
N ALA D 320 -8.58 -38.78 31.99
CA ALA D 320 -7.91 -38.86 33.30
C ALA D 320 -6.49 -38.32 33.24
N ALA D 321 -5.77 -38.61 32.14
CA ALA D 321 -4.43 -38.04 31.97
C ALA D 321 -4.50 -36.54 31.70
N THR D 322 -5.56 -36.09 31.02
CA THR D 322 -5.78 -34.66 30.82
C THR D 322 -6.02 -33.95 32.15
N MET D 323 -6.83 -34.56 33.03
CA MET D 323 -7.05 -34.01 34.37
C MET D 323 -5.78 -34.06 35.22
N GLU D 324 -4.94 -35.08 35.03
CA GLU D 324 -3.69 -35.15 35.77
C GLU D 324 -2.73 -34.05 35.31
N ASN D 325 -2.66 -33.80 34.01
CA ASN D 325 -1.86 -32.67 33.50
C ASN D 325 -2.45 -31.33 33.92
N ALA D 326 -3.77 -31.25 34.08
CA ALA D 326 -4.38 -30.02 34.57
C ALA D 326 -4.06 -29.78 36.04
N GLN D 327 -4.09 -30.84 36.86
CA GLN D 327 -3.75 -30.70 38.27
C GLN D 327 -2.26 -30.42 38.47
N LYS D 328 -1.40 -30.97 37.63
CA LYS D 328 0.02 -30.63 37.67
C LYS D 328 0.35 -29.42 36.80
N GLY D 329 -0.63 -28.82 36.17
CA GLY D 329 -0.45 -27.59 35.41
C GLY D 329 -0.73 -26.35 36.23
N GLU D 330 -1.14 -25.29 35.54
CA GLU D 330 -1.44 -24.02 36.19
C GLU D 330 -2.60 -23.36 35.46
N ILE D 331 -3.57 -22.85 36.24
CA ILE D 331 -4.72 -22.16 35.66
C ILE D 331 -4.28 -20.82 35.08
N MET D 332 -4.94 -20.40 34.00
CA MET D 332 -4.59 -19.15 33.35
C MET D 332 -5.06 -17.97 34.21
N PRO D 333 -4.32 -16.86 34.18
CA PRO D 333 -4.86 -15.62 34.75
C PRO D 333 -5.96 -15.06 33.86
N ASN D 334 -6.89 -14.35 34.51
CA ASN D 334 -8.00 -13.72 33.81
C ASN D 334 -7.89 -12.21 33.75
N ILE D 335 -6.71 -11.67 34.07
CA ILE D 335 -6.45 -10.23 34.04
C ILE D 335 -6.39 -9.76 32.59
N PRO D 336 -6.68 -8.48 32.31
CA PRO D 336 -6.56 -7.99 30.92
C PRO D 336 -5.13 -7.93 30.40
N GLN D 337 -4.12 -8.01 31.27
CA GLN D 337 -2.73 -8.02 30.84
C GLN D 337 -2.34 -9.31 30.13
N MET D 338 -3.15 -10.36 30.26
CA MET D 338 -2.92 -11.58 29.48
C MET D 338 -3.09 -11.33 27.99
N SER D 339 -3.99 -10.41 27.62
CA SER D 339 -4.18 -10.07 26.20
C SER D 339 -2.93 -9.45 25.59
N ALA D 340 -2.17 -8.70 26.37
CA ALA D 340 -0.87 -8.23 25.92
C ALA D 340 0.20 -9.33 26.05
N PHE D 341 0.01 -10.26 26.99
CA PHE D 341 0.98 -11.32 27.22
C PHE D 341 1.03 -12.30 26.05
N TRP D 342 -0.13 -12.62 25.45
CA TRP D 342 -0.20 -13.74 24.50
C TRP D 342 0.58 -13.46 23.22
N TYR D 343 0.32 -12.32 22.57
CA TYR D 343 1.03 -12.05 21.31
C TYR D 343 2.47 -11.65 21.55
N ALA D 344 2.81 -11.15 22.74
CA ALA D 344 4.21 -10.88 23.07
C ALA D 344 5.01 -12.18 23.15
N VAL D 345 4.46 -13.18 23.85
CA VAL D 345 5.14 -14.48 23.92
C VAL D 345 5.11 -15.18 22.55
N ARG D 346 4.05 -14.94 21.75
CA ARG D 346 3.99 -15.48 20.40
C ARG D 346 5.08 -14.88 19.51
N THR D 347 5.28 -13.56 19.59
CA THR D 347 6.31 -12.90 18.82
C THR D 347 7.70 -13.34 19.27
N ALA D 348 7.87 -13.57 20.59
CA ALA D 348 9.14 -14.08 21.10
C ALA D 348 9.45 -15.49 20.59
N VAL D 349 8.43 -16.36 20.56
CA VAL D 349 8.63 -17.74 20.08
C VAL D 349 8.88 -17.76 18.58
N ILE D 350 8.20 -16.89 17.82
CA ILE D 350 8.42 -16.82 16.38
C ILE D 350 9.82 -16.27 16.06
N ASN D 351 10.27 -15.26 16.80
CA ASN D 351 11.60 -14.71 16.57
C ASN D 351 12.70 -15.68 17.02
N ALA D 352 12.44 -16.48 18.06
CA ALA D 352 13.45 -17.45 18.48
C ALA D 352 13.50 -18.66 17.55
N ALA D 353 12.35 -19.07 17.01
CA ALA D 353 12.29 -20.26 16.17
C ALA D 353 12.85 -19.99 14.77
N SER D 354 12.60 -18.80 14.22
CA SER D 354 13.07 -18.45 12.89
C SER D 354 14.54 -18.07 12.87
N GLY D 355 15.18 -17.93 14.01
CA GLY D 355 16.57 -17.52 14.07
C GLY D 355 16.83 -16.06 13.84
N ARG D 356 15.77 -15.23 13.86
CA ARG D 356 15.95 -13.79 13.67
C ARG D 356 16.51 -13.13 14.93
N GLN D 357 16.15 -13.62 16.10
CA GLN D 357 16.62 -13.08 17.36
C GLN D 357 17.11 -14.21 18.25
N THR D 358 17.97 -13.86 19.20
CA THR D 358 18.50 -14.81 20.16
C THR D 358 17.46 -15.09 21.26
N VAL D 359 17.82 -15.99 22.17
CA VAL D 359 16.96 -16.31 23.30
C VAL D 359 16.86 -15.13 24.26
N ASP D 360 17.99 -14.47 24.54
CA ASP D 360 18.03 -13.38 25.51
C ASP D 360 17.26 -12.16 25.01
N GLU D 361 17.43 -11.81 23.73
CA GLU D 361 16.73 -10.65 23.17
C GLU D 361 15.23 -10.87 23.10
N ALA D 362 14.82 -12.07 22.68
CA ALA D 362 13.40 -12.39 22.59
C ALA D 362 12.73 -12.44 23.97
N LEU D 363 13.43 -13.01 24.96
CA LEU D 363 12.84 -13.04 26.30
C LEU D 363 12.90 -11.67 26.98
N LYS D 364 13.84 -10.82 26.60
CA LYS D 364 13.84 -9.45 27.11
C LYS D 364 12.68 -8.66 26.52
N ASP D 365 12.40 -8.87 25.23
CA ASP D 365 11.24 -8.26 24.61
C ASP D 365 9.93 -8.80 25.19
N ALA D 366 9.91 -10.07 25.56
CA ALA D 366 8.72 -10.64 26.18
C ALA D 366 8.54 -10.14 27.61
N GLN D 367 9.65 -9.93 28.33
CA GLN D 367 9.59 -9.41 29.69
C GLN D 367 9.16 -7.96 29.71
N THR D 368 9.67 -7.14 28.79
CA THR D 368 9.30 -5.73 28.77
C THR D 368 7.88 -5.54 28.28
N ASN D 369 7.42 -6.36 27.33
CA ASN D 369 6.06 -6.30 26.81
C ASN D 369 5.14 -7.32 27.46
N ALA D 370 5.36 -7.63 28.73
CA ALA D 370 4.59 -8.67 29.39
C ALA D 370 3.20 -8.19 29.79
N ALA D 371 3.13 -7.15 30.62
CA ALA D 371 1.85 -6.66 31.14
C ALA D 371 1.27 -5.58 30.25
N GLU D 372 1.99 -4.47 30.09
CA GLU D 372 1.70 -3.50 29.06
C GLU D 372 2.48 -3.88 27.80
N PHE D 373 2.33 -3.09 26.75
CA PHE D 373 3.11 -3.31 25.54
C PHE D 373 3.94 -2.06 25.26
N GLN E 4 -8.42 5.02 -23.23
CA GLN E 4 -7.49 4.18 -23.99
C GLN E 4 -7.94 2.72 -23.89
N MET E 5 -8.71 2.42 -22.84
CA MET E 5 -9.22 1.08 -22.59
C MET E 5 -10.74 1.07 -22.75
N THR E 6 -11.33 -0.12 -22.63
CA THR E 6 -12.77 -0.30 -22.74
C THR E 6 -13.28 -1.06 -21.52
N GLN E 7 -14.59 -1.03 -21.34
CA GLN E 7 -15.27 -1.77 -20.30
C GLN E 7 -16.39 -2.59 -20.94
N SER E 8 -16.80 -3.65 -20.24
CA SER E 8 -17.83 -4.57 -20.77
C SER E 8 -18.58 -5.22 -19.61
N PRO E 9 -19.74 -4.70 -19.24
CA PRO E 9 -20.58 -5.37 -18.25
C PRO E 9 -21.44 -6.46 -18.90
N SER E 10 -22.23 -7.14 -18.08
CA SER E 10 -23.17 -8.13 -18.54
C SER E 10 -24.54 -7.48 -18.75
N SER E 11 -25.57 -8.31 -18.92
CA SER E 11 -26.95 -7.84 -18.99
C SER E 11 -27.86 -8.97 -18.54
N LEU E 12 -28.87 -8.62 -17.73
CA LEU E 12 -29.71 -9.64 -17.10
C LEU E 12 -31.03 -9.01 -16.67
N SER E 13 -31.86 -9.83 -16.01
CA SER E 13 -33.16 -9.43 -15.48
C SER E 13 -33.60 -10.49 -14.47
N ALA E 14 -34.11 -10.05 -13.33
CA ALA E 14 -34.47 -10.96 -12.26
C ALA E 14 -35.67 -10.40 -11.49
N SER E 15 -36.06 -11.13 -10.45
CA SER E 15 -37.27 -10.84 -9.69
C SER E 15 -36.97 -9.97 -8.47
N VAL E 16 -38.02 -9.64 -7.73
CA VAL E 16 -37.89 -8.84 -6.51
C VAL E 16 -37.27 -9.70 -5.42
N GLY E 17 -36.21 -9.18 -4.79
CA GLY E 17 -35.52 -9.90 -3.73
C GLY E 17 -34.44 -10.84 -4.18
N ASP E 18 -34.23 -10.99 -5.48
CA ASP E 18 -33.21 -11.89 -5.99
C ASP E 18 -31.83 -11.26 -5.83
N ARG E 19 -30.81 -12.11 -5.79
CA ARG E 19 -29.43 -11.69 -5.65
C ARG E 19 -28.77 -11.75 -7.03
N VAL E 20 -28.50 -10.59 -7.61
CA VAL E 20 -27.90 -10.50 -8.92
C VAL E 20 -26.43 -10.13 -8.77
N THR E 21 -25.67 -10.28 -9.85
CA THR E 21 -24.28 -9.84 -9.88
C THR E 21 -23.96 -9.34 -11.27
N ILE E 22 -23.12 -8.31 -11.35
CA ILE E 22 -22.74 -7.67 -12.61
C ILE E 22 -21.22 -7.56 -12.63
N THR E 23 -20.59 -8.28 -13.56
CA THR E 23 -19.15 -8.20 -13.70
C THR E 23 -18.77 -6.98 -14.54
N CYS E 24 -17.49 -6.62 -14.49
CA CYS E 24 -16.96 -5.52 -15.30
C CYS E 24 -15.51 -5.85 -15.60
N ARG E 25 -15.27 -6.40 -16.80
CA ARG E 25 -13.93 -6.83 -17.20
C ARG E 25 -13.16 -5.62 -17.72
N ALA E 26 -12.22 -5.13 -16.93
CA ALA E 26 -11.37 -4.04 -17.37
C ALA E 26 -10.38 -4.52 -18.42
N SER E 27 -10.08 -3.66 -19.39
CA SER E 27 -9.18 -4.03 -20.47
C SER E 27 -7.73 -4.11 -19.98
N GLN E 28 -7.21 -2.99 -19.49
CA GLN E 28 -5.85 -2.94 -18.98
C GLN E 28 -5.86 -3.27 -17.48
N SER E 29 -4.70 -3.13 -16.84
CA SER E 29 -4.58 -3.37 -15.41
C SER E 29 -4.82 -2.07 -14.66
N VAL E 30 -5.89 -2.04 -13.86
CA VAL E 30 -6.27 -0.85 -13.11
C VAL E 30 -6.27 -1.18 -11.62
N SER E 31 -6.31 -0.14 -10.80
CA SER E 31 -6.37 -0.28 -9.35
C SER E 31 -7.83 -0.39 -8.91
N SER E 32 -8.06 -0.27 -7.60
CA SER E 32 -9.42 -0.34 -7.04
C SER E 32 -10.05 1.05 -7.07
N ALA E 33 -10.35 1.50 -8.29
CA ALA E 33 -10.86 2.85 -8.54
C ALA E 33 -12.03 2.79 -9.53
N VAL E 34 -12.97 1.88 -9.28
CA VAL E 34 -14.11 1.65 -10.16
C VAL E 34 -15.39 1.93 -9.39
N ALA E 35 -16.24 2.79 -9.95
CA ALA E 35 -17.49 3.19 -9.33
C ALA E 35 -18.66 2.53 -10.04
N TRP E 36 -19.86 2.72 -9.46
CA TRP E 36 -21.09 2.14 -9.98
C TRP E 36 -22.20 3.18 -9.86
N TYR E 37 -22.80 3.53 -10.99
CA TYR E 37 -23.78 4.60 -11.06
C TYR E 37 -25.15 4.04 -11.45
N GLN E 38 -26.13 4.23 -10.57
CA GLN E 38 -27.51 3.86 -10.85
C GLN E 38 -28.24 5.04 -11.45
N GLN E 39 -28.72 4.89 -12.68
CA GLN E 39 -29.46 5.94 -13.38
C GLN E 39 -30.87 5.45 -13.64
N LYS E 40 -31.85 6.09 -12.99
CA LYS E 40 -33.24 5.89 -13.34
C LYS E 40 -33.52 6.50 -14.71
N PRO E 41 -34.47 5.95 -15.47
CA PRO E 41 -34.77 6.50 -16.80
C PRO E 41 -35.38 7.89 -16.71
N GLY E 42 -34.72 8.85 -17.35
CA GLY E 42 -35.14 10.23 -17.27
C GLY E 42 -34.75 10.93 -15.98
N LYS E 43 -33.68 10.48 -15.33
CA LYS E 43 -33.21 11.07 -14.07
C LYS E 43 -31.70 11.22 -14.15
N ALA E 44 -31.08 11.50 -13.00
CA ALA E 44 -29.64 11.67 -12.85
C ALA E 44 -29.01 10.40 -12.29
N PRO E 45 -27.79 10.05 -12.74
CA PRO E 45 -27.15 8.82 -12.26
C PRO E 45 -26.68 8.91 -10.82
N LYS E 46 -27.34 8.16 -9.93
CA LYS E 46 -26.97 8.16 -8.52
C LYS E 46 -25.79 7.23 -8.26
N LEU E 47 -24.87 7.69 -7.43
CA LEU E 47 -23.69 6.90 -7.08
C LEU E 47 -24.02 5.90 -5.98
N LEU E 48 -23.49 4.68 -6.13
CA LEU E 48 -23.78 3.58 -5.20
C LEU E 48 -22.54 3.14 -4.42
N ILE E 49 -21.47 2.75 -5.11
CA ILE E 49 -20.25 2.24 -4.49
C ILE E 49 -19.07 2.88 -5.24
N TYR E 50 -18.20 3.58 -4.51
CA TYR E 50 -17.21 4.41 -5.18
C TYR E 50 -15.93 3.67 -5.58
N SER E 51 -15.37 2.82 -4.71
CA SER E 51 -14.11 2.14 -5.00
C SER E 51 -14.28 0.64 -5.19
N ALA E 52 -15.47 0.19 -5.57
CA ALA E 52 -15.87 -1.18 -5.89
C ALA E 52 -15.84 -2.12 -4.69
N SER E 53 -15.52 -1.65 -3.48
CA SER E 53 -15.55 -2.49 -2.29
C SER E 53 -16.19 -1.86 -1.07
N SER E 54 -16.32 -0.53 -1.00
CA SER E 54 -16.83 0.14 0.19
C SER E 54 -18.00 1.04 -0.18
N LEU E 55 -18.98 1.12 0.71
CA LEU E 55 -20.27 1.71 0.39
C LEU E 55 -20.24 3.24 0.49
N TYR E 56 -20.77 3.90 -0.52
CA TYR E 56 -20.99 5.34 -0.49
C TYR E 56 -22.07 5.68 0.54
N SER E 57 -21.86 6.77 1.28
CA SER E 57 -22.80 7.17 2.32
C SER E 57 -24.10 7.69 1.72
N GLY E 58 -25.21 7.31 2.32
CA GLY E 58 -26.49 7.52 1.66
C GLY E 58 -27.26 6.22 1.51
N VAL E 59 -27.34 5.73 0.27
CA VAL E 59 -27.93 4.45 -0.12
C VAL E 59 -27.48 3.31 0.80
N PRO E 60 -28.42 2.47 1.30
CA PRO E 60 -28.04 1.47 2.31
C PRO E 60 -27.21 0.30 1.81
N SER E 61 -26.94 -0.65 2.70
CA SER E 61 -26.00 -1.77 2.57
C SER E 61 -26.50 -2.88 1.65
N ARG E 62 -27.61 -2.73 0.93
CA ARG E 62 -28.05 -3.78 0.01
C ARG E 62 -27.06 -3.95 -1.14
N PHE E 63 -26.53 -2.85 -1.65
CA PHE E 63 -25.52 -2.91 -2.70
C PHE E 63 -24.18 -3.27 -2.09
N SER E 64 -23.50 -4.24 -2.70
CA SER E 64 -22.19 -4.69 -2.22
C SER E 64 -21.31 -5.02 -3.42
N GLY E 65 -20.03 -4.74 -3.29
CA GLY E 65 -19.08 -4.94 -4.36
C GLY E 65 -17.86 -5.70 -3.91
N SER E 66 -17.33 -6.54 -4.80
CA SER E 66 -16.12 -7.29 -4.55
C SER E 66 -15.15 -7.11 -5.71
N ARG E 67 -13.87 -7.22 -5.41
CA ARG E 67 -12.80 -7.04 -6.39
C ARG E 67 -12.02 -8.34 -6.54
N SER E 68 -11.92 -8.83 -7.77
CA SER E 68 -11.16 -10.04 -8.09
C SER E 68 -10.26 -9.72 -9.28
N GLY E 69 -9.08 -9.17 -9.01
CA GLY E 69 -8.14 -8.82 -10.05
C GLY E 69 -8.60 -7.65 -10.89
N THR E 70 -8.94 -7.92 -12.15
CA THR E 70 -9.51 -6.93 -13.05
C THR E 70 -10.93 -7.29 -13.45
N ASP E 71 -11.67 -7.92 -12.54
CA ASP E 71 -13.06 -8.31 -12.76
C ASP E 71 -13.88 -7.74 -11.61
N PHE E 72 -14.33 -6.50 -11.78
CA PHE E 72 -15.05 -5.79 -10.73
C PHE E 72 -16.52 -6.19 -10.73
N THR E 73 -17.07 -6.42 -9.53
CA THR E 73 -18.40 -6.97 -9.38
C THR E 73 -19.31 -5.99 -8.64
N LEU E 74 -20.61 -6.11 -8.91
CA LEU E 74 -21.64 -5.35 -8.21
C LEU E 74 -22.77 -6.31 -7.89
N THR E 75 -22.97 -6.59 -6.61
CA THR E 75 -23.95 -7.57 -6.16
C THR E 75 -25.08 -6.87 -5.42
N ILE E 76 -26.31 -7.15 -5.81
CA ILE E 76 -27.48 -6.50 -5.22
C ILE E 76 -28.30 -7.55 -4.48
N SER E 77 -28.06 -7.70 -3.18
CA SER E 77 -28.86 -8.60 -2.37
C SER E 77 -30.13 -7.90 -1.91
N SER E 78 -31.23 -8.66 -1.86
CA SER E 78 -32.57 -8.21 -1.44
C SER E 78 -33.05 -7.03 -2.29
N LEU E 79 -33.27 -7.34 -3.57
CA LEU E 79 -33.64 -6.33 -4.56
C LEU E 79 -35.02 -5.74 -4.25
N GLN E 80 -35.03 -4.49 -3.80
CA GLN E 80 -36.26 -3.79 -3.48
C GLN E 80 -36.99 -3.42 -4.78
N PRO E 81 -38.30 -3.16 -4.71
CA PRO E 81 -39.03 -2.68 -5.89
C PRO E 81 -38.77 -1.22 -6.26
N GLU E 82 -37.80 -0.55 -5.65
CA GLU E 82 -37.38 0.77 -6.08
C GLU E 82 -36.05 0.75 -6.83
N ASP E 83 -35.29 -0.33 -6.74
CA ASP E 83 -33.98 -0.44 -7.38
C ASP E 83 -34.07 -1.12 -8.75
N PHE E 84 -34.94 -0.61 -9.61
CA PHE E 84 -35.06 -1.08 -10.98
C PHE E 84 -34.62 0.07 -11.90
N ALA E 85 -33.34 0.10 -12.22
CA ALA E 85 -32.76 1.15 -13.04
C ALA E 85 -31.53 0.60 -13.74
N THR E 86 -30.86 1.48 -14.48
CA THR E 86 -29.71 1.10 -15.31
C THR E 86 -28.42 1.36 -14.53
N TYR E 87 -27.55 0.36 -14.48
CA TYR E 87 -26.32 0.41 -13.70
C TYR E 87 -25.11 0.50 -14.62
N TYR E 88 -24.16 1.35 -14.25
CA TYR E 88 -23.04 1.72 -15.10
C TYR E 88 -21.71 1.45 -14.41
N CYS E 89 -20.86 0.65 -15.04
CA CYS E 89 -19.48 0.55 -14.62
C CYS E 89 -18.70 1.79 -15.05
N GLN E 90 -17.64 2.10 -14.31
CA GLN E 90 -16.93 3.37 -14.53
C GLN E 90 -15.48 3.22 -14.09
N GLN E 91 -14.57 3.23 -15.06
CA GLN E 91 -13.13 3.20 -14.79
C GLN E 91 -12.61 4.63 -14.61
N SER E 92 -11.79 4.82 -13.58
CA SER E 92 -11.31 6.16 -13.25
C SER E 92 -9.85 6.24 -12.86
N SER E 93 -9.09 5.14 -12.89
CA SER E 93 -7.73 5.16 -12.39
C SER E 93 -6.75 5.79 -13.36
N SER E 94 -6.98 5.63 -14.66
CA SER E 94 -6.06 6.12 -15.68
C SER E 94 -6.35 7.59 -16.00
N GLY E 95 -5.73 8.09 -17.07
CA GLY E 95 -5.96 9.42 -17.54
C GLY E 95 -7.37 9.63 -18.08
N PRO E 96 -7.70 9.01 -19.21
CA PRO E 96 -9.07 9.09 -19.71
C PRO E 96 -10.03 8.22 -18.93
N ILE E 97 -11.26 8.70 -18.80
CA ILE E 97 -12.33 8.02 -18.08
C ILE E 97 -13.21 7.33 -19.10
N THR E 98 -13.41 6.02 -18.94
CA THR E 98 -14.25 5.23 -19.84
C THR E 98 -15.35 4.55 -19.03
N PHE E 99 -16.60 4.85 -19.38
CA PHE E 99 -17.75 4.22 -18.75
C PHE E 99 -17.96 2.81 -19.31
N GLY E 100 -18.80 2.05 -18.62
CA GLY E 100 -19.24 0.77 -19.11
C GLY E 100 -20.35 0.91 -20.14
N GLN E 101 -20.74 -0.23 -20.71
CA GLN E 101 -21.84 -0.24 -21.66
C GLN E 101 -23.18 -0.01 -20.97
N GLY E 102 -23.28 -0.38 -19.70
CA GLY E 102 -24.49 -0.10 -18.94
C GLY E 102 -25.48 -1.26 -18.94
N THR E 103 -25.67 -1.87 -17.78
CA THR E 103 -26.62 -2.96 -17.63
C THR E 103 -27.96 -2.44 -17.09
N LYS E 104 -29.04 -2.93 -17.67
CA LYS E 104 -30.39 -2.62 -17.21
C LYS E 104 -30.96 -3.85 -16.51
N VAL E 105 -31.71 -3.61 -15.44
CA VAL E 105 -32.29 -4.67 -14.63
C VAL E 105 -33.80 -4.59 -14.75
N GLU E 106 -34.40 -5.63 -15.31
CA GLU E 106 -35.83 -5.69 -15.54
C GLU E 106 -36.47 -6.68 -14.57
N ILE E 107 -37.72 -6.39 -14.19
CA ILE E 107 -38.45 -7.26 -13.28
C ILE E 107 -38.84 -8.55 -14.00
N LYS E 108 -38.81 -9.66 -13.27
CA LYS E 108 -39.18 -10.96 -13.83
C LYS E 108 -40.68 -10.99 -14.10
N ARG E 109 -41.06 -11.56 -15.25
CA ARG E 109 -42.46 -11.67 -15.63
C ARG E 109 -42.65 -12.99 -16.35
N THR E 110 -43.87 -13.54 -16.25
CA THR E 110 -44.25 -14.68 -17.05
C THR E 110 -44.25 -14.30 -18.53
N VAL E 111 -43.79 -15.23 -19.38
CA VAL E 111 -43.72 -14.98 -20.81
C VAL E 111 -45.12 -14.99 -21.40
N ALA E 112 -45.46 -13.94 -22.15
CA ALA E 112 -46.72 -13.84 -22.86
C ALA E 112 -46.44 -13.79 -24.35
N ALA E 113 -47.28 -14.47 -25.12
CA ALA E 113 -47.13 -14.49 -26.56
C ALA E 113 -47.41 -13.10 -27.13
N PRO E 114 -46.64 -12.64 -28.11
CA PRO E 114 -46.85 -11.30 -28.66
C PRO E 114 -48.13 -11.24 -29.49
N SER E 115 -48.82 -10.11 -29.39
CA SER E 115 -50.02 -9.86 -30.16
C SER E 115 -49.64 -9.06 -31.40
N VAL E 116 -49.91 -9.62 -32.57
CA VAL E 116 -49.47 -9.05 -33.83
C VAL E 116 -50.69 -8.47 -34.55
N PHE E 117 -50.61 -7.19 -34.89
CA PHE E 117 -51.68 -6.51 -35.60
C PHE E 117 -51.06 -5.61 -36.64
N ILE E 118 -51.36 -5.87 -37.89
CA ILE E 118 -50.78 -5.13 -39.01
C ILE E 118 -51.61 -3.87 -39.25
N PHE E 119 -50.94 -2.80 -39.66
CA PHE E 119 -51.59 -1.50 -39.88
C PHE E 119 -51.45 -1.12 -41.35
N PRO E 120 -52.53 -1.01 -42.10
CA PRO E 120 -52.45 -0.56 -43.49
C PRO E 120 -52.27 0.95 -43.55
N PRO E 121 -51.60 1.45 -44.59
CA PRO E 121 -51.46 2.90 -44.74
C PRO E 121 -52.76 3.55 -45.19
N SER E 122 -53.07 4.70 -44.59
CA SER E 122 -54.28 5.43 -44.92
C SER E 122 -54.12 6.17 -46.25
N ASP E 123 -55.27 6.52 -46.84
CA ASP E 123 -55.28 7.23 -48.11
C ASP E 123 -54.85 8.69 -47.99
N SER E 124 -54.81 9.23 -46.76
CA SER E 124 -54.40 10.61 -46.56
C SER E 124 -52.91 10.80 -46.82
N GLN E 125 -52.10 9.83 -46.42
CA GLN E 125 -50.66 9.89 -46.67
C GLN E 125 -50.25 9.33 -48.02
N LEU E 126 -51.19 8.75 -48.78
CA LEU E 126 -50.86 8.29 -50.12
C LEU E 126 -50.72 9.45 -51.09
N LYS E 127 -51.59 10.46 -50.96
CA LYS E 127 -51.50 11.64 -51.82
C LYS E 127 -50.31 12.53 -51.47
N SER E 128 -49.82 12.47 -50.23
CA SER E 128 -48.68 13.27 -49.82
C SER E 128 -47.35 12.74 -50.33
N GLY E 129 -47.32 11.49 -50.82
CA GLY E 129 -46.12 10.91 -51.37
C GLY E 129 -45.32 10.08 -50.39
N THR E 130 -45.39 10.38 -49.10
CA THR E 130 -44.64 9.67 -48.08
C THR E 130 -45.62 8.88 -47.22
N ALA E 131 -45.68 7.57 -47.46
CA ALA E 131 -46.51 6.66 -46.69
C ALA E 131 -45.63 5.58 -46.09
N SER E 132 -45.81 5.33 -44.79
CA SER E 132 -45.00 4.36 -44.06
C SER E 132 -45.90 3.34 -43.39
N VAL E 133 -45.60 2.05 -43.61
CA VAL E 133 -46.35 0.95 -43.02
C VAL E 133 -45.66 0.53 -41.73
N VAL E 134 -46.46 0.14 -40.73
CA VAL E 134 -45.94 -0.21 -39.41
C VAL E 134 -46.69 -1.45 -38.92
N CYS E 135 -45.96 -2.34 -38.24
CA CYS E 135 -46.55 -3.48 -37.56
C CYS E 135 -46.38 -3.31 -36.05
N LEU E 136 -47.28 -3.92 -35.29
CA LEU E 136 -47.39 -3.68 -33.86
C LEU E 136 -47.23 -4.99 -33.08
N LEU E 137 -46.46 -4.93 -32.00
CA LEU E 137 -46.30 -6.02 -31.05
C LEU E 137 -46.81 -5.55 -29.70
N ASN E 138 -47.77 -6.28 -29.13
CA ASN E 138 -48.41 -5.89 -27.88
C ASN E 138 -48.14 -6.92 -26.80
N ASN E 139 -47.74 -6.42 -25.61
CA ASN E 139 -47.75 -7.16 -24.36
C ASN E 139 -46.84 -8.39 -24.37
N PHE E 140 -45.71 -8.27 -25.04
CA PHE E 140 -44.76 -9.38 -25.13
C PHE E 140 -43.69 -9.23 -24.05
N TYR E 141 -42.89 -10.30 -23.89
CA TYR E 141 -41.85 -10.35 -22.89
C TYR E 141 -40.90 -11.47 -23.27
N PRO E 142 -39.58 -11.30 -23.15
CA PRO E 142 -38.83 -10.10 -22.75
C PRO E 142 -38.69 -9.05 -23.85
N ARG E 143 -37.70 -8.17 -23.70
CA ARG E 143 -37.50 -7.07 -24.64
C ARG E 143 -37.00 -7.56 -26.00
N GLU E 144 -36.29 -8.68 -26.04
CA GLU E 144 -35.62 -9.14 -27.25
C GLU E 144 -36.63 -9.72 -28.22
N ALA E 145 -36.78 -9.09 -29.39
CA ALA E 145 -37.59 -9.60 -30.47
C ALA E 145 -36.93 -9.25 -31.79
N LYS E 146 -37.28 -10.01 -32.83
CA LYS E 146 -36.70 -9.83 -34.16
C LYS E 146 -37.83 -9.72 -35.17
N VAL E 147 -38.03 -8.52 -35.72
CA VAL E 147 -39.01 -8.29 -36.76
C VAL E 147 -38.31 -8.24 -38.11
N GLN E 148 -38.97 -8.77 -39.14
CA GLN E 148 -38.45 -8.75 -40.49
C GLN E 148 -39.58 -8.46 -41.47
N TRP E 149 -39.28 -7.66 -42.50
CA TRP E 149 -40.27 -7.22 -43.48
C TRP E 149 -40.04 -7.99 -44.78
N LYS E 150 -40.66 -9.17 -44.89
CA LYS E 150 -40.66 -9.93 -46.14
C LYS E 150 -41.80 -9.41 -47.01
N VAL E 151 -41.59 -8.24 -47.59
CA VAL E 151 -42.60 -7.60 -48.43
C VAL E 151 -42.46 -8.11 -49.87
N ASP E 152 -43.61 -8.54 -50.43
CA ASP E 152 -43.71 -9.19 -51.75
C ASP E 152 -42.80 -10.42 -51.82
N ASN E 153 -42.79 -11.19 -50.72
CA ASN E 153 -41.93 -12.37 -50.54
C ASN E 153 -40.45 -12.05 -50.73
N ALA E 154 -40.03 -10.89 -50.27
CA ALA E 154 -38.65 -10.43 -50.41
C ALA E 154 -38.24 -9.71 -49.13
N LEU E 155 -37.19 -10.21 -48.48
CA LEU E 155 -36.71 -9.64 -47.23
C LEU E 155 -35.96 -8.35 -47.56
N GLN E 156 -36.61 -7.21 -47.31
CA GLN E 156 -35.99 -5.91 -47.48
C GLN E 156 -35.60 -5.34 -46.13
N SER E 157 -34.33 -4.99 -45.98
CA SER E 157 -33.81 -4.44 -44.74
C SER E 157 -33.11 -3.12 -45.01
N GLY E 158 -33.04 -2.28 -43.97
CA GLY E 158 -32.44 -0.98 -44.04
C GLY E 158 -33.42 0.16 -43.87
N ASN E 159 -34.68 -0.05 -44.25
CA ASN E 159 -35.71 0.96 -44.08
C ASN E 159 -36.53 0.77 -42.81
N SER E 160 -36.46 -0.41 -42.18
CA SER E 160 -37.19 -0.65 -40.95
C SER E 160 -36.51 0.03 -39.79
N GLN E 161 -37.31 0.60 -38.89
CA GLN E 161 -36.79 1.32 -37.71
C GLN E 161 -37.65 0.92 -36.52
N GLU E 162 -37.07 0.12 -35.62
CA GLU E 162 -37.79 -0.35 -34.45
C GLU E 162 -37.74 0.68 -33.32
N SER E 163 -38.78 0.68 -32.49
CA SER E 163 -38.87 1.60 -31.36
C SER E 163 -39.64 0.88 -30.26
N VAL E 164 -38.91 0.26 -29.33
CA VAL E 164 -39.51 -0.43 -28.20
C VAL E 164 -39.65 0.56 -27.05
N THR E 165 -40.70 0.37 -26.24
CA THR E 165 -40.96 1.23 -25.09
C THR E 165 -40.55 0.53 -23.80
N GLU E 166 -40.63 1.27 -22.71
CA GLU E 166 -40.32 0.72 -21.40
C GLU E 166 -41.46 -0.18 -20.92
N GLN E 167 -41.18 -0.92 -19.84
CA GLN E 167 -42.17 -1.82 -19.27
C GLN E 167 -43.26 -1.02 -18.55
N ASP E 168 -44.43 -1.65 -18.42
CA ASP E 168 -45.57 -1.01 -17.76
C ASP E 168 -45.35 -0.99 -16.25
N SER E 169 -46.01 -0.04 -15.59
CA SER E 169 -45.89 0.06 -14.14
C SER E 169 -46.68 -1.04 -13.45
N LYS E 170 -47.84 -1.41 -13.99
CA LYS E 170 -48.68 -2.43 -13.38
C LYS E 170 -48.65 -3.76 -14.13
N ASP E 171 -48.26 -3.77 -15.40
CA ASP E 171 -48.26 -4.99 -16.19
C ASP E 171 -46.87 -5.49 -16.56
N SER E 172 -45.87 -4.60 -16.56
CA SER E 172 -44.47 -4.89 -16.91
C SER E 172 -44.34 -5.50 -18.30
N THR E 173 -45.13 -4.99 -19.24
CA THR E 173 -45.18 -5.50 -20.60
C THR E 173 -44.51 -4.54 -21.56
N TYR E 174 -43.92 -5.09 -22.61
CA TYR E 174 -43.28 -4.30 -23.64
C TYR E 174 -44.25 -4.00 -24.78
N SER E 175 -43.81 -3.13 -25.68
CA SER E 175 -44.55 -2.82 -26.90
C SER E 175 -43.53 -2.35 -27.94
N LEU E 176 -43.48 -3.03 -29.08
CA LEU E 176 -42.54 -2.71 -30.13
C LEU E 176 -43.29 -2.11 -31.31
N SER E 177 -42.61 -1.21 -32.03
CA SER E 177 -43.17 -0.57 -33.21
C SER E 177 -42.05 -0.40 -34.23
N SER E 178 -42.22 -1.05 -35.38
CA SER E 178 -41.22 -1.02 -36.46
C SER E 178 -41.84 -0.31 -37.66
N THR E 179 -41.35 0.89 -37.95
CA THR E 179 -41.89 1.69 -39.04
C THR E 179 -41.09 1.43 -40.31
N LEU E 180 -41.76 0.86 -41.32
CA LEU E 180 -41.16 0.62 -42.63
C LEU E 180 -41.62 1.75 -43.55
N THR E 181 -40.71 2.68 -43.83
CA THR E 181 -41.05 3.83 -44.65
C THR E 181 -40.76 3.56 -46.13
N LEU E 182 -41.66 4.04 -46.98
CA LEU E 182 -41.54 3.92 -48.43
C LEU E 182 -42.05 5.22 -49.05
N SER E 183 -42.10 5.25 -50.38
CA SER E 183 -42.60 6.39 -51.13
C SER E 183 -43.82 5.95 -51.95
N LYS E 184 -44.41 6.93 -52.66
CA LYS E 184 -45.56 6.63 -53.51
C LYS E 184 -45.15 5.85 -54.75
N ALA E 185 -43.96 6.11 -55.29
CA ALA E 185 -43.49 5.43 -56.48
C ALA E 185 -42.94 4.04 -56.20
N ASP E 186 -42.78 3.67 -54.93
CA ASP E 186 -42.32 2.34 -54.57
C ASP E 186 -43.45 1.32 -54.47
N TYR E 187 -44.69 1.74 -54.65
CA TYR E 187 -45.84 0.85 -54.54
C TYR E 187 -46.19 0.15 -55.84
N GLU E 188 -45.55 0.51 -56.95
CA GLU E 188 -45.71 -0.25 -58.19
C GLU E 188 -44.94 -1.55 -58.18
N LYS E 189 -43.95 -1.68 -57.29
CA LYS E 189 -43.22 -2.92 -57.05
C LYS E 189 -43.71 -3.57 -55.76
N HIS E 190 -45.02 -3.51 -55.53
CA HIS E 190 -45.59 -3.90 -54.24
C HIS E 190 -46.98 -4.50 -54.48
N LYS E 191 -47.17 -5.74 -54.02
CA LYS E 191 -48.47 -6.36 -53.99
C LYS E 191 -48.91 -6.66 -52.55
N VAL E 192 -48.11 -7.39 -51.79
CA VAL E 192 -48.41 -7.71 -50.40
C VAL E 192 -47.22 -7.32 -49.53
N TYR E 193 -47.52 -6.87 -48.31
CA TYR E 193 -46.52 -6.57 -47.30
C TYR E 193 -46.73 -7.48 -46.10
N ALA E 194 -45.61 -7.92 -45.50
CA ALA E 194 -45.67 -8.91 -44.44
C ALA E 194 -44.62 -8.58 -43.38
N CYS E 195 -45.08 -8.36 -42.14
CA CYS E 195 -44.20 -8.17 -41.00
C CYS E 195 -44.14 -9.47 -40.22
N GLU E 196 -43.02 -10.18 -40.34
CA GLU E 196 -42.81 -11.45 -39.66
C GLU E 196 -41.96 -11.23 -38.42
N VAL E 197 -42.38 -11.81 -37.30
CA VAL E 197 -41.71 -11.63 -36.02
C VAL E 197 -41.40 -13.01 -35.44
N THR E 198 -40.20 -13.16 -34.88
CA THR E 198 -39.78 -14.38 -34.20
C THR E 198 -39.49 -14.03 -32.75
N HIS E 199 -40.43 -14.37 -31.87
CA HIS E 199 -40.32 -14.09 -30.45
C HIS E 199 -39.74 -15.31 -29.73
N GLN E 200 -39.25 -15.08 -28.50
CA GLN E 200 -38.69 -16.16 -27.69
C GLN E 200 -39.75 -17.19 -27.31
N GLY E 201 -40.97 -16.73 -27.00
CA GLY E 201 -42.05 -17.59 -26.60
C GLY E 201 -43.04 -17.94 -27.69
N LEU E 202 -42.87 -17.41 -28.89
CA LEU E 202 -43.76 -17.71 -30.01
C LEU E 202 -43.27 -18.97 -30.72
N SER E 203 -44.10 -20.01 -30.72
CA SER E 203 -43.67 -21.32 -31.22
C SER E 203 -43.47 -21.32 -32.72
N SER E 204 -44.45 -20.79 -33.46
CA SER E 204 -44.35 -20.68 -34.91
C SER E 204 -44.40 -19.22 -35.31
N PRO E 205 -43.47 -18.76 -36.15
CA PRO E 205 -43.50 -17.34 -36.57
C PRO E 205 -44.71 -17.04 -37.43
N VAL E 206 -45.49 -16.04 -37.00
CA VAL E 206 -46.73 -15.67 -37.66
C VAL E 206 -46.56 -14.29 -38.28
N THR E 207 -47.01 -14.13 -39.52
CA THR E 207 -46.94 -12.87 -40.22
C THR E 207 -48.33 -12.52 -40.77
N LYS E 208 -48.62 -11.22 -40.81
CA LYS E 208 -49.90 -10.73 -41.28
C LYS E 208 -49.70 -10.01 -42.61
N SER E 209 -50.45 -10.42 -43.63
CA SER E 209 -50.32 -9.87 -44.97
C SER E 209 -51.67 -9.33 -45.44
N PHE E 210 -51.69 -8.07 -45.85
CA PHE E 210 -52.88 -7.42 -46.38
C PHE E 210 -52.63 -7.03 -47.82
N ASN E 211 -53.50 -7.48 -48.72
CA ASN E 211 -53.36 -7.17 -50.14
C ASN E 211 -53.67 -5.71 -50.45
N ARG E 212 -52.97 -5.18 -51.44
CA ARG E 212 -53.11 -3.78 -51.83
C ARG E 212 -54.40 -3.57 -52.59
N GLY E 213 -55.01 -2.40 -52.40
CA GLY E 213 -56.17 -2.01 -53.17
C GLY E 213 -57.47 -2.68 -52.78
N GLU E 214 -57.93 -2.44 -51.57
CA GLU E 214 -59.22 -2.98 -51.11
C GLU E 214 -60.10 -1.87 -50.54
N GLU F 4 -26.88 21.15 0.53
CA GLU F 4 -27.56 21.98 -0.46
C GLU F 4 -26.70 22.24 -1.71
N VAL F 5 -26.51 21.18 -2.49
CA VAL F 5 -25.73 21.25 -3.73
C VAL F 5 -26.67 21.03 -4.90
N GLN F 6 -26.72 21.99 -5.81
CA GLN F 6 -27.48 21.88 -7.04
C GLN F 6 -26.60 22.34 -8.19
N LEU F 7 -26.58 21.56 -9.27
CA LEU F 7 -25.77 21.85 -10.45
C LEU F 7 -26.72 22.20 -11.59
N VAL F 8 -27.01 23.50 -11.72
CA VAL F 8 -27.93 23.98 -12.74
C VAL F 8 -27.17 24.20 -14.03
N GLU F 9 -27.53 23.45 -15.07
CA GLU F 9 -26.96 23.67 -16.38
C GLU F 9 -27.72 24.77 -17.13
N SER F 10 -27.04 25.38 -18.10
CA SER F 10 -27.65 26.41 -18.91
C SER F 10 -26.97 26.43 -20.27
N GLY F 11 -27.55 27.21 -21.19
CA GLY F 11 -27.00 27.33 -22.52
C GLY F 11 -27.37 26.23 -23.49
N GLY F 12 -28.21 25.28 -23.08
CA GLY F 12 -28.61 24.19 -23.95
C GLY F 12 -29.73 24.60 -24.89
N GLY F 13 -30.25 23.60 -25.60
CA GLY F 13 -31.33 23.83 -26.53
C GLY F 13 -31.14 23.11 -27.85
N LEU F 14 -31.11 23.86 -28.95
CA LEU F 14 -30.92 23.29 -30.27
C LEU F 14 -29.93 24.17 -31.03
N VAL F 15 -28.98 23.52 -31.70
CA VAL F 15 -27.92 24.22 -32.44
C VAL F 15 -27.85 23.68 -33.86
N GLN F 16 -27.32 24.51 -34.73
CA GLN F 16 -26.97 24.15 -36.11
C GLN F 16 -25.63 23.43 -36.11
N PRO F 17 -25.46 22.39 -36.95
CA PRO F 17 -24.14 21.76 -37.08
C PRO F 17 -23.13 22.70 -37.71
N GLY F 18 -21.92 22.71 -37.14
CA GLY F 18 -20.91 23.69 -37.48
C GLY F 18 -20.97 24.97 -36.69
N GLY F 19 -21.78 25.02 -35.64
CA GLY F 19 -21.89 26.20 -34.78
C GLY F 19 -21.30 25.92 -33.40
N SER F 20 -20.69 26.94 -32.81
CA SER F 20 -20.03 26.80 -31.53
C SER F 20 -21.01 27.08 -30.39
N LEU F 21 -21.07 26.17 -29.42
CA LEU F 21 -21.91 26.31 -28.25
C LEU F 21 -21.05 26.33 -27.00
N ARG F 22 -21.54 27.00 -25.95
CA ARG F 22 -20.84 27.07 -24.67
C ARG F 22 -21.87 26.94 -23.57
N LEU F 23 -21.97 25.75 -22.99
CA LEU F 23 -22.88 25.49 -21.89
C LEU F 23 -22.13 25.57 -20.56
N SER F 24 -22.80 26.08 -19.53
CA SER F 24 -22.19 26.33 -18.24
C SER F 24 -22.71 25.35 -17.20
N CYS F 25 -22.13 25.44 -16.00
CA CYS F 25 -22.54 24.61 -14.87
C CYS F 25 -22.33 25.43 -13.60
N ALA F 26 -23.39 26.06 -13.12
CA ALA F 26 -23.32 26.93 -11.94
C ALA F 26 -23.19 26.05 -10.70
N ALA F 27 -21.96 25.88 -10.22
CA ALA F 27 -21.71 25.07 -9.03
C ALA F 27 -22.13 25.85 -7.79
N SER F 28 -23.27 25.47 -7.22
CA SER F 28 -23.79 26.11 -6.02
C SER F 28 -23.80 25.08 -4.89
N GLY F 29 -23.13 25.42 -3.79
CA GLY F 29 -23.03 24.52 -2.65
C GLY F 29 -21.61 24.05 -2.36
N PHE F 30 -20.68 24.24 -3.28
CA PHE F 30 -19.28 23.91 -3.05
C PHE F 30 -18.43 24.87 -3.87
N ASN F 31 -17.12 24.66 -3.86
CA ASN F 31 -16.17 25.51 -4.56
C ASN F 31 -15.55 24.75 -5.71
N ILE F 32 -15.48 25.39 -6.87
CA ILE F 32 -15.06 24.72 -8.10
C ILE F 32 -13.55 24.60 -8.22
N TYR F 33 -12.78 25.34 -7.42
CA TYR F 33 -11.33 25.34 -7.58
C TYR F 33 -10.70 24.04 -7.11
N TYR F 34 -11.31 23.36 -6.14
CA TYR F 34 -10.75 22.13 -5.61
C TYR F 34 -11.19 20.92 -6.41
N TYR F 35 -12.47 20.82 -6.72
CA TYR F 35 -13.01 19.64 -7.38
C TYR F 35 -13.01 19.82 -8.90
N SER F 36 -12.76 18.73 -9.61
CA SER F 36 -12.73 18.74 -11.06
C SER F 36 -14.13 18.52 -11.62
N ILE F 37 -14.65 19.49 -12.34
CA ILE F 37 -15.94 19.33 -13.00
C ILE F 37 -15.77 18.46 -14.24
N HIS F 38 -16.50 17.36 -14.29
CA HIS F 38 -16.45 16.43 -15.41
C HIS F 38 -17.77 16.47 -16.15
N TRP F 39 -17.71 16.53 -17.48
CA TRP F 39 -18.88 16.45 -18.33
C TRP F 39 -18.98 15.03 -18.90
N VAL F 40 -20.22 14.56 -19.07
CA VAL F 40 -20.48 13.26 -19.66
C VAL F 40 -21.46 13.42 -20.81
N ARG F 41 -21.51 12.40 -21.66
CA ARG F 41 -22.44 12.35 -22.78
C ARG F 41 -23.38 11.17 -22.60
N GLN F 42 -24.69 11.43 -22.70
CA GLN F 42 -25.73 10.42 -22.56
C GLN F 42 -26.59 10.45 -23.81
N ALA F 43 -26.22 9.63 -24.79
CA ALA F 43 -27.00 9.52 -26.02
C ALA F 43 -28.35 8.84 -25.73
N PRO F 44 -29.40 9.21 -26.47
CA PRO F 44 -30.72 8.59 -26.23
C PRO F 44 -30.76 7.11 -26.60
N GLY F 45 -30.87 6.26 -25.58
CA GLY F 45 -30.82 4.83 -25.74
C GLY F 45 -29.49 4.21 -25.34
N LYS F 46 -28.39 4.95 -25.49
CA LYS F 46 -27.07 4.44 -25.17
C LYS F 46 -26.74 4.75 -23.71
N GLY F 47 -25.48 4.52 -23.32
CA GLY F 47 -25.03 4.74 -21.97
C GLY F 47 -24.24 6.03 -21.83
N LEU F 48 -23.66 6.20 -20.64
CA LEU F 48 -22.83 7.37 -20.38
C LEU F 48 -21.53 7.29 -21.18
N GLU F 49 -20.97 8.46 -21.46
CA GLU F 49 -19.68 8.54 -22.15
C GLU F 49 -18.98 9.82 -21.70
N TRP F 50 -17.79 9.68 -21.15
CA TRP F 50 -17.04 10.82 -20.65
C TRP F 50 -16.44 11.63 -21.80
N VAL F 51 -16.48 12.95 -21.68
CA VAL F 51 -16.05 13.84 -22.74
C VAL F 51 -14.96 14.82 -22.27
N ALA F 52 -15.11 15.43 -21.10
CA ALA F 52 -14.24 16.54 -20.75
C ALA F 52 -13.95 16.54 -19.25
N SER F 53 -12.91 17.31 -18.88
CA SER F 53 -12.44 17.44 -17.51
C SER F 53 -11.53 18.65 -17.40
N ILE F 54 -11.63 19.36 -16.28
CA ILE F 54 -10.69 20.42 -15.93
C ILE F 54 -10.49 20.39 -14.42
N TYR F 55 -9.23 20.43 -13.97
CA TYR F 55 -8.91 20.39 -12.55
C TYR F 55 -8.21 21.69 -12.19
N PRO F 56 -8.91 22.65 -11.56
CA PRO F 56 -8.33 23.98 -11.38
C PRO F 56 -7.22 24.06 -10.35
N TYR F 57 -7.13 23.11 -9.40
CA TYR F 57 -6.15 23.21 -8.33
C TYR F 57 -4.73 23.04 -8.84
N SER F 58 -4.49 22.05 -9.71
CA SER F 58 -3.18 21.89 -10.32
C SER F 58 -3.12 22.50 -11.71
N GLY F 59 -4.24 22.96 -12.26
CA GLY F 59 -4.27 23.51 -13.61
C GLY F 59 -4.04 22.48 -14.69
N SER F 60 -4.59 21.27 -14.54
CA SER F 60 -4.43 20.19 -15.50
C SER F 60 -5.79 19.75 -16.00
N THR F 61 -5.91 19.57 -17.31
CA THR F 61 -7.15 19.11 -17.93
C THR F 61 -7.01 17.67 -18.40
N SER F 62 -8.13 17.12 -18.88
CA SER F 62 -8.13 15.81 -19.49
C SER F 62 -9.15 15.79 -20.61
N TYR F 63 -9.01 14.82 -21.51
CA TYR F 63 -9.83 14.75 -22.71
C TYR F 63 -9.97 13.29 -23.13
N ALA F 64 -11.13 12.94 -23.67
CA ALA F 64 -11.33 11.63 -24.25
C ALA F 64 -10.66 11.54 -25.61
N ASP F 65 -10.49 10.31 -26.10
CA ASP F 65 -9.78 10.09 -27.34
C ASP F 65 -10.59 10.54 -28.55
N SER F 66 -11.92 10.49 -28.46
CA SER F 66 -12.76 10.87 -29.58
C SER F 66 -12.98 12.37 -29.69
N VAL F 67 -12.68 13.13 -28.63
CA VAL F 67 -12.93 14.56 -28.62
C VAL F 67 -11.66 15.33 -28.30
N LYS F 68 -10.51 14.73 -28.64
CA LYS F 68 -9.21 15.32 -28.32
C LYS F 68 -8.95 16.56 -29.16
N GLY F 69 -8.72 17.69 -28.49
CA GLY F 69 -8.34 18.93 -29.16
C GLY F 69 -9.45 19.66 -29.89
N ARG F 70 -10.72 19.31 -29.65
CA ARG F 70 -11.83 19.98 -30.32
C ARG F 70 -12.85 20.59 -29.38
N PHE F 71 -12.93 20.15 -28.12
CA PHE F 71 -13.86 20.71 -27.14
C PHE F 71 -13.03 21.35 -26.04
N THR F 72 -12.81 22.67 -26.15
CA THR F 72 -12.00 23.39 -25.17
C THR F 72 -12.80 23.63 -23.89
N ILE F 73 -12.40 22.94 -22.82
CA ILE F 73 -13.03 23.10 -21.52
C ILE F 73 -12.39 24.28 -20.79
N SER F 74 -13.21 24.99 -20.00
CA SER F 74 -12.73 26.12 -19.22
C SER F 74 -13.49 26.19 -17.90
N ALA F 75 -12.80 26.65 -16.86
CA ALA F 75 -13.38 26.80 -15.54
C ALA F 75 -13.11 28.20 -15.01
N ASP F 76 -14.15 28.84 -14.48
CA ASP F 76 -14.05 30.18 -13.93
C ASP F 76 -14.29 30.08 -12.41
N THR F 77 -13.23 30.24 -11.64
CA THR F 77 -13.31 30.13 -10.19
C THR F 77 -13.96 31.34 -9.54
N SER F 78 -14.11 32.46 -10.26
CA SER F 78 -14.72 33.65 -9.67
C SER F 78 -16.24 33.55 -9.63
N LYS F 79 -16.85 32.89 -10.62
CA LYS F 79 -18.29 32.71 -10.66
C LYS F 79 -18.72 31.27 -10.41
N ASN F 80 -17.76 30.36 -10.16
CA ASN F 80 -17.98 28.94 -9.90
C ASN F 80 -18.74 28.25 -11.03
N THR F 81 -18.37 28.56 -12.27
CA THR F 81 -18.95 27.95 -13.44
C THR F 81 -17.89 27.20 -14.23
N ALA F 82 -18.35 26.30 -15.10
CA ALA F 82 -17.47 25.49 -15.92
C ALA F 82 -17.96 25.58 -17.36
N TYR F 83 -17.12 26.12 -18.24
CA TYR F 83 -17.51 26.45 -19.60
C TYR F 83 -16.98 25.38 -20.55
N LEU F 84 -17.88 24.60 -21.13
CA LEU F 84 -17.53 23.63 -22.16
C LEU F 84 -17.81 24.25 -23.52
N GLN F 85 -16.82 25.00 -24.00
CA GLN F 85 -16.88 25.60 -25.33
C GLN F 85 -16.64 24.52 -26.37
N MET F 86 -17.70 24.05 -27.02
CA MET F 86 -17.57 23.04 -28.05
C MET F 86 -17.37 23.71 -29.41
N ASN F 87 -16.51 23.09 -30.23
CA ASN F 87 -16.17 23.62 -31.53
C ASN F 87 -16.09 22.48 -32.53
N SER F 88 -16.56 22.76 -33.77
CA SER F 88 -16.55 21.82 -34.90
C SER F 88 -17.27 20.51 -34.56
N LEU F 89 -18.47 20.64 -33.99
CA LEU F 89 -19.24 19.48 -33.58
C LEU F 89 -19.76 18.69 -34.79
N ARG F 90 -19.81 17.38 -34.63
CA ARG F 90 -20.35 16.48 -35.64
C ARG F 90 -21.83 16.23 -35.41
N ALA F 91 -22.45 15.53 -36.37
CA ALA F 91 -23.85 15.15 -36.22
C ALA F 91 -24.04 14.08 -35.17
N GLU F 92 -23.01 13.28 -34.89
CA GLU F 92 -23.10 12.21 -33.90
C GLU F 92 -23.22 12.76 -32.48
N ASP F 93 -22.62 13.91 -32.22
CA ASP F 93 -22.64 14.51 -30.88
C ASP F 93 -24.00 15.14 -30.63
N THR F 94 -24.97 14.29 -30.28
CA THR F 94 -26.33 14.71 -29.97
C THR F 94 -26.78 13.91 -28.76
N ALA F 95 -26.83 14.58 -27.61
CA ALA F 95 -27.05 13.88 -26.34
C ALA F 95 -27.55 14.88 -25.31
N VAL F 96 -27.75 14.38 -24.09
CA VAL F 96 -27.99 15.20 -22.92
C VAL F 96 -26.71 15.21 -22.08
N TYR F 97 -26.27 16.41 -21.68
CA TYR F 97 -24.96 16.58 -21.06
C TYR F 97 -25.17 16.84 -19.58
N TYR F 98 -24.84 15.85 -18.75
CA TYR F 98 -24.89 16.03 -17.31
C TYR F 98 -23.61 16.69 -16.81
N CYS F 99 -23.75 17.44 -15.71
CA CYS F 99 -22.61 18.04 -15.03
C CYS F 99 -22.43 17.36 -13.68
N ALA F 100 -21.18 17.09 -13.32
CA ALA F 100 -20.91 16.34 -12.11
C ALA F 100 -19.58 16.76 -11.51
N ARG F 101 -19.58 16.93 -10.19
CA ARG F 101 -18.33 17.12 -9.46
C ARG F 101 -17.65 15.78 -9.24
N TYR F 102 -16.37 15.84 -8.90
CA TYR F 102 -15.52 14.66 -8.80
C TYR F 102 -14.68 14.81 -7.55
N TYR F 103 -14.71 13.78 -6.69
CA TYR F 103 -14.03 13.81 -5.41
C TYR F 103 -12.76 12.97 -5.50
N PRO F 104 -11.57 13.57 -5.56
CA PRO F 104 -10.34 12.77 -5.69
C PRO F 104 -9.62 12.46 -4.38
N TYR F 105 -10.22 12.77 -3.22
CA TYR F 105 -9.47 12.75 -1.97
C TYR F 105 -9.64 11.42 -1.24
N PHE F 106 -8.73 11.18 -0.29
CA PHE F 106 -8.82 10.01 0.58
C PHE F 106 -9.93 10.22 1.60
N ILE F 107 -11.08 9.59 1.38
CA ILE F 107 -12.10 9.57 2.42
C ILE F 107 -11.71 8.61 3.53
N SER F 108 -10.97 7.56 3.21
CA SER F 108 -10.50 6.60 4.20
C SER F 108 -9.00 6.39 4.01
N TYR F 109 -8.42 5.63 4.94
CA TYR F 109 -6.99 5.34 4.88
C TYR F 109 -6.65 4.40 3.72
N TYR F 110 -7.53 3.48 3.37
CA TYR F 110 -7.24 2.45 2.39
C TYR F 110 -7.87 2.71 1.02
N SER F 111 -8.74 3.70 0.91
CA SER F 111 -9.54 3.89 -0.30
C SER F 111 -9.30 5.29 -0.83
N LYS F 112 -8.65 5.37 -1.99
CA LYS F 112 -8.55 6.63 -2.72
C LYS F 112 -9.84 6.79 -3.50
N MET F 113 -10.78 7.56 -2.95
CA MET F 113 -12.07 7.77 -3.58
C MET F 113 -11.88 8.56 -4.87
N GLU F 114 -12.43 8.03 -5.96
CA GLU F 114 -12.28 8.61 -7.30
C GLU F 114 -13.58 8.53 -8.08
N ALA F 115 -14.70 8.87 -7.45
CA ALA F 115 -16.00 8.78 -8.10
C ALA F 115 -16.60 10.18 -8.28
N MET F 116 -17.82 10.20 -8.82
CA MET F 116 -18.55 11.44 -9.08
C MET F 116 -19.77 11.47 -8.16
N ASP F 117 -19.74 12.36 -7.17
CA ASP F 117 -20.76 12.35 -6.13
C ASP F 117 -22.06 12.98 -6.59
N TYR F 118 -22.03 14.27 -6.91
CA TYR F 118 -23.24 15.06 -7.10
C TYR F 118 -23.41 15.38 -8.58
N TRP F 119 -24.60 15.11 -9.10
CA TRP F 119 -24.91 15.20 -10.51
C TRP F 119 -25.98 16.26 -10.75
N GLY F 120 -25.89 16.94 -11.90
CA GLY F 120 -26.90 17.90 -12.31
C GLY F 120 -28.05 17.25 -13.04
N GLN F 121 -29.03 18.08 -13.40
CA GLN F 121 -30.19 17.58 -14.12
C GLN F 121 -29.88 17.33 -15.60
N GLY F 122 -28.95 18.08 -16.17
CA GLY F 122 -28.54 17.84 -17.54
C GLY F 122 -29.42 18.53 -18.56
N THR F 123 -28.81 19.30 -19.46
CA THR F 123 -29.54 19.94 -20.54
C THR F 123 -29.39 19.15 -21.83
N LEU F 124 -30.41 19.23 -22.67
CA LEU F 124 -30.49 18.43 -23.89
C LEU F 124 -30.14 19.29 -25.09
N VAL F 125 -29.02 18.99 -25.74
CA VAL F 125 -28.62 19.64 -26.97
C VAL F 125 -28.94 18.71 -28.14
N THR F 126 -29.53 19.27 -29.19
CA THR F 126 -29.95 18.51 -30.37
C THR F 126 -29.27 19.10 -31.59
N VAL F 127 -28.50 18.29 -32.30
CA VAL F 127 -27.81 18.71 -33.51
C VAL F 127 -28.54 18.10 -34.70
N SER F 128 -29.00 18.95 -35.61
CA SER F 128 -29.72 18.51 -36.80
C SER F 128 -29.61 19.59 -37.87
N SER F 129 -29.36 19.16 -39.11
CA SER F 129 -29.30 20.10 -40.22
C SER F 129 -30.68 20.60 -40.62
N ALA F 130 -31.73 19.87 -40.29
CA ALA F 130 -33.08 20.29 -40.61
C ALA F 130 -33.56 21.35 -39.62
N SER F 131 -34.40 22.26 -40.12
CA SER F 131 -34.94 23.33 -39.29
C SER F 131 -36.19 22.84 -38.56
N THR F 132 -36.86 23.75 -37.86
CA THR F 132 -38.09 23.42 -37.14
C THR F 132 -39.22 23.22 -38.13
N LYS F 133 -39.84 22.03 -38.10
CA LYS F 133 -40.93 21.69 -39.00
C LYS F 133 -42.06 21.05 -38.20
N GLY F 134 -43.29 21.48 -38.49
CA GLY F 134 -44.46 20.96 -37.81
C GLY F 134 -44.74 19.51 -38.18
N PRO F 135 -45.53 18.83 -37.34
CA PRO F 135 -45.80 17.41 -37.57
C PRO F 135 -46.81 17.20 -38.68
N SER F 136 -46.93 15.94 -39.10
CA SER F 136 -47.91 15.52 -40.10
C SER F 136 -48.48 14.20 -39.60
N VAL F 137 -49.59 14.28 -38.87
CA VAL F 137 -50.23 13.10 -38.31
C VAL F 137 -51.01 12.39 -39.41
N PHE F 138 -50.95 11.06 -39.41
CA PHE F 138 -51.70 10.25 -40.34
C PHE F 138 -52.32 9.08 -39.59
N PRO F 139 -53.62 8.83 -39.75
CA PRO F 139 -54.27 7.77 -38.97
C PRO F 139 -53.92 6.38 -39.49
N LEU F 140 -53.88 5.44 -38.55
CA LEU F 140 -53.65 4.04 -38.88
C LEU F 140 -54.99 3.31 -38.83
N ALA F 141 -55.38 2.72 -39.95
CA ALA F 141 -56.72 2.17 -40.08
C ALA F 141 -56.79 0.78 -39.44
N PRO F 142 -57.73 0.54 -38.52
CA PRO F 142 -57.90 -0.82 -38.00
C PRO F 142 -58.54 -1.74 -39.04
N SER F 143 -57.96 -2.92 -39.19
CA SER F 143 -58.42 -3.87 -40.19
C SER F 143 -59.77 -4.46 -39.79
N SER F 144 -60.63 -4.67 -40.78
CA SER F 144 -61.95 -5.25 -40.53
C SER F 144 -61.84 -6.71 -40.10
N LYS F 145 -60.93 -7.46 -40.72
CA LYS F 145 -60.72 -8.85 -40.32
C LYS F 145 -59.98 -8.91 -38.98
N SER F 146 -60.42 -9.83 -38.12
CA SER F 146 -59.84 -10.01 -36.80
C SER F 146 -60.15 -11.41 -36.31
N THR F 147 -59.35 -11.86 -35.35
CA THR F 147 -59.59 -13.15 -34.73
C THR F 147 -60.79 -13.08 -33.78
N SER F 148 -61.38 -14.25 -33.52
CA SER F 148 -62.52 -14.33 -32.61
C SER F 148 -62.06 -14.10 -31.18
N GLY F 149 -62.75 -13.21 -30.48
CA GLY F 149 -62.37 -12.85 -29.12
C GLY F 149 -61.04 -12.13 -29.03
N GLY F 150 -60.74 -11.29 -30.00
CA GLY F 150 -59.46 -10.58 -30.04
C GLY F 150 -59.67 -9.09 -30.09
N THR F 151 -58.87 -8.37 -29.31
CA THR F 151 -58.91 -6.91 -29.28
C THR F 151 -58.41 -6.32 -30.60
N ALA F 152 -58.88 -5.12 -30.93
CA ALA F 152 -58.52 -4.44 -32.16
C ALA F 152 -57.55 -3.31 -31.84
N ALA F 153 -56.37 -3.36 -32.42
CA ALA F 153 -55.35 -2.34 -32.19
C ALA F 153 -55.65 -1.10 -33.01
N LEU F 154 -55.65 0.06 -32.36
CA LEU F 154 -55.85 1.35 -33.01
C LEU F 154 -54.78 2.33 -32.53
N GLY F 155 -54.18 3.05 -33.47
CA GLY F 155 -53.14 4.01 -33.14
C GLY F 155 -53.07 5.11 -34.17
N CYS F 156 -52.33 6.16 -33.81
CA CYS F 156 -52.09 7.29 -34.70
C CYS F 156 -50.60 7.44 -34.94
N LEU F 157 -50.25 7.76 -36.18
CA LEU F 157 -48.86 7.88 -36.61
C LEU F 157 -48.48 9.35 -36.76
N VAL F 158 -47.47 9.78 -36.03
CA VAL F 158 -46.96 11.15 -36.10
C VAL F 158 -45.60 11.09 -36.77
N LYS F 159 -45.53 11.53 -38.02
CA LYS F 159 -44.34 11.39 -38.85
C LYS F 159 -43.81 12.78 -39.23
N ASP F 160 -42.47 12.88 -39.31
CA ASP F 160 -41.73 14.02 -39.85
C ASP F 160 -42.01 15.31 -39.06
N TYR F 161 -41.57 15.29 -37.81
CA TYR F 161 -41.66 16.47 -36.94
C TYR F 161 -40.30 16.78 -36.34
N PHE F 162 -40.19 18.00 -35.81
CA PHE F 162 -39.03 18.52 -35.11
C PHE F 162 -39.46 19.77 -34.35
N PRO F 163 -39.05 19.98 -33.09
CA PRO F 163 -38.18 19.18 -32.21
C PRO F 163 -38.84 17.99 -31.54
N GLU F 164 -38.22 17.54 -30.44
CA GLU F 164 -38.61 16.27 -29.81
C GLU F 164 -39.99 16.28 -29.15
N PRO F 165 -40.33 17.19 -28.17
CA PRO F 165 -41.52 16.93 -27.34
C PRO F 165 -42.87 17.13 -28.03
N VAL F 166 -43.54 16.01 -28.30
CA VAL F 166 -44.92 16.01 -28.80
C VAL F 166 -45.77 15.22 -27.81
N THR F 167 -46.83 15.85 -27.30
CA THR F 167 -47.74 15.21 -26.37
C THR F 167 -49.02 14.81 -27.10
N VAL F 168 -49.39 13.54 -27.00
CA VAL F 168 -50.57 13.00 -27.69
C VAL F 168 -51.69 12.83 -26.68
N SER F 169 -52.92 13.08 -27.14
CA SER F 169 -54.11 12.93 -26.31
C SER F 169 -55.24 12.37 -27.16
N TRP F 170 -56.22 11.77 -26.49
CA TRP F 170 -57.37 11.18 -27.15
C TRP F 170 -58.66 11.87 -26.68
N ASN F 171 -59.74 11.60 -27.40
CA ASN F 171 -61.00 12.29 -27.20
C ASN F 171 -62.00 11.44 -26.40
N SER F 172 -61.64 10.21 -26.05
CA SER F 172 -62.54 9.38 -25.26
C SER F 172 -62.62 9.86 -23.81
N GLY F 173 -61.47 10.16 -23.22
CA GLY F 173 -61.44 10.64 -21.85
C GLY F 173 -60.09 11.25 -21.53
N ALA F 174 -60.06 11.99 -20.41
CA ALA F 174 -58.79 12.53 -19.93
C ALA F 174 -57.88 11.41 -19.43
N LEU F 175 -58.44 10.46 -18.68
CA LEU F 175 -57.70 9.28 -18.28
C LEU F 175 -57.60 8.31 -19.46
N THR F 176 -56.44 7.71 -19.62
CA THR F 176 -56.18 6.79 -20.73
C THR F 176 -55.91 5.39 -20.19
N SER F 177 -56.35 4.39 -20.94
CA SER F 177 -56.12 2.99 -20.63
C SER F 177 -55.61 2.26 -21.85
N GLY F 178 -54.72 1.30 -21.64
CA GLY F 178 -54.12 0.57 -22.74
C GLY F 178 -53.21 1.39 -23.62
N VAL F 179 -52.68 2.50 -23.12
CA VAL F 179 -51.85 3.40 -23.90
C VAL F 179 -50.45 2.81 -24.04
N HIS F 180 -49.84 3.04 -25.20
CA HIS F 180 -48.46 2.61 -25.47
C HIS F 180 -47.79 3.73 -26.28
N THR F 181 -47.11 4.64 -25.58
CA THR F 181 -46.42 5.74 -26.22
C THR F 181 -44.97 5.34 -26.48
N PHE F 182 -44.59 5.31 -27.73
CA PHE F 182 -43.27 4.83 -28.12
C PHE F 182 -42.25 5.96 -28.08
N PRO F 183 -40.98 5.64 -27.87
CA PRO F 183 -39.94 6.66 -28.03
C PRO F 183 -39.75 7.04 -29.49
N ALA F 184 -39.30 8.27 -29.70
CA ALA F 184 -39.09 8.77 -31.05
C ALA F 184 -37.83 8.17 -31.66
N VAL F 185 -37.88 7.90 -32.97
CA VAL F 185 -36.76 7.36 -33.71
C VAL F 185 -36.28 8.43 -34.70
N LEU F 186 -34.96 8.59 -34.78
CA LEU F 186 -34.35 9.56 -35.69
C LEU F 186 -34.06 8.84 -37.01
N GLN F 187 -34.84 9.15 -38.04
CA GLN F 187 -34.63 8.53 -39.34
C GLN F 187 -33.51 9.24 -40.09
N SER F 188 -33.27 8.78 -41.33
CA SER F 188 -32.13 9.25 -42.11
C SER F 188 -32.31 10.66 -42.64
N SER F 189 -33.54 11.19 -42.65
CA SER F 189 -33.80 12.54 -43.12
C SER F 189 -33.64 13.59 -42.03
N GLY F 190 -33.16 13.21 -40.85
CA GLY F 190 -32.90 14.13 -39.78
C GLY F 190 -34.09 14.41 -38.87
N LEU F 191 -35.31 14.18 -39.33
CA LEU F 191 -36.51 14.52 -38.57
C LEU F 191 -36.86 13.37 -37.63
N TYR F 192 -38.02 13.44 -37.00
CA TYR F 192 -38.45 12.48 -35.99
C TYR F 192 -39.74 11.79 -36.40
N SER F 193 -39.97 10.62 -35.81
CA SER F 193 -41.21 9.87 -36.00
C SER F 193 -41.79 9.49 -34.65
N LEU F 194 -43.09 9.19 -34.63
CA LEU F 194 -43.77 8.89 -33.39
C LEU F 194 -45.01 8.04 -33.66
N SER F 195 -45.20 7.01 -32.85
CA SER F 195 -46.40 6.19 -32.87
C SER F 195 -46.99 6.15 -31.47
N SER F 196 -48.33 5.98 -31.41
CA SER F 196 -49.03 5.93 -30.14
C SER F 196 -50.29 5.09 -30.33
N VAL F 197 -50.25 3.84 -29.89
CA VAL F 197 -51.35 2.91 -30.07
C VAL F 197 -52.11 2.75 -28.76
N VAL F 198 -53.40 2.41 -28.87
CA VAL F 198 -54.27 2.13 -27.74
C VAL F 198 -55.01 0.84 -28.03
N THR F 199 -54.93 -0.12 -27.11
CA THR F 199 -55.63 -1.38 -27.25
C THR F 199 -57.08 -1.23 -26.79
N VAL F 200 -58.03 -1.44 -27.69
CA VAL F 200 -59.45 -1.33 -27.38
C VAL F 200 -60.11 -2.64 -27.77
N PRO F 201 -61.27 -2.95 -27.17
CA PRO F 201 -62.03 -4.12 -27.64
C PRO F 201 -62.58 -3.93 -29.04
N SER F 202 -62.74 -5.07 -29.74
CA SER F 202 -63.15 -5.04 -31.14
C SER F 202 -64.63 -4.71 -31.31
N SER F 203 -65.45 -4.89 -30.28
CA SER F 203 -66.87 -4.61 -30.38
C SER F 203 -67.19 -3.11 -30.34
N SER F 204 -66.21 -2.27 -29.97
CA SER F 204 -66.41 -0.84 -29.89
C SER F 204 -65.97 -0.11 -31.16
N LEU F 205 -65.88 -0.81 -32.29
CA LEU F 205 -65.46 -0.17 -33.53
C LEU F 205 -66.59 0.60 -34.19
N GLY F 206 -67.83 0.13 -34.06
CA GLY F 206 -68.95 0.78 -34.70
C GLY F 206 -69.60 1.84 -33.84
N THR F 207 -69.41 1.76 -32.53
CA THR F 207 -70.03 2.69 -31.58
C THR F 207 -69.05 3.71 -31.03
N GLN F 208 -67.93 3.27 -30.47
CA GLN F 208 -66.97 4.17 -29.85
C GLN F 208 -66.02 4.72 -30.89
N THR F 209 -65.82 6.04 -30.87
CA THR F 209 -64.93 6.72 -31.80
C THR F 209 -63.79 7.35 -31.03
N TYR F 210 -62.63 7.44 -31.70
CA TYR F 210 -61.42 7.99 -31.10
C TYR F 210 -60.84 9.05 -32.01
N ILE F 211 -60.33 10.13 -31.41
CA ILE F 211 -59.70 11.23 -32.13
C ILE F 211 -58.40 11.54 -31.43
N CYS F 212 -57.27 11.32 -32.10
CA CYS F 212 -55.97 11.64 -31.55
C CYS F 212 -55.74 13.15 -31.60
N ASN F 213 -55.19 13.69 -30.52
CA ASN F 213 -54.89 15.12 -30.42
C ASN F 213 -53.37 15.28 -30.34
N VAL F 214 -52.78 15.81 -31.40
CA VAL F 214 -51.33 16.00 -31.49
C VAL F 214 -51.02 17.43 -31.05
N ASN F 215 -50.30 17.55 -29.94
CA ASN F 215 -49.90 18.84 -29.40
C ASN F 215 -48.39 19.00 -29.53
N HIS F 216 -47.97 20.04 -30.25
CA HIS F 216 -46.55 20.31 -30.46
C HIS F 216 -46.29 21.75 -30.03
N LYS F 217 -45.73 21.92 -28.84
CA LYS F 217 -45.56 23.23 -28.21
C LYS F 217 -44.52 24.15 -28.87
N PRO F 218 -43.31 23.73 -29.26
CA PRO F 218 -42.40 24.69 -29.93
C PRO F 218 -42.73 24.97 -31.38
N SER F 219 -43.79 24.37 -31.94
CA SER F 219 -44.23 24.70 -33.29
C SER F 219 -45.63 25.25 -33.36
N ASN F 220 -46.35 25.31 -32.22
CA ASN F 220 -47.72 25.83 -32.11
C ASN F 220 -48.68 25.08 -33.04
N THR F 221 -48.49 23.77 -33.14
CA THR F 221 -49.33 22.91 -33.97
C THR F 221 -50.19 22.05 -33.06
N LYS F 222 -51.50 22.31 -33.06
CA LYS F 222 -52.47 21.52 -32.31
C LYS F 222 -53.49 20.99 -33.32
N VAL F 223 -53.16 19.85 -33.93
CA VAL F 223 -53.99 19.25 -34.97
C VAL F 223 -54.64 18.00 -34.40
N ASP F 224 -55.90 17.77 -34.78
CA ASP F 224 -56.64 16.57 -34.40
C ASP F 224 -56.82 15.66 -35.61
N LYS F 225 -56.88 14.36 -35.36
CA LYS F 225 -57.03 13.38 -36.43
C LYS F 225 -58.00 12.30 -35.97
N LYS F 226 -59.16 12.23 -36.62
CA LYS F 226 -60.17 11.23 -36.30
C LYS F 226 -59.84 9.93 -37.01
N VAL F 227 -59.45 8.91 -36.25
CA VAL F 227 -59.21 7.59 -36.82
C VAL F 227 -60.55 6.90 -37.08
N GLU F 228 -60.68 6.28 -38.25
CA GLU F 228 -61.94 5.67 -38.67
C GLU F 228 -61.67 4.27 -39.19
N PRO F 229 -62.42 3.27 -38.70
CA PRO F 229 -62.33 1.93 -39.31
C PRO F 229 -62.92 1.90 -40.70
N LYS F 230 -62.06 1.77 -41.71
CA LYS F 230 -62.50 1.82 -43.11
C LYS F 230 -61.64 0.89 -43.93
N SER F 231 -62.28 0.10 -44.79
CA SER F 231 -61.56 -0.82 -45.67
C SER F 231 -61.00 -0.09 -46.88
N GLN G 39 -25.72 -30.44 -40.15
CA GLN G 39 -26.84 -31.22 -39.64
C GLN G 39 -26.84 -31.22 -38.12
N VAL G 40 -28.01 -30.98 -37.53
CA VAL G 40 -28.19 -30.95 -36.09
C VAL G 40 -29.14 -32.06 -35.67
N GLN G 41 -28.87 -32.66 -34.51
CA GLN G 41 -29.67 -33.74 -33.97
C GLN G 41 -30.33 -33.26 -32.68
N LEU G 42 -31.42 -33.90 -32.30
CA LEU G 42 -32.14 -33.53 -31.08
C LEU G 42 -32.84 -34.76 -30.53
N GLN G 43 -32.79 -34.93 -29.21
CA GLN G 43 -33.34 -36.12 -28.57
C GLN G 43 -33.89 -35.77 -27.20
N GLU G 44 -35.13 -36.18 -26.95
CA GLU G 44 -35.73 -36.07 -25.63
C GLU G 44 -35.69 -37.40 -24.90
N SER G 45 -35.96 -37.35 -23.60
CA SER G 45 -36.06 -38.55 -22.78
C SER G 45 -36.96 -38.25 -21.59
N GLY G 46 -37.45 -39.32 -20.96
CA GLY G 46 -38.33 -39.19 -19.82
C GLY G 46 -39.77 -39.00 -20.23
N GLY G 47 -40.63 -38.95 -19.21
CA GLY G 47 -42.06 -38.77 -19.45
C GLY G 47 -42.77 -40.09 -19.69
N GLY G 48 -44.02 -40.15 -19.25
CA GLY G 48 -44.81 -41.34 -19.43
C GLY G 48 -46.09 -41.28 -18.61
N LEU G 49 -46.61 -42.46 -18.29
CA LEU G 49 -47.85 -42.59 -17.51
C LEU G 49 -47.52 -42.36 -16.05
N VAL G 50 -47.65 -41.11 -15.60
CA VAL G 50 -47.34 -40.74 -14.23
C VAL G 50 -48.62 -40.27 -13.53
N GLN G 51 -48.59 -40.33 -12.21
CA GLN G 51 -49.73 -39.93 -11.39
C GLN G 51 -49.79 -38.40 -11.31
N PRO G 52 -50.98 -37.82 -11.31
CA PRO G 52 -51.09 -36.37 -11.19
C PRO G 52 -50.80 -35.89 -9.77
N GLY G 53 -50.21 -34.69 -9.70
CA GLY G 53 -49.83 -34.11 -8.43
C GLY G 53 -48.43 -34.47 -7.96
N GLY G 54 -47.79 -35.46 -8.58
CA GLY G 54 -46.45 -35.87 -8.21
C GLY G 54 -45.39 -35.03 -8.88
N SER G 55 -44.27 -35.69 -9.22
CA SER G 55 -43.15 -35.02 -9.84
C SER G 55 -42.63 -35.87 -11.01
N LEU G 56 -42.09 -35.20 -12.02
CA LEU G 56 -41.55 -35.86 -13.19
C LEU G 56 -40.46 -34.99 -13.79
N ARG G 57 -39.40 -35.63 -14.26
CA ARG G 57 -38.26 -34.92 -14.85
C ARG G 57 -38.17 -35.23 -16.34
N LEU G 58 -37.82 -34.21 -17.12
CA LEU G 58 -37.59 -34.35 -18.54
C LEU G 58 -36.18 -33.90 -18.90
N SER G 59 -35.64 -34.44 -19.98
CA SER G 59 -34.30 -34.11 -20.44
C SER G 59 -34.32 -33.89 -21.95
N CYS G 60 -33.39 -33.06 -22.40
CA CYS G 60 -33.24 -32.74 -23.82
C CYS G 60 -31.79 -32.37 -24.07
N ALA G 61 -31.25 -32.83 -25.20
CA ALA G 61 -29.82 -32.67 -25.46
C ALA G 61 -29.56 -32.62 -26.95
N ALA G 62 -28.42 -32.03 -27.30
CA ALA G 62 -27.97 -31.94 -28.68
C ALA G 62 -26.45 -31.93 -28.67
N SER G 63 -25.87 -32.19 -29.84
CA SER G 63 -24.42 -32.26 -29.97
C SER G 63 -24.01 -31.85 -31.38
N GLY G 64 -22.71 -31.88 -31.64
CA GLY G 64 -22.17 -31.52 -32.93
C GLY G 64 -21.95 -30.04 -33.16
N ARG G 65 -22.28 -29.19 -32.18
CA ARG G 65 -22.17 -27.75 -32.34
C ARG G 65 -22.08 -27.11 -30.96
N THR G 66 -21.73 -25.81 -30.95
CA THR G 66 -21.56 -25.07 -29.70
C THR G 66 -22.91 -24.86 -29.02
N ILE G 67 -22.94 -25.08 -27.71
CA ILE G 67 -24.18 -25.07 -26.96
C ILE G 67 -24.21 -23.97 -25.89
N SER G 68 -23.07 -23.42 -25.47
CA SER G 68 -23.05 -22.41 -24.43
C SER G 68 -23.60 -21.07 -24.92
N ARG G 69 -23.43 -20.76 -26.20
CA ARG G 69 -23.86 -19.49 -26.75
C ARG G 69 -25.28 -19.51 -27.29
N TYR G 70 -25.97 -20.64 -27.20
CA TYR G 70 -27.36 -20.75 -27.64
C TYR G 70 -28.25 -21.17 -26.49
N ALA G 71 -29.53 -20.82 -26.60
CA ALA G 71 -30.51 -21.04 -25.54
C ALA G 71 -31.49 -22.15 -25.92
N MET G 72 -32.02 -22.80 -24.89
CA MET G 72 -32.97 -23.91 -25.05
C MET G 72 -34.33 -23.49 -24.50
N SER G 73 -35.39 -24.09 -25.05
CA SER G 73 -36.74 -23.73 -24.65
C SER G 73 -37.65 -24.96 -24.69
N TRP G 74 -38.79 -24.86 -24.01
CA TRP G 74 -39.77 -25.93 -23.92
C TRP G 74 -41.13 -25.44 -24.40
N PHE G 75 -41.81 -26.27 -25.19
CA PHE G 75 -43.13 -25.95 -25.71
C PHE G 75 -44.13 -27.04 -25.37
N ARG G 76 -45.41 -26.65 -25.38
CA ARG G 76 -46.52 -27.55 -25.11
C ARG G 76 -47.53 -27.45 -26.25
N GLN G 77 -48.13 -28.59 -26.61
CA GLN G 77 -49.19 -28.64 -27.61
C GLN G 77 -50.31 -29.52 -27.05
N ALA G 78 -51.37 -28.89 -26.55
CA ALA G 78 -52.49 -29.63 -26.00
C ALA G 78 -53.41 -30.14 -27.11
N PRO G 79 -54.03 -31.31 -26.91
CA PRO G 79 -55.03 -31.79 -27.88
C PRO G 79 -56.26 -30.88 -27.90
N GLY G 80 -56.62 -30.43 -29.09
CA GLY G 80 -57.68 -29.45 -29.25
C GLY G 80 -57.25 -28.02 -29.06
N LYS G 81 -55.94 -27.76 -28.87
CA LYS G 81 -55.40 -26.43 -28.69
C LYS G 81 -54.17 -26.26 -29.56
N GLU G 82 -53.75 -25.00 -29.73
CA GLU G 82 -52.56 -24.69 -30.50
C GLU G 82 -51.30 -24.91 -29.66
N ARG G 83 -50.14 -24.70 -30.29
CA ARG G 83 -48.87 -24.79 -29.58
C ARG G 83 -48.71 -23.66 -28.59
N GLU G 84 -48.17 -23.98 -27.41
CA GLU G 84 -48.06 -23.04 -26.31
C GLU G 84 -46.65 -23.11 -25.76
N PHE G 85 -46.26 -22.10 -24.98
CA PHE G 85 -44.92 -21.96 -24.44
C PHE G 85 -44.90 -22.37 -22.97
N VAL G 86 -43.76 -22.94 -22.55
CA VAL G 86 -43.62 -23.41 -21.18
C VAL G 86 -42.50 -22.67 -20.46
N ALA G 87 -41.27 -22.82 -20.95
CA ALA G 87 -40.11 -22.31 -20.23
C ALA G 87 -38.95 -22.11 -21.19
N VAL G 88 -38.00 -21.28 -20.78
CA VAL G 88 -36.78 -21.02 -21.53
C VAL G 88 -35.65 -20.87 -20.53
N ALA G 89 -34.44 -21.13 -20.99
CA ALA G 89 -33.23 -20.97 -20.18
C ALA G 89 -32.18 -20.26 -21.01
N ARG G 90 -31.53 -19.27 -20.43
CA ARG G 90 -30.58 -18.42 -21.16
C ARG G 90 -29.23 -19.13 -21.28
N ARG G 91 -28.23 -18.37 -21.71
CA ARG G 91 -26.90 -18.94 -22.02
C ARG G 91 -26.19 -19.42 -20.75
N SER G 92 -25.93 -18.52 -19.81
CA SER G 92 -25.13 -18.84 -18.63
C SER G 92 -25.92 -18.60 -17.35
N GLY G 93 -27.23 -18.72 -17.40
CA GLY G 93 -28.05 -18.55 -16.21
C GLY G 93 -28.54 -17.14 -15.98
N ASP G 94 -28.57 -16.30 -17.02
CA ASP G 94 -29.01 -14.92 -16.86
C ASP G 94 -30.49 -14.82 -16.53
N GLY G 95 -31.32 -15.65 -17.18
CA GLY G 95 -32.74 -15.58 -16.96
C GLY G 95 -33.45 -16.92 -17.00
N ALA G 96 -34.35 -17.14 -16.05
CA ALA G 96 -35.21 -18.31 -16.03
C ALA G 96 -36.65 -17.81 -16.13
N PHE G 97 -37.28 -18.06 -17.28
CA PHE G 97 -38.59 -17.49 -17.58
C PHE G 97 -39.59 -18.62 -17.80
N TYR G 98 -40.85 -18.33 -17.47
CA TYR G 98 -41.92 -19.33 -17.54
C TYR G 98 -43.15 -18.67 -18.13
N ALA G 99 -44.23 -19.45 -18.22
CA ALA G 99 -45.52 -18.95 -18.66
C ALA G 99 -46.40 -18.60 -17.45
N ASP G 100 -47.59 -18.08 -17.75
CA ASP G 100 -48.50 -17.64 -16.70
C ASP G 100 -49.02 -18.80 -15.85
N SER G 101 -49.23 -19.97 -16.48
CA SER G 101 -49.77 -21.12 -15.76
C SER G 101 -48.70 -21.98 -15.09
N VAL G 102 -47.43 -21.85 -15.50
CA VAL G 102 -46.37 -22.74 -15.03
C VAL G 102 -45.28 -21.96 -14.30
N GLN G 103 -45.58 -20.74 -13.84
CA GLN G 103 -44.59 -19.91 -13.19
C GLN G 103 -44.19 -20.46 -11.83
N GLY G 104 -45.15 -20.90 -11.03
CA GLY G 104 -44.85 -21.39 -9.70
C GLY G 104 -44.93 -22.89 -9.57
N ARG G 105 -44.84 -23.61 -10.68
CA ARG G 105 -44.92 -25.06 -10.63
C ARG G 105 -43.74 -25.76 -11.28
N PHE G 106 -43.24 -25.25 -12.40
CA PHE G 106 -42.16 -25.91 -13.13
C PHE G 106 -40.83 -25.24 -12.84
N THR G 107 -39.75 -26.03 -12.93
CA THR G 107 -38.40 -25.54 -12.71
C THR G 107 -37.50 -26.06 -13.83
N VAL G 108 -36.92 -25.14 -14.59
CA VAL G 108 -36.06 -25.48 -15.72
C VAL G 108 -34.60 -25.31 -15.29
N SER G 109 -33.74 -26.17 -15.82
CA SER G 109 -32.31 -26.10 -15.55
C SER G 109 -31.55 -26.55 -16.79
N ARG G 110 -30.24 -26.30 -16.80
CA ARG G 110 -29.40 -26.72 -17.90
C ARG G 110 -28.02 -27.11 -17.37
N ASP G 111 -27.31 -27.92 -18.15
CA ASP G 111 -25.99 -28.39 -17.81
C ASP G 111 -25.01 -28.10 -18.94
N ASP G 112 -23.79 -27.73 -18.57
CA ASP G 112 -22.76 -27.36 -19.55
C ASP G 112 -21.78 -28.50 -19.83
N ALA G 113 -21.68 -29.48 -18.93
CA ALA G 113 -20.71 -30.56 -19.09
C ALA G 113 -21.28 -31.75 -19.85
N LYS G 114 -22.51 -32.15 -19.54
CA LYS G 114 -23.17 -33.25 -20.26
C LYS G 114 -24.02 -32.76 -21.42
N ASN G 115 -24.09 -31.44 -21.63
CA ASN G 115 -24.81 -30.79 -22.73
C ASN G 115 -26.30 -31.11 -22.71
N THR G 116 -26.87 -31.26 -21.52
CA THR G 116 -28.28 -31.56 -21.34
C THR G 116 -28.97 -30.42 -20.61
N VAL G 117 -30.30 -30.39 -20.72
CA VAL G 117 -31.14 -29.52 -19.93
C VAL G 117 -32.08 -30.39 -19.11
N TYR G 118 -32.70 -29.77 -18.09
CA TYR G 118 -33.60 -30.50 -17.21
C TYR G 118 -34.82 -29.63 -16.92
N LEU G 119 -35.97 -30.30 -16.78
CA LEU G 119 -37.22 -29.64 -16.42
C LEU G 119 -37.80 -30.36 -15.21
N GLN G 120 -37.77 -29.70 -14.06
CA GLN G 120 -38.31 -30.27 -12.82
C GLN G 120 -39.77 -29.85 -12.71
N MET G 121 -40.66 -30.78 -13.04
CA MET G 121 -42.10 -30.51 -13.01
C MET G 121 -42.66 -30.89 -11.64
N ASN G 122 -43.20 -29.90 -10.94
CA ASN G 122 -43.81 -30.10 -9.63
C ASN G 122 -45.26 -29.67 -9.67
N SER G 123 -46.09 -30.36 -8.88
CA SER G 123 -47.52 -30.11 -8.73
C SER G 123 -48.25 -30.20 -10.07
N LEU G 124 -48.17 -31.38 -10.68
CA LEU G 124 -48.80 -31.62 -11.98
C LEU G 124 -50.32 -31.66 -11.85
N LYS G 125 -50.99 -31.39 -12.96
CA LYS G 125 -52.44 -31.37 -13.01
C LYS G 125 -52.94 -32.47 -13.95
N PRO G 126 -54.15 -33.01 -13.70
CA PRO G 126 -54.71 -33.99 -14.64
C PRO G 126 -55.11 -33.39 -15.99
N GLU G 127 -55.33 -32.08 -16.06
CA GLU G 127 -55.75 -31.43 -17.30
C GLU G 127 -54.59 -30.93 -18.14
N ASP G 128 -53.35 -31.03 -17.65
CA ASP G 128 -52.19 -30.56 -18.38
C ASP G 128 -51.50 -31.67 -19.17
N THR G 129 -52.23 -32.73 -19.52
CA THR G 129 -51.67 -33.80 -20.34
C THR G 129 -51.56 -33.35 -21.79
N ALA G 130 -50.34 -33.40 -22.32
CA ALA G 130 -50.05 -32.95 -23.68
C ALA G 130 -48.71 -33.50 -24.11
N VAL G 131 -48.40 -33.30 -25.38
CA VAL G 131 -47.07 -33.60 -25.92
C VAL G 131 -46.15 -32.41 -25.64
N TYR G 132 -44.97 -32.70 -25.10
CA TYR G 132 -44.01 -31.68 -24.70
C TYR G 132 -42.84 -31.67 -25.68
N TYR G 133 -42.51 -30.48 -26.18
CA TYR G 133 -41.50 -30.33 -27.23
C TYR G 133 -40.27 -29.61 -26.69
N CYS G 134 -39.13 -29.91 -27.32
CA CYS G 134 -37.88 -29.20 -27.12
C CYS G 134 -37.54 -28.43 -28.39
N ALA G 135 -36.70 -27.41 -28.26
CA ALA G 135 -36.48 -26.52 -29.39
C ALA G 135 -35.05 -26.02 -29.41
N ILE G 136 -34.66 -25.48 -30.56
CA ILE G 136 -33.30 -25.02 -30.82
C ILE G 136 -33.38 -23.56 -31.26
N ASP G 137 -32.72 -22.68 -30.50
CA ASP G 137 -32.62 -21.27 -30.87
C ASP G 137 -31.42 -21.09 -31.79
N SER G 138 -31.65 -20.61 -33.00
CA SER G 138 -30.61 -20.47 -34.00
C SER G 138 -30.06 -19.06 -34.11
N ASP G 139 -30.35 -18.20 -33.14
CA ASP G 139 -29.88 -16.82 -33.18
C ASP G 139 -28.49 -16.76 -32.54
N THR G 140 -27.53 -16.23 -33.28
CA THR G 140 -26.13 -16.24 -32.89
C THR G 140 -25.71 -14.84 -32.45
N PHE G 141 -25.09 -14.75 -31.26
CA PHE G 141 -24.64 -13.53 -30.59
C PHE G 141 -25.78 -12.57 -30.25
N TYR G 142 -27.03 -13.04 -30.27
CA TYR G 142 -28.18 -12.22 -29.88
C TYR G 142 -29.11 -13.07 -29.04
N SER G 143 -29.79 -12.42 -28.09
CA SER G 143 -30.68 -13.11 -27.18
C SER G 143 -32.07 -13.36 -27.75
N GLY G 144 -32.28 -13.10 -29.04
CA GLY G 144 -33.50 -13.48 -29.70
C GLY G 144 -33.57 -14.97 -29.97
N SER G 145 -34.66 -15.38 -30.63
CA SER G 145 -34.91 -16.79 -30.85
C SER G 145 -35.59 -17.02 -32.20
N TYR G 146 -35.17 -18.08 -32.87
CA TYR G 146 -35.88 -18.65 -34.01
C TYR G 146 -36.18 -20.10 -33.66
N ASP G 147 -37.46 -20.41 -33.46
CA ASP G 147 -37.85 -21.67 -32.83
C ASP G 147 -38.15 -22.74 -33.88
N TYR G 148 -37.59 -23.92 -33.66
CA TYR G 148 -37.89 -25.11 -34.46
C TYR G 148 -37.82 -26.32 -33.53
N TRP G 149 -38.77 -27.22 -33.68
CA TRP G 149 -38.91 -28.37 -32.79
C TRP G 149 -38.45 -29.64 -33.49
N GLY G 150 -37.54 -30.36 -32.86
CA GLY G 150 -37.02 -31.60 -33.43
C GLY G 150 -37.84 -32.82 -33.10
N GLN G 151 -38.16 -33.02 -31.83
CA GLN G 151 -38.83 -34.24 -31.37
C GLN G 151 -39.60 -33.93 -30.10
N GLY G 152 -40.75 -34.57 -29.96
CA GLY G 152 -41.57 -34.44 -28.76
C GLY G 152 -42.02 -35.78 -28.25
N THR G 153 -42.06 -35.90 -26.92
CA THR G 153 -42.52 -37.10 -26.26
C THR G 153 -43.91 -36.88 -25.67
N GLN G 154 -44.60 -37.99 -25.39
CA GLN G 154 -45.99 -37.97 -24.98
C GLN G 154 -46.07 -38.19 -23.46
N VAL G 155 -46.26 -37.10 -22.72
CA VAL G 155 -46.42 -37.15 -21.27
C VAL G 155 -47.93 -37.17 -21.00
N THR G 156 -48.45 -38.35 -20.69
CA THR G 156 -49.88 -38.53 -20.43
C THR G 156 -50.07 -38.87 -18.95
N VAL G 157 -50.65 -37.93 -18.20
CA VAL G 157 -50.93 -38.14 -16.80
C VAL G 157 -52.27 -38.86 -16.66
N SER G 158 -52.47 -39.50 -15.51
CA SER G 158 -53.72 -40.19 -15.23
C SER G 158 -54.68 -39.33 -14.42
C1 GLC H . -8.54 -23.53 21.39
C2 GLC H . -8.04 -23.82 22.82
C3 GLC H . -7.10 -22.73 23.37
C4 GLC H . -6.28 -21.93 22.33
C5 GLC H . -6.92 -21.93 20.92
C6 GLC H . -5.87 -21.50 19.90
O1 GLC H . -9.46 -22.44 21.41
O2 GLC H . -9.17 -23.94 23.69
O3 GLC H . -6.21 -23.40 24.27
O4 GLC H . -6.21 -20.55 22.71
O5 GLC H . -7.41 -23.23 20.58
O6 GLC H . -5.44 -22.65 19.15
C1 GLC H . -5.15 -20.37 23.67
C2 GLC H . -5.46 -19.15 24.53
C3 GLC H . -5.45 -17.90 23.64
C4 GLC H . -4.09 -17.78 22.95
C5 GLC H . -3.82 -19.07 22.17
C6 GLC H . -2.41 -19.00 21.59
O2 GLC H . -6.75 -19.30 25.14
O3 GLC H . -5.72 -16.74 24.42
O4 GLC H . -4.09 -16.66 22.07
O5 GLC H . -3.88 -20.21 23.01
O6 GLC H . -1.47 -19.03 22.66
C1 TAK I . 7.96 22.07 27.70
C2 TAK I . 8.26 23.28 28.57
C3 TAK I . 8.03 24.59 27.81
C4 TAK I . 6.64 24.64 27.18
C5 TAK I . 6.36 23.39 26.33
N1 TAK I . 6.63 22.13 27.05
C6 TAK I . 5.56 21.82 28.00
C7 TAK I . 4.40 21.14 27.26
O1 TAK I . 4.55 19.73 27.34
C8 TAK I . 4.34 19.02 26.21
C9 TAK I . 5.26 19.06 25.17
C10 TAK I . 5.04 18.34 24.02
C11 TAK I . 3.20 18.23 26.10
C12 TAK I . 2.97 17.49 24.95
C13 TAK I . 3.90 17.56 23.90
C14 TAK I . 3.65 16.77 22.66
C15 TAK I . 4.67 16.57 21.77
C16 TAK I . 2.38 16.23 22.39
N2 TAK I . 2.19 15.54 21.29
C17 TAK I . 3.18 15.33 20.41
N3 TAK I . 4.43 15.85 20.64
N4 TAK I . 5.25 15.48 19.57
C18 TAK I . 4.55 14.78 18.72
C19 TAK I . 3.25 14.65 19.19
C20 TAK I . 2.14 13.94 18.51
C21 TAK I . 2.33 12.67 17.96
C22 TAK I . 1.27 12.05 17.33
N5 TAK I . 0.09 12.64 17.24
C23 TAK I . -0.13 13.85 17.75
C24 TAK I . 0.87 14.54 18.39
PG ATP J . 46.02 -1.53 8.77
O1G ATP J . 46.39 -2.65 7.83
O2G ATP J . 45.66 -0.24 8.08
O3G ATP J . 46.94 -1.37 9.95
PB ATP J . 44.48 -3.47 10.08
O1B ATP J . 44.40 -4.48 8.96
O2B ATP J . 45.53 -3.61 11.15
O3B ATP J . 44.62 -2.01 9.42
PA ATP J . 42.49 -4.61 11.71
O1A ATP J . 43.48 -4.87 12.82
O2A ATP J . 41.05 -4.34 12.05
O3A ATP J . 43.03 -3.40 10.81
O5' ATP J . 42.52 -5.89 10.74
C5' ATP J . 41.58 -6.02 9.67
C4' ATP J . 40.82 -7.32 9.83
O4' ATP J . 41.64 -8.26 10.55
C3' ATP J . 39.55 -7.11 10.64
O3' ATP J . 38.40 -7.33 9.82
C2' ATP J . 39.60 -8.13 11.76
O2' ATP J . 38.43 -8.97 11.70
C1' ATP J . 40.84 -8.95 11.52
N9 ATP J . 41.60 -9.11 12.79
C8 ATP J . 42.35 -8.16 13.38
N7 ATP J . 42.91 -8.62 14.53
C5 ATP J . 42.50 -9.89 14.71
C6 ATP J . 42.71 -10.95 15.70
N6 ATP J . 43.49 -10.74 16.79
N1 ATP J . 42.09 -12.14 15.50
C2 ATP J . 41.31 -12.36 14.43
N3 ATP J . 41.08 -11.44 13.48
C4 ATP J . 41.63 -10.21 13.55
PB ADP K . 42.87 5.23 13.21
O1B ADP K . 41.41 5.15 13.59
O2B ADP K . 43.76 4.26 13.95
O3B ADP K . 43.13 5.31 11.73
PA ADP K . 43.56 6.92 15.34
O1A ADP K . 42.37 6.38 16.09
O2A ADP K . 44.95 6.44 15.73
O3A ADP K . 43.34 6.67 13.77
O5' ADP K . 43.53 8.52 15.45
C5' ADP K . 42.51 9.23 14.76
C4' ADP K . 42.39 10.65 15.30
O4' ADP K . 43.70 11.15 15.56
C3' ADP K . 41.73 11.57 14.28
O3' ADP K . 40.53 12.13 14.83
C2' ADP K . 42.74 12.67 14.00
O2' ADP K . 42.17 13.94 14.33
C1' ADP K . 43.93 12.39 14.89
N9 ADP K . 45.14 12.23 14.04
C8 ADP K . 45.41 11.18 13.26
N7 ADP K . 46.58 11.33 12.61
C5 ADP K . 47.10 12.51 12.99
C6 ADP K . 48.31 13.30 12.70
N6 ADP K . 49.25 12.84 11.84
N1 ADP K . 48.46 14.50 13.32
C2 ADP K . 47.54 14.97 14.18
N3 ADP K . 46.40 14.31 14.49
C4 ADP K . 46.13 13.10 13.94
P AMP L . 45.83 0.37 20.15
O1P AMP L . 44.46 0.75 20.66
O2P AMP L . 45.85 -0.88 19.31
O3P AMP L . 46.62 1.52 19.57
O5' AMP L . 46.63 -0.02 21.47
C5' AMP L . 46.92 0.95 22.46
C4' AMP L . 46.65 0.43 23.86
O4' AMP L . 45.24 0.12 23.99
C3' AMP L . 47.42 -0.84 24.25
O3' AMP L . 47.84 -0.73 25.61
C2' AMP L . 46.35 -1.94 24.13
O2' AMP L . 46.56 -3.06 24.97
C1' AMP L . 45.08 -1.19 24.51
N9 AMP L . 43.86 -1.75 23.94
C8 AMP L . 43.61 -1.96 22.63
N7 AMP L . 42.39 -2.52 22.45
C5 AMP L . 41.83 -2.68 23.67
C6 AMP L . 40.55 -3.21 24.19
N6 AMP L . 39.59 -3.70 23.35
N1 AMP L . 40.37 -3.19 25.53
C2 AMP L . 41.30 -2.72 26.37
N3 AMP L . 42.49 -2.23 25.96
C4 AMP L . 42.81 -2.19 24.64
#